data_7E9E
# 
_entry.id   7E9E 
# 
_audit_conform.dict_name       mmcif_pdbx.dic 
_audit_conform.dict_version    5.380 
_audit_conform.dict_location   http://mmcif.pdb.org/dictionaries/ascii/mmcif_pdbx.dic 
# 
loop_
_database_2.database_id 
_database_2.database_code 
_database_2.pdbx_database_accession 
_database_2.pdbx_DOI 
PDB   7E9E         pdb_00007e9e 10.2210/pdb7e9e/pdb 
WWPDB D_1300021019 ?            ?                   
# 
_pdbx_database_status.status_code                     REL 
_pdbx_database_status.status_code_sf                  REL 
_pdbx_database_status.status_code_mr                  ? 
_pdbx_database_status.entry_id                        7E9E 
_pdbx_database_status.recvd_initial_deposition_date   2021-03-04 
_pdbx_database_status.SG_entry                        N 
_pdbx_database_status.deposit_site                    PDBJ 
_pdbx_database_status.process_site                    PDBJ 
_pdbx_database_status.status_code_cs                  ? 
_pdbx_database_status.status_code_nmr_data            ? 
_pdbx_database_status.methods_development_category    ? 
_pdbx_database_status.pdb_format_compatible           Y 
# 
loop_
_audit_author.name 
_audit_author.pdbx_ordinal 
_audit_author.identifier_ORCID 
'Numata, T.'        1 ? 
'Schneekloth, J.S.' 2 ? 
# 
_citation.abstract                  ? 
_citation.abstract_id_CAS           ? 
_citation.book_id_ISBN              ? 
_citation.book_publisher            ? 
_citation.book_publisher_city       ? 
_citation.book_title                ? 
_citation.coordinate_linkage        ? 
_citation.country                   UK 
_citation.database_id_Medline       ? 
_citation.details                   ? 
_citation.id                        primary 
_citation.journal_abbrev            'Nat Commun' 
_citation.journal_id_ASTM           ? 
_citation.journal_id_CSD            ? 
_citation.journal_id_ISSN           2041-1723 
_citation.journal_full              ? 
_citation.journal_issue             ? 
_citation.journal_volume            12 
_citation.language                  ? 
_citation.page_first                5856 
_citation.page_last                 5856 
_citation.title                     
'A chemical probe based on the PreQ 1 metabolite enables transcriptome-wide mapping of binding sites.' 
_citation.year                      2021 
_citation.database_id_CSD           ? 
_citation.pdbx_database_id_DOI      10.1038/s41467-021-25973-x 
_citation.pdbx_database_id_PubMed   34615874 
_citation.pdbx_database_id_patent   ? 
_citation.unpublished_flag          ? 
# 
loop_
_citation_author.citation_id 
_citation_author.name 
_citation_author.ordinal 
_citation_author.identifier_ORCID 
primary 'Balaratnam, S.'        1  ?                   
primary 'Rhodes, C.'            2  ?                   
primary 'Bume, D.D.'            3  ?                   
primary 'Connelly, C.'          4  0000-0003-1671-3243 
primary 'Lai, C.C.'             5  ?                   
primary 'Kelley, J.A.'          6  ?                   
primary 'Yazdani, K.'           7  ?                   
primary 'Homan, P.J.'           8  ?                   
primary 'Incarnato, D.'         9  0000-0003-3944-2327 
primary 'Numata, T.'            10 ?                   
primary 'Schneekloth Jr., J.S.' 11 0000-0001-7459-783X 
# 
_cell.angle_alpha                  90.000 
_cell.angle_alpha_esd              ? 
_cell.angle_beta                   90.000 
_cell.angle_beta_esd               ? 
_cell.angle_gamma                  120.000 
_cell.angle_gamma_esd              ? 
_cell.entry_id                     7E9E 
_cell.details                      ? 
_cell.formula_units_Z              ? 
_cell.length_a                     52.691 
_cell.length_a_esd                 ? 
_cell.length_b                     52.691 
_cell.length_b_esd                 ? 
_cell.length_c                     176.999 
_cell.length_c_esd                 ? 
_cell.volume                       425573.254 
_cell.volume_esd                   ? 
_cell.Z_PDB                        12 
_cell.reciprocal_angle_alpha       ? 
_cell.reciprocal_angle_beta        ? 
_cell.reciprocal_angle_gamma       ? 
_cell.reciprocal_angle_alpha_esd   ? 
_cell.reciprocal_angle_beta_esd    ? 
_cell.reciprocal_angle_gamma_esd   ? 
_cell.reciprocal_length_a          ? 
_cell.reciprocal_length_b          ? 
_cell.reciprocal_length_c          ? 
_cell.reciprocal_length_a_esd      ? 
_cell.reciprocal_length_b_esd      ? 
_cell.reciprocal_length_c_esd      ? 
_cell.pdbx_unique_axis             ? 
# 
_symmetry.entry_id                         7E9E 
_symmetry.cell_setting                     ? 
_symmetry.Int_Tables_number                178 
_symmetry.space_group_name_Hall            'P 61 2 (x,y,z+5/12)' 
_symmetry.space_group_name_H-M             'P 61 2 2' 
_symmetry.pdbx_full_space_group_name_H-M   ? 
# 
loop_
_entity.id 
_entity.type 
_entity.src_method 
_entity.pdbx_description 
_entity.formula_weight 
_entity.pdbx_number_of_molecules 
_entity.pdbx_ec 
_entity.pdbx_mutation 
_entity.pdbx_fragment 
_entity.details 
1 polymer     syn '33-mer RNA'                                                                                                 
10333.194 1  ? ? ? ? 
2 non-polymer syn '2-azanyl-5-[[2-(3-but-3-ynyl-1,2-diazirin-3-yl)ethylamino]methyl]-1,7-dihydropyrrolo[2,3-d]pyrimidin-4-one' 
299.331   1  ? ? ? ? 
3 non-polymer syn 'SULFATE ION'                                                                                                
96.063    2  ? ? ? ? 
4 non-polymer syn 'MAGNESIUM ION'                                                                                              
24.305    3  ? ? ? ? 
5 water       nat water                                                                                                        
18.015    86 ? ? ? ? 
# 
_entity_poly.entity_id                      1 
_entity_poly.type                           polyribonucleotide 
_entity_poly.nstd_linkage                   no 
_entity_poly.nstd_monomer                   no 
_entity_poly.pdbx_seq_one_letter_code       'CUGGGUCGCAGU(N)(N)CCCCAGUUAACAAAACAAG' 
_entity_poly.pdbx_seq_one_letter_code_can   CUGGGUCGCAGUNNCCCCAGUUAACAAAACAAG 
_entity_poly.pdbx_strand_id                 A 
_entity_poly.pdbx_target_identifier         ? 
# 
loop_
_entity_poly_seq.entity_id 
_entity_poly_seq.num 
_entity_poly_seq.mon_id 
_entity_poly_seq.hetero 
1 1  C n 
1 2  U n 
1 3  G n 
1 4  G n 
1 5  G n 
1 6  U n 
1 7  C n 
1 8  G n 
1 9  C n 
1 10 A n 
1 11 G n 
1 12 U n 
1 13 N n 
1 14 N n 
1 15 C n 
1 16 C n 
1 17 C n 
1 18 C n 
1 19 A n 
1 20 G n 
1 21 U n 
1 22 U n 
1 23 A n 
1 24 A n 
1 25 C n 
1 26 A n 
1 27 A n 
1 28 A n 
1 29 A n 
1 30 C n 
1 31 A n 
1 32 A n 
1 33 G n 
# 
_pdbx_entity_src_syn.entity_id              1 
_pdbx_entity_src_syn.pdbx_src_id            1 
_pdbx_entity_src_syn.pdbx_alt_source_flag   sample 
_pdbx_entity_src_syn.pdbx_beg_seq_num       1 
_pdbx_entity_src_syn.pdbx_end_seq_num       33 
_pdbx_entity_src_syn.organism_scientific    'Caldanaerobacter subterraneus subsp. tengcongensis' 
_pdbx_entity_src_syn.organism_common_name   ? 
_pdbx_entity_src_syn.ncbi_taxonomy_id       119072 
_pdbx_entity_src_syn.details                ? 
# 
_struct_ref.id                         1 
_struct_ref.db_name                    PDB 
_struct_ref.db_code                    7E9E 
_struct_ref.pdbx_db_accession          7E9E 
_struct_ref.pdbx_db_isoform            ? 
_struct_ref.entity_id                  1 
_struct_ref.pdbx_seq_one_letter_code   ? 
_struct_ref.pdbx_align_begin           1 
# 
_struct_ref_seq.align_id                      1 
_struct_ref_seq.ref_id                        1 
_struct_ref_seq.pdbx_PDB_id_code              7E9E 
_struct_ref_seq.pdbx_strand_id                A 
_struct_ref_seq.seq_align_beg                 1 
_struct_ref_seq.pdbx_seq_align_beg_ins_code   ? 
_struct_ref_seq.seq_align_end                 33 
_struct_ref_seq.pdbx_seq_align_end_ins_code   ? 
_struct_ref_seq.pdbx_db_accession             7E9E 
_struct_ref_seq.db_align_beg                  1 
_struct_ref_seq.pdbx_db_align_beg_ins_code    ? 
_struct_ref_seq.db_align_end                  33 
_struct_ref_seq.pdbx_db_align_end_ins_code    ? 
_struct_ref_seq.pdbx_auth_seq_align_beg       1 
_struct_ref_seq.pdbx_auth_seq_align_end       33 
# 
loop_
_chem_comp.id 
_chem_comp.type 
_chem_comp.mon_nstd_flag 
_chem_comp.name 
_chem_comp.pdbx_synonyms 
_chem_comp.formula 
_chem_comp.formula_weight 
A   'RNA linking' y "ADENOSINE-5'-MONOPHOSPHATE"                                                                                 ? 
'C10 H14 N5 O7 P' 347.221 
C   'RNA linking' y "CYTIDINE-5'-MONOPHOSPHATE"                                                                                  ? 
'C9 H14 N3 O8 P'  323.197 
G   'RNA linking' y "GUANOSINE-5'-MONOPHOSPHATE"                                                                                 ? 
'C10 H14 N5 O8 P' 363.221 
HOH non-polymer   . WATER                                                                                                        ? 
'H2 O'            18.015  
J0C non-polymer   . '2-azanyl-5-[[2-(3-but-3-ynyl-1,2-diazirin-3-yl)ethylamino]methyl]-1,7-dihydropyrrolo[2,3-d]pyrimidin-4-one' ? 
'C14 H17 N7 O'    299.331 
MG  non-polymer   . 'MAGNESIUM ION'                                                                                              ? 
'Mg 2'            24.305  
N   'RNA linking' . 
;ANY 5'-MONOPHOSPHATE NUCLEOTIDE
;
"1-DEOXY-RIBOFURANOSE-5'-PHOSPHATE" 'C5 H11 O7 P'     214.110 
SO4 non-polymer   . 'SULFATE ION'                                                                                                ? 
'O4 S -2'         96.063  
U   'RNA linking' y "URIDINE-5'-MONOPHOSPHATE"                                                                                   ? 
'C9 H13 N2 O9 P'  324.181 
# 
_exptl.absorpt_coefficient_mu     ? 
_exptl.absorpt_correction_T_max   ? 
_exptl.absorpt_correction_T_min   ? 
_exptl.absorpt_correction_type    ? 
_exptl.absorpt_process_details    ? 
_exptl.entry_id                   7E9E 
_exptl.crystals_number            1 
_exptl.details                    ? 
_exptl.method                     'X-RAY DIFFRACTION' 
_exptl.method_details             ? 
# 
_exptl_crystal.colour                      ? 
_exptl_crystal.density_diffrn              ? 
_exptl_crystal.density_Matthews            3.15 
_exptl_crystal.density_method              ? 
_exptl_crystal.density_percent_sol         60.95 
_exptl_crystal.description                 ? 
_exptl_crystal.F_000                       ? 
_exptl_crystal.id                          1 
_exptl_crystal.preparation                 ? 
_exptl_crystal.size_max                    ? 
_exptl_crystal.size_mid                    ? 
_exptl_crystal.size_min                    ? 
_exptl_crystal.size_rad                    ? 
_exptl_crystal.colour_lustre               ? 
_exptl_crystal.colour_modifier             ? 
_exptl_crystal.colour_primary              ? 
_exptl_crystal.density_meas                ? 
_exptl_crystal.density_meas_esd            ? 
_exptl_crystal.density_meas_gt             ? 
_exptl_crystal.density_meas_lt             ? 
_exptl_crystal.density_meas_temp           ? 
_exptl_crystal.density_meas_temp_esd       ? 
_exptl_crystal.density_meas_temp_gt        ? 
_exptl_crystal.density_meas_temp_lt        ? 
_exptl_crystal.pdbx_crystal_image_url      ? 
_exptl_crystal.pdbx_crystal_image_format   ? 
_exptl_crystal.pdbx_mosaicity              ? 
_exptl_crystal.pdbx_mosaicity_esd          ? 
# 
_exptl_crystal_grow.apparatus       ? 
_exptl_crystal_grow.atmosphere      ? 
_exptl_crystal_grow.crystal_id      1 
_exptl_crystal_grow.details         ? 
_exptl_crystal_grow.method          'VAPOR DIFFUSION, HANGING DROP' 
_exptl_crystal_grow.method_ref      ? 
_exptl_crystal_grow.pH              5.6 
_exptl_crystal_grow.pressure        ? 
_exptl_crystal_grow.pressure_esd    ? 
_exptl_crystal_grow.seeding         ? 
_exptl_crystal_grow.seeding_ref     ? 
_exptl_crystal_grow.temp            293 
_exptl_crystal_grow.temp_details    ? 
_exptl_crystal_grow.temp_esd        ? 
_exptl_crystal_grow.time            ? 
_exptl_crystal_grow.pdbx_details    '0.01M Mg acetate, 0.05M MES (pH5.6), 2.6M ammonium sulfate' 
_exptl_crystal_grow.pdbx_pH_range   ? 
# 
_diffrn.ambient_environment              ? 
_diffrn.ambient_temp                     100 
_diffrn.ambient_temp_details             ? 
_diffrn.ambient_temp_esd                 ? 
_diffrn.crystal_id                       1 
_diffrn.crystal_support                  ? 
_diffrn.crystal_treatment                ? 
_diffrn.details                          ? 
_diffrn.id                               1 
_diffrn.ambient_pressure                 ? 
_diffrn.ambient_pressure_esd             ? 
_diffrn.ambient_pressure_gt              ? 
_diffrn.ambient_pressure_lt              ? 
_diffrn.ambient_temp_gt                  ? 
_diffrn.ambient_temp_lt                  ? 
_diffrn.pdbx_serial_crystal_experiment   N 
# 
_diffrn_detector.details                      ? 
_diffrn_detector.detector                     PIXEL 
_diffrn_detector.diffrn_id                    1 
_diffrn_detector.type                         'DECTRIS PILATUS 6M' 
_diffrn_detector.area_resol_mean              ? 
_diffrn_detector.dtime                        ? 
_diffrn_detector.pdbx_frames_total            ? 
_diffrn_detector.pdbx_collection_time_total   ? 
_diffrn_detector.pdbx_collection_date         2020-07-17 
_diffrn_detector.pdbx_frequency               ? 
# 
_diffrn_radiation.collimation                      ? 
_diffrn_radiation.diffrn_id                        1 
_diffrn_radiation.filter_edge                      ? 
_diffrn_radiation.inhomogeneity                    ? 
_diffrn_radiation.monochromator                    ? 
_diffrn_radiation.polarisn_norm                    ? 
_diffrn_radiation.polarisn_ratio                   ? 
_diffrn_radiation.probe                            ? 
_diffrn_radiation.type                             ? 
_diffrn_radiation.xray_symbol                      ? 
_diffrn_radiation.wavelength_id                    1 
_diffrn_radiation.pdbx_monochromatic_or_laue_m_l   M 
_diffrn_radiation.pdbx_wavelength_list             ? 
_diffrn_radiation.pdbx_wavelength                  ? 
_diffrn_radiation.pdbx_diffrn_protocol             'SINGLE WAVELENGTH' 
_diffrn_radiation.pdbx_analyzer                    ? 
_diffrn_radiation.pdbx_scattering_type             x-ray 
# 
_diffrn_radiation_wavelength.id           1 
_diffrn_radiation_wavelength.wavelength   1.0 
_diffrn_radiation_wavelength.wt           1.0 
# 
_diffrn_source.current                     ? 
_diffrn_source.details                     ? 
_diffrn_source.diffrn_id                   1 
_diffrn_source.power                       ? 
_diffrn_source.size                        ? 
_diffrn_source.source                      SYNCHROTRON 
_diffrn_source.target                      ? 
_diffrn_source.type                        'SPRING-8 BEAMLINE BL45XU' 
_diffrn_source.voltage                     ? 
_diffrn_source.take-off_angle              ? 
_diffrn_source.pdbx_wavelength_list        1.0 
_diffrn_source.pdbx_wavelength             ? 
_diffrn_source.pdbx_synchrotron_beamline   BL45XU 
_diffrn_source.pdbx_synchrotron_site       SPring-8 
# 
_reflns.B_iso_Wilson_estimate            ? 
_reflns.entry_id                         7E9E 
_reflns.data_reduction_details           ? 
_reflns.data_reduction_method            ? 
_reflns.d_resolution_high                1.57 
_reflns.d_resolution_low                 45.6 
_reflns.details                          ? 
_reflns.limit_h_max                      ? 
_reflns.limit_h_min                      ? 
_reflns.limit_k_max                      ? 
_reflns.limit_k_min                      ? 
_reflns.limit_l_max                      ? 
_reflns.limit_l_min                      ? 
_reflns.number_all                       ? 
_reflns.number_obs                       21398 
_reflns.observed_criterion               ? 
_reflns.observed_criterion_F_max         ? 
_reflns.observed_criterion_F_min         ? 
_reflns.observed_criterion_I_max         ? 
_reflns.observed_criterion_I_min         ? 
_reflns.observed_criterion_sigma_F       ? 
_reflns.observed_criterion_sigma_I       ? 
_reflns.percent_possible_obs             99.9 
_reflns.R_free_details                   ? 
_reflns.Rmerge_F_all                     ? 
_reflns.Rmerge_F_obs                     ? 
_reflns.Friedel_coverage                 ? 
_reflns.number_gt                        ? 
_reflns.threshold_expression             ? 
_reflns.pdbx_redundancy                  20.5 
_reflns.pdbx_Rmerge_I_obs                0.124 
_reflns.pdbx_Rmerge_I_all                ? 
_reflns.pdbx_Rsym_value                  ? 
_reflns.pdbx_netI_over_av_sigmaI         ? 
_reflns.pdbx_netI_over_sigmaI            17.17 
_reflns.pdbx_res_netI_over_av_sigmaI_2   ? 
_reflns.pdbx_res_netI_over_sigmaI_2      ? 
_reflns.pdbx_chi_squared                 ? 
_reflns.pdbx_scaling_rejects             ? 
_reflns.pdbx_d_res_high_opt              ? 
_reflns.pdbx_d_res_low_opt               ? 
_reflns.pdbx_d_res_opt_method            ? 
_reflns.phase_calculation_details        ? 
_reflns.pdbx_Rrim_I_all                  ? 
_reflns.pdbx_Rpim_I_all                  ? 
_reflns.pdbx_d_opt                       ? 
_reflns.pdbx_number_measured_all         ? 
_reflns.pdbx_diffrn_id                   1 
_reflns.pdbx_ordinal                     1 
_reflns.pdbx_CC_half                     0.999 
_reflns.pdbx_CC_star                     ? 
_reflns.pdbx_R_split                     ? 
# 
_reflns_shell.d_res_high                  1.57 
_reflns_shell.d_res_low                   1.66 
_reflns_shell.meanI_over_sigI_all         ? 
_reflns_shell.meanI_over_sigI_obs         ? 
_reflns_shell.number_measured_all         ? 
_reflns_shell.number_measured_obs         ? 
_reflns_shell.number_possible             ? 
_reflns_shell.number_unique_all           ? 
_reflns_shell.number_unique_obs           6216 
_reflns_shell.percent_possible_all        99.4 
_reflns_shell.percent_possible_obs        ? 
_reflns_shell.Rmerge_F_all                ? 
_reflns_shell.Rmerge_F_obs                ? 
_reflns_shell.Rmerge_I_all                ? 
_reflns_shell.Rmerge_I_obs                1.855 
_reflns_shell.meanI_over_sigI_gt          ? 
_reflns_shell.meanI_over_uI_all           ? 
_reflns_shell.meanI_over_uI_gt            ? 
_reflns_shell.number_measured_gt          ? 
_reflns_shell.number_unique_gt            ? 
_reflns_shell.percent_possible_gt         ? 
_reflns_shell.Rmerge_F_gt                 ? 
_reflns_shell.Rmerge_I_gt                 ? 
_reflns_shell.pdbx_redundancy             19.8 
_reflns_shell.pdbx_Rsym_value             ? 
_reflns_shell.pdbx_chi_squared            ? 
_reflns_shell.pdbx_netI_over_sigmaI_all   ? 
_reflns_shell.pdbx_netI_over_sigmaI_obs   ? 
_reflns_shell.pdbx_Rrim_I_all             ? 
_reflns_shell.pdbx_Rpim_I_all             ? 
_reflns_shell.pdbx_rejects                ? 
_reflns_shell.pdbx_ordinal                1 
_reflns_shell.pdbx_diffrn_id              1 
_reflns_shell.pdbx_CC_half                0.726 
_reflns_shell.pdbx_CC_star                ? 
_reflns_shell.pdbx_R_split                ? 
# 
_refine.aniso_B[1][1]                            ? 
_refine.aniso_B[1][2]                            ? 
_refine.aniso_B[1][3]                            ? 
_refine.aniso_B[2][2]                            ? 
_refine.aniso_B[2][3]                            ? 
_refine.aniso_B[3][3]                            ? 
_refine.B_iso_max                                ? 
_refine.B_iso_mean                               41.87 
_refine.B_iso_min                                ? 
_refine.correlation_coeff_Fo_to_Fc               ? 
_refine.correlation_coeff_Fo_to_Fc_free          ? 
_refine.details                                  ? 
_refine.diff_density_max                         ? 
_refine.diff_density_max_esd                     ? 
_refine.diff_density_min                         ? 
_refine.diff_density_min_esd                     ? 
_refine.diff_density_rms                         ? 
_refine.diff_density_rms_esd                     ? 
_refine.entry_id                                 7E9E 
_refine.pdbx_refine_id                           'X-RAY DIFFRACTION' 
_refine.ls_abs_structure_details                 ? 
_refine.ls_abs_structure_Flack                   ? 
_refine.ls_abs_structure_Flack_esd               ? 
_refine.ls_abs_structure_Rogers                  ? 
_refine.ls_abs_structure_Rogers_esd              ? 
_refine.ls_d_res_high                            1.57 
_refine.ls_d_res_low                             45.6 
_refine.ls_extinction_coef                       ? 
_refine.ls_extinction_coef_esd                   ? 
_refine.ls_extinction_expression                 ? 
_refine.ls_extinction_method                     ? 
_refine.ls_goodness_of_fit_all                   ? 
_refine.ls_goodness_of_fit_all_esd               ? 
_refine.ls_goodness_of_fit_obs                   ? 
_refine.ls_goodness_of_fit_obs_esd               ? 
_refine.ls_hydrogen_treatment                    ? 
_refine.ls_matrix_type                           ? 
_refine.ls_number_constraints                    ? 
_refine.ls_number_parameters                     ? 
_refine.ls_number_reflns_all                     ? 
_refine.ls_number_reflns_obs                     21395 
_refine.ls_number_reflns_R_free                  1070 
_refine.ls_number_reflns_R_work                  ? 
_refine.ls_number_restraints                     ? 
_refine.ls_percent_reflns_obs                    99.89 
_refine.ls_percent_reflns_R_free                 5 
_refine.ls_R_factor_all                          ? 
_refine.ls_R_factor_obs                          0.1913 
_refine.ls_R_factor_R_free                       0.2083 
_refine.ls_R_factor_R_free_error                 ? 
_refine.ls_R_factor_R_free_error_details         ? 
_refine.ls_R_factor_R_work                       0.1904 
_refine.ls_R_Fsqd_factor_obs                     ? 
_refine.ls_R_I_factor_obs                        ? 
_refine.ls_redundancy_reflns_all                 ? 
_refine.ls_redundancy_reflns_obs                 ? 
_refine.ls_restrained_S_all                      ? 
_refine.ls_restrained_S_obs                      ? 
_refine.ls_shift_over_esd_max                    ? 
_refine.ls_shift_over_esd_mean                   ? 
_refine.ls_structure_factor_coef                 ? 
_refine.ls_weighting_details                     ? 
_refine.ls_weighting_scheme                      ? 
_refine.ls_wR_factor_all                         ? 
_refine.ls_wR_factor_obs                         ? 
_refine.ls_wR_factor_R_free                      ? 
_refine.ls_wR_factor_R_work                      ? 
_refine.occupancy_max                            ? 
_refine.occupancy_min                            ? 
_refine.solvent_model_details                    ? 
_refine.solvent_model_param_bsol                 ? 
_refine.solvent_model_param_ksol                 ? 
_refine.pdbx_R_complete                          ? 
_refine.ls_R_factor_gt                           ? 
_refine.ls_goodness_of_fit_gt                    ? 
_refine.ls_goodness_of_fit_ref                   ? 
_refine.ls_shift_over_su_max                     ? 
_refine.ls_shift_over_su_max_lt                  ? 
_refine.ls_shift_over_su_mean                    ? 
_refine.ls_shift_over_su_mean_lt                 ? 
_refine.pdbx_ls_sigma_I                          ? 
_refine.pdbx_ls_sigma_F                          ? 
_refine.pdbx_ls_sigma_Fsqd                       ? 
_refine.pdbx_data_cutoff_high_absF               ? 
_refine.pdbx_data_cutoff_high_rms_absF           ? 
_refine.pdbx_data_cutoff_low_absF                ? 
_refine.pdbx_isotropic_thermal_model             ? 
_refine.pdbx_ls_cross_valid_method               'FREE R-VALUE' 
_refine.pdbx_method_to_determine_struct          'MOLECULAR REPLACEMENT' 
_refine.pdbx_starting_model                      6E1W 
_refine.pdbx_stereochemistry_target_values       'GeoStd + Monomer Library + CDL v1.2' 
_refine.pdbx_R_Free_selection_details            ? 
_refine.pdbx_stereochem_target_val_spec_case     ? 
_refine.pdbx_overall_ESU_R                       ? 
_refine.pdbx_overall_ESU_R_Free                  ? 
_refine.pdbx_solvent_vdw_probe_radii             ? 
_refine.pdbx_solvent_ion_probe_radii             ? 
_refine.pdbx_solvent_shrinkage_radii             ? 
_refine.pdbx_real_space_R                        ? 
_refine.pdbx_density_correlation                 ? 
_refine.pdbx_pd_number_of_powder_patterns        ? 
_refine.pdbx_pd_number_of_points                 ? 
_refine.pdbx_pd_meas_number_of_points            ? 
_refine.pdbx_pd_proc_ls_prof_R_factor            ? 
_refine.pdbx_pd_proc_ls_prof_wR_factor           ? 
_refine.pdbx_pd_Marquardt_correlation_coeff      ? 
_refine.pdbx_pd_Fsqrd_R_factor                   ? 
_refine.pdbx_pd_ls_matrix_band_width             ? 
_refine.pdbx_overall_phase_error                 ? 
_refine.pdbx_overall_SU_R_free_Cruickshank_DPI   ? 
_refine.pdbx_overall_SU_R_free_Blow_DPI          ? 
_refine.pdbx_overall_SU_R_Blow_DPI               ? 
_refine.pdbx_TLS_residual_ADP_flag               ? 
_refine.pdbx_diffrn_id                           1 
_refine.overall_SU_B                             ? 
_refine.overall_SU_ML                            ? 
_refine.overall_SU_R_Cruickshank_DPI             ? 
_refine.overall_SU_R_free                        ? 
_refine.overall_FOM_free_R_set                   ? 
_refine.overall_FOM_work_R_set                   ? 
_refine.pdbx_average_fsc_overall                 ? 
_refine.pdbx_average_fsc_work                    ? 
_refine.pdbx_average_fsc_free                    ? 
# 
_refine_hist.pdbx_refine_id                   'X-RAY DIFFRACTION' 
_refine_hist.cycle_id                         LAST 
_refine_hist.details                          ? 
_refine_hist.d_res_high                       1.57 
_refine_hist.d_res_low                        45.6 
_refine_hist.number_atoms_solvent             86 
_refine_hist.number_atoms_total               803 
_refine_hist.number_reflns_all                ? 
_refine_hist.number_reflns_obs                ? 
_refine_hist.number_reflns_R_free             ? 
_refine_hist.number_reflns_R_work             ? 
_refine_hist.R_factor_all                     ? 
_refine_hist.R_factor_obs                     ? 
_refine_hist.R_factor_R_free                  ? 
_refine_hist.R_factor_R_work                  ? 
_refine_hist.pdbx_number_residues_total       ? 
_refine_hist.pdbx_B_iso_mean_ligand           ? 
_refine_hist.pdbx_B_iso_mean_solvent          ? 
_refine_hist.pdbx_number_atoms_protein        0 
_refine_hist.pdbx_number_atoms_nucleic_acid   682 
_refine_hist.pdbx_number_atoms_ligand         35 
_refine_hist.pdbx_number_atoms_lipid          ? 
_refine_hist.pdbx_number_atoms_carb           ? 
_refine_hist.pdbx_pseudo_atom_details         ? 
# 
loop_
_refine_ls_restr.pdbx_refine_id 
_refine_ls_restr.criterion 
_refine_ls_restr.dev_ideal 
_refine_ls_restr.dev_ideal_target 
_refine_ls_restr.number 
_refine_ls_restr.rejects 
_refine_ls_restr.type 
_refine_ls_restr.weight 
_refine_ls_restr.pdbx_restraint_function 
'X-RAY DIFFRACTION' ? 0.0042  ? 808  ? f_bond_d           ? ? 
'X-RAY DIFFRACTION' ? 0.9008  ? 1255 ? f_angle_d          ? ? 
'X-RAY DIFFRACTION' ? 0.0437  ? 164  ? f_chiral_restr     ? ? 
'X-RAY DIFFRACTION' ? 0.0115  ? 32   ? f_plane_restr      ? ? 
'X-RAY DIFFRACTION' ? 18.7191 ? 409  ? f_dihedral_angle_d ? ? 
# 
_refine_ls_shell.pdbx_refine_id                   'X-RAY DIFFRACTION' 
_refine_ls_shell.d_res_high                       1.57 
_refine_ls_shell.d_res_low                        1.64 
_refine_ls_shell.number_reflns_all                ? 
_refine_ls_shell.number_reflns_obs                2579 
_refine_ls_shell.number_reflns_R_free             ? 
_refine_ls_shell.number_reflns_R_work             2451 
_refine_ls_shell.percent_reflns_obs               99.2 
_refine_ls_shell.percent_reflns_R_free            5 
_refine_ls_shell.R_factor_all                     ? 
_refine_ls_shell.R_factor_obs                     ? 
_refine_ls_shell.R_factor_R_free                  0.298 
_refine_ls_shell.R_factor_R_free_error            ? 
_refine_ls_shell.R_factor_R_work                  0.271 
_refine_ls_shell.redundancy_reflns_all            ? 
_refine_ls_shell.redundancy_reflns_obs            ? 
_refine_ls_shell.wR_factor_all                    ? 
_refine_ls_shell.wR_factor_obs                    ? 
_refine_ls_shell.wR_factor_R_free                 ? 
_refine_ls_shell.wR_factor_R_work                 ? 
_refine_ls_shell.pdbx_R_complete                  ? 
_refine_ls_shell.pdbx_total_number_of_bins_used   ? 
_refine_ls_shell.pdbx_phase_error                 ? 
_refine_ls_shell.pdbx_fsc_work                    ? 
_refine_ls_shell.pdbx_fsc_free                    ? 
# 
_struct.entry_id                     7E9E 
_struct.title                        
'Crystal structure of a class I PreQ1 riboswitch aptamer (ab13-14) complexed with a cognate ligand-derived photoaffinity probe' 
_struct.pdbx_model_details           ? 
_struct.pdbx_formula_weight          ? 
_struct.pdbx_formula_weight_method   ? 
_struct.pdbx_model_type_details      ? 
_struct.pdbx_CASP_flag               N 
# 
_struct_keywords.entry_id        7E9E 
_struct_keywords.text            'preq1 riboswitch, cognate ligand-derived photoaffinity probe, RNA' 
_struct_keywords.pdbx_keywords   RNA 
# 
loop_
_struct_asym.id 
_struct_asym.pdbx_blank_PDB_chainid_flag 
_struct_asym.pdbx_modified 
_struct_asym.entity_id 
_struct_asym.details 
A N N 1 ? 
B N N 2 ? 
C N N 3 ? 
D N N 3 ? 
E N N 4 ? 
F N N 4 ? 
G N N 4 ? 
H N N 5 ? 
# 
loop_
_struct_conn.id 
_struct_conn.conn_type_id 
_struct_conn.pdbx_leaving_atom_flag 
_struct_conn.pdbx_PDB_id 
_struct_conn.ptnr1_label_asym_id 
_struct_conn.ptnr1_label_comp_id 
_struct_conn.ptnr1_label_seq_id 
_struct_conn.ptnr1_label_atom_id 
_struct_conn.pdbx_ptnr1_label_alt_id 
_struct_conn.pdbx_ptnr1_PDB_ins_code 
_struct_conn.pdbx_ptnr1_standard_comp_id 
_struct_conn.ptnr1_symmetry 
_struct_conn.ptnr2_label_asym_id 
_struct_conn.ptnr2_label_comp_id 
_struct_conn.ptnr2_label_seq_id 
_struct_conn.ptnr2_label_atom_id 
_struct_conn.pdbx_ptnr2_label_alt_id 
_struct_conn.pdbx_ptnr2_PDB_ins_code 
_struct_conn.ptnr1_auth_asym_id 
_struct_conn.ptnr1_auth_comp_id 
_struct_conn.ptnr1_auth_seq_id 
_struct_conn.ptnr2_auth_asym_id 
_struct_conn.ptnr2_auth_comp_id 
_struct_conn.ptnr2_auth_seq_id 
_struct_conn.ptnr2_symmetry 
_struct_conn.pdbx_ptnr3_label_atom_id 
_struct_conn.pdbx_ptnr3_label_seq_id 
_struct_conn.pdbx_ptnr3_label_comp_id 
_struct_conn.pdbx_ptnr3_label_asym_id 
_struct_conn.pdbx_ptnr3_label_alt_id 
_struct_conn.pdbx_ptnr3_PDB_ins_code 
_struct_conn.details 
_struct_conn.pdbx_dist_value 
_struct_conn.pdbx_value_order 
_struct_conn.pdbx_role 
covale1  covale both ? A U  12 "O3'" ? ? ? 1_555 A N   13 P  A ? A U  12  A N   13  1_555 ? ? ? ? ? ? ?             1.609 ? ? 
covale2  covale both ? A U  12 "O3'" ? ? ? 1_555 A N   13 P  B ? A U  12  A N   13  1_555 ? ? ? ? ? ? ?             1.611 ? ? 
covale3  covale both ? A N  13 "O3'" A ? ? 1_555 A N   14 P  ? ? A N  13  A N   14  1_555 ? ? ? ? ? ? ?             1.608 ? ? 
covale4  covale both ? A N  13 "O3'" B ? ? 1_555 A N   14 P  ? ? A N  13  A N   14  1_555 ? ? ? ? ? ? ?             1.617 ? ? 
covale5  covale both ? A N  14 "O3'" ? ? ? 1_555 A C   15 P  ? ? A N  14  A C   15  1_555 ? ? ? ? ? ? ?             1.608 ? ? 
metalc1  metalc ?    ? A G  3  "O3'" ? ? ? 1_555 F MG  .  MG ? ? A G  3   A MG  105 1_555 ? ? ? ? ? ? ?             1.997 ? ? 
metalc2  metalc ?    ? A G  4  OP1   ? ? ? 1_555 F MG  .  MG ? ? A G  4   A MG  105 1_555 ? ? ? ? ? ? ?             1.992 ? ? 
metalc3  metalc ?    ? A G  8  OP2   ? ? ? 1_555 G MG  .  MG ? ? A G  8   A MG  106 1_555 ? ? ? ? ? ? ?             2.100 ? ? 
metalc4  metalc ?    ? A A  31 OP2   ? ? ? 1_555 E MG  .  MG ? ? A A  31  A MG  104 1_555 ? ? ? ? ? ? ?             2.154 ? ? 
metalc5  metalc ?    ? E MG .  MG    ? ? ? 1_555 H HOH .  O  ? ? A MG 104 A HOH 219 1_555 ? ? ? ? ? ? ?             2.704 ? ? 
metalc6  metalc ?    ? E MG .  MG    ? ? ? 1_555 H HOH .  O  ? ? A MG 104 A HOH 232 1_555 ? ? ? ? ? ? ?             2.549 ? ? 
metalc7  metalc ?    ? F MG .  MG    ? ? ? 1_555 H HOH .  O  ? ? A MG 105 A HOH 222 1_555 ? ? ? ? ? ? ?             2.724 ? ? 
metalc8  metalc ?    ? G MG .  MG    ? ? ? 1_555 H HOH .  O  ? ? A MG 106 A HOH 234 1_555 ? ? ? ? ? ? ?             2.891 ? ? 
hydrog1  hydrog ?    ? A C  1  N3    ? ? ? 1_555 A G   20 N1 ? ? A C  1   A G   20  1_555 ? ? ? ? ? ? WATSON-CRICK  ?     ? ? 
hydrog2  hydrog ?    ? A C  1  N4    ? ? ? 1_555 A G   20 O6 ? ? A C  1   A G   20  1_555 ? ? ? ? ? ? WATSON-CRICK  ?     ? ? 
hydrog3  hydrog ?    ? A C  1  O2    ? ? ? 1_555 A G   20 N2 ? ? A C  1   A G   20  1_555 ? ? ? ? ? ? WATSON-CRICK  ?     ? ? 
hydrog4  hydrog ?    ? A U  2  N3    ? ? ? 1_555 A A   19 N1 ? ? A U  2   A A   19  1_555 ? ? ? ? ? ? WATSON-CRICK  ?     ? ? 
hydrog5  hydrog ?    ? A U  2  O4    ? ? ? 1_555 A A   19 N6 ? ? A U  2   A A   19  1_555 ? ? ? ? ? ? WATSON-CRICK  ?     ? ? 
hydrog6  hydrog ?    ? A G  3  N1    ? ? ? 1_555 A C   18 N3 ? ? A G  3   A C   18  1_555 ? ? ? ? ? ? WATSON-CRICK  ?     ? ? 
hydrog7  hydrog ?    ? A G  3  N2    ? ? ? 1_555 A C   18 O2 ? ? A G  3   A C   18  1_555 ? ? ? ? ? ? WATSON-CRICK  ?     ? ? 
hydrog8  hydrog ?    ? A G  3  O6    ? ? ? 1_555 A C   18 N4 ? ? A G  3   A C   18  1_555 ? ? ? ? ? ? WATSON-CRICK  ?     ? ? 
hydrog9  hydrog ?    ? A G  4  N1    ? ? ? 1_555 A C   17 N3 ? ? A G  4   A C   17  1_555 ? ? ? ? ? ? WATSON-CRICK  ?     ? ? 
hydrog10 hydrog ?    ? A G  4  N2    ? ? ? 1_555 A C   17 O2 ? ? A G  4   A C   17  1_555 ? ? ? ? ? ? WATSON-CRICK  ?     ? ? 
hydrog11 hydrog ?    ? A G  4  O6    ? ? ? 1_555 A C   17 N4 ? ? A G  4   A C   17  1_555 ? ? ? ? ? ? WATSON-CRICK  ?     ? ? 
hydrog12 hydrog ?    ? A G  5  N1    ? ? ? 1_555 A C   16 N3 ? ? A G  5   A C   16  1_555 ? ? ? ? ? ? WATSON-CRICK  ?     ? ? 
hydrog13 hydrog ?    ? A G  5  N2    ? ? ? 1_555 A C   16 O2 ? ? A G  5   A C   16  1_555 ? ? ? ? ? ? WATSON-CRICK  ?     ? ? 
hydrog14 hydrog ?    ? A G  5  O6    ? ? ? 1_555 A C   16 N4 ? ? A G  5   A C   16  1_555 ? ? ? ? ? ? WATSON-CRICK  ?     ? ? 
hydrog15 hydrog ?    ? A G  5  N2    ? ? ? 1_555 A A   27 N1 ? ? A G  5   A A   27  1_555 ? ? ? ? ? ? TYPE_10_PAIR  ?     ? ? 
hydrog16 hydrog ?    ? A G  5  N3    ? ? ? 1_555 A A   27 N6 ? ? A G  5   A A   27  1_555 ? ? ? ? ? ? TYPE_10_PAIR  ?     ? ? 
hydrog17 hydrog ?    ? A U  6  N3    ? ? ? 1_555 A A   28 N7 ? ? A U  6   A A   28  1_555 ? ? ? ? ? ? HOOGSTEEN     ?     ? ? 
hydrog18 hydrog ?    ? A U  6  O4    ? ? ? 1_555 A A   28 N6 ? ? A U  6   A A   28  1_555 ? ? ? ? ? ? HOOGSTEEN     ?     ? ? 
hydrog19 hydrog ?    ? A C  7  N4    ? ? ? 1_555 A G   11 N7 ? ? A C  7   A G   11  1_555 ? ? ? ? ? ? 'C-G PAIR'    ?     ? ? 
hydrog20 hydrog ?    ? A C  7  O2    ? ? ? 1_555 A A   29 N6 ? ? A C  7   A A   29  1_555 ? ? ? ? ? ? 'C-A MISPAIR' ?     ? ? 
hydrog21 hydrog ?    ? A C  7  O2    ? ? ? 1_555 A C   30 N4 ? ? A C  7   A C   30  1_555 ? ? ? ? ? ? 'C-C MISPAIR' ?     ? ? 
hydrog22 hydrog ?    ? A G  8  N2    ? ? ? 1_555 A A   31 N1 ? ? A G  8   A A   31  1_555 ? ? ? ? ? ? TYPE_10_PAIR  ?     ? ? 
hydrog23 hydrog ?    ? A G  8  N3    ? ? ? 1_555 A A   31 N6 ? ? A G  8   A A   31  1_555 ? ? ? ? ? ? TYPE_10_PAIR  ?     ? ? 
hydrog24 hydrog ?    ? A C  9  N3    ? ? ? 1_555 A G   33 N1 ? ? A C  9   A G   33  1_555 ? ? ? ? ? ? WATSON-CRICK  ?     ? ? 
hydrog25 hydrog ?    ? A C  9  N4    ? ? ? 1_555 A G   33 O6 ? ? A C  9   A G   33  1_555 ? ? ? ? ? ? WATSON-CRICK  ?     ? ? 
hydrog26 hydrog ?    ? A C  9  O2    ? ? ? 1_555 A G   33 N2 ? ? A C  9   A G   33  1_555 ? ? ? ? ? ? WATSON-CRICK  ?     ? ? 
hydrog27 hydrog ?    ? A A  10 N3    ? ? ? 1_555 A A   32 N6 ? ? A A  10  A A   32  1_555 ? ? ? ? ? ? 'A-A MISPAIR' ?     ? ? 
hydrog28 hydrog ?    ? A G  11 N2    ? ? ? 1_555 A C   15 O2 ? ? A G  11  A C   15  1_555 ? ? ? ? ? ? 'G-C PAIR'    ?     ? ? 
hydrog29 hydrog ?    ? A G  11 N1    ? ? ? 1_555 A C   30 N3 ? ? A G  11  A C   30  1_555 ? ? ? ? ? ? WATSON-CRICK  ?     ? ? 
hydrog30 hydrog ?    ? A G  11 N2    ? ? ? 1_555 A C   30 O2 ? ? A G  11  A C   30  1_555 ? ? ? ? ? ? WATSON-CRICK  ?     ? ? 
hydrog31 hydrog ?    ? A G  11 O6    ? ? ? 1_555 A C   30 N4 ? ? A G  11  A C   30  1_555 ? ? ? ? ? ? WATSON-CRICK  ?     ? ? 
hydrog32 hydrog ?    ? A C  16 O2    ? ? ? 1_555 A A   28 N6 ? ? A C  16  A A   28  1_555 ? ? ? ? ? ? 'C-A MISPAIR' ?     ? ? 
hydrog33 hydrog ?    ? A C  17 O2    ? ? ? 1_555 A A   26 N6 ? ? A C  17  A A   26  1_555 ? ? ? ? ? ? 'C-A MISPAIR' ?     ? ? 
# 
loop_
_struct_conn_type.id 
_struct_conn_type.criteria 
_struct_conn_type.reference 
covale ? ? 
metalc ? ? 
hydrog ? ? 
# 
_atom_sites.entry_id                    7E9E 
_atom_sites.Cartn_transf_matrix[1][1]   ? 
_atom_sites.Cartn_transf_matrix[1][2]   ? 
_atom_sites.Cartn_transf_matrix[1][3]   ? 
_atom_sites.Cartn_transf_matrix[2][1]   ? 
_atom_sites.Cartn_transf_matrix[2][2]   ? 
_atom_sites.Cartn_transf_matrix[2][3]   ? 
_atom_sites.Cartn_transf_matrix[3][1]   ? 
_atom_sites.Cartn_transf_matrix[3][2]   ? 
_atom_sites.Cartn_transf_matrix[3][3]   ? 
_atom_sites.Cartn_transf_vector[1]      ? 
_atom_sites.Cartn_transf_vector[2]      ? 
_atom_sites.Cartn_transf_vector[3]      ? 
_atom_sites.fract_transf_matrix[1][1]   -0.00689536 
_atom_sites.fract_transf_matrix[1][2]   0.01897191 
_atom_sites.fract_transf_matrix[1][3]   0.00853105 
_atom_sites.fract_transf_matrix[2][1]   0.00574238 
_atom_sites.fract_transf_matrix[2][2]   0.00556934 
_atom_sites.fract_transf_matrix[2][3]   0.02040281 
_atom_sites.fract_transf_matrix[3][1]   0.00461276 
_atom_sites.fract_transf_matrix[3][2]   0.00257656 
_atom_sites.fract_transf_matrix[3][3]   -0.00200158 
_atom_sites.fract_transf_vector[1]      -0.188976 
_atom_sites.fract_transf_vector[2]      -0.274140 
_atom_sites.fract_transf_vector[3]      -0.010793 
_atom_sites.solution_primary            ? 
_atom_sites.solution_secondary          ? 
_atom_sites.solution_hydrogens          ? 
_atom_sites.special_details             ? 
# 
loop_
_atom_type.symbol 
C  
MG 
N  
O  
P  
S  
# 
loop_
_atom_site.group_PDB 
_atom_site.id 
_atom_site.type_symbol 
_atom_site.label_atom_id 
_atom_site.label_alt_id 
_atom_site.label_comp_id 
_atom_site.label_asym_id 
_atom_site.label_entity_id 
_atom_site.label_seq_id 
_atom_site.pdbx_PDB_ins_code 
_atom_site.Cartn_x 
_atom_site.Cartn_y 
_atom_site.Cartn_z 
_atom_site.occupancy 
_atom_site.B_iso_or_equiv 
_atom_site.pdbx_formal_charge 
_atom_site.auth_seq_id 
_atom_site.auth_comp_id 
_atom_site.auth_asym_id 
_atom_site.auth_atom_id 
_atom_site.pdbx_PDB_model_num 
ATOM   1   O  "O5'" . C   A 1 1  ? -7.23650  9.71889   11.71703  1.000 45.02645  ? 1   C   A "O5'" 1 
ATOM   2   C  "C5'" . C   A 1 1  ? -6.95293  9.75693   10.32501  1.000 40.09954  ? 1   C   A "C5'" 1 
ATOM   3   C  "C4'" . C   A 1 1  ? -6.13086  10.96787  9.97039   1.000 33.49349  ? 1   C   A "C4'" 1 
ATOM   4   O  "O4'" . C   A 1 1  ? -4.90235  10.95837  10.74001  1.000 35.05683  ? 1   C   A "O4'" 1 
ATOM   5   C  "C3'" . C   A 1 1  ? -5.65700  11.04725  8.52534   1.000 36.46490  ? 1   C   A "C3'" 1 
ATOM   6   O  "O3'" . C   A 1 1  ? -6.64205  11.55991  7.65190   1.000 35.86746  ? 1   C   A "O3'" 1 
ATOM   7   C  "C2'" . C   A 1 1  ? -4.42364  11.92808  8.62306   1.000 36.13591  ? 1   C   A "C2'" 1 
ATOM   8   O  "O2'" . C   A 1 1  ? -4.78292  13.29867  8.72384   1.000 36.50964  ? 1   C   A "O2'" 1 
ATOM   9   C  "C1'" . C   A 1 1  ? -3.84410  11.48653  9.96609   1.000 34.83576  ? 1   C   A "C1'" 1 
ATOM   10  N  N1    . C   A 1 1  ? -2.80406  10.44350  9.82060   1.000 32.57759  ? 1   C   A N1    1 
ATOM   11  C  C2    . C   A 1 1  ? -1.56620  10.80209  9.27335   1.000 32.91447  ? 1   C   A C2    1 
ATOM   12  O  O2    . C   A 1 1  ? -1.39881  11.97175  8.90373   1.000 30.75632  ? 1   C   A O2    1 
ATOM   13  N  N3    . C   A 1 1  ? -0.60370  9.85990   9.16083   1.000 28.38498  ? 1   C   A N3    1 
ATOM   14  C  C4    . C   A 1 1  ? -0.83059  8.61068   9.57320   1.000 28.54026  ? 1   C   A C4    1 
ATOM   15  N  N4    . C   A 1 1  ? 0.15228   7.71977   9.44094   1.000 27.82176  ? 1   C   A N4    1 
ATOM   16  C  C5    . C   A 1 1  ? -2.07719  8.21989   10.14351  1.000 31.20111  ? 1   C   A C5    1 
ATOM   17  C  C6    . C   A 1 1  ? -3.02568  9.16117   10.24482  1.000 30.04308  ? 1   C   A C6    1 
ATOM   18  P  P     . U   A 1 2  ? -6.75068  11.01355  6.15062   1.000 37.03602  ? 2   U   A P     1 
ATOM   19  O  OP1   . U   A 1 2  ? -7.94561  11.63552  5.52983   1.000 41.97872  ? 2   U   A OP1   1 
ATOM   20  O  OP2   . U   A 1 2  ? -6.58432  9.54223   6.09941   1.000 36.85705  ? 2   U   A OP2   1 
ATOM   21  O  "O5'" . U   A 1 2  ? -5.46804  11.62019  5.42747   1.000 35.98326  ? 2   U   A "O5'" 1 
ATOM   22  C  "C5'" . U   A 1 2  ? -5.32752  13.02037  5.25598   1.000 38.10983  ? 2   U   A "C5'" 1 
ATOM   23  C  "C4'" . U   A 1 2  ? -3.97316  13.37081  4.69858   1.000 33.73036  ? 2   U   A "C4'" 1 
ATOM   24  O  "O4'" . U   A 1 2  ? -2.94199  13.01663  5.65649   1.000 35.26739  ? 2   U   A "O4'" 1 
ATOM   25  C  "C3'" . U   A 1 2  ? -3.55062  12.63717  3.43512   1.000 35.00683  ? 2   U   A "C3'" 1 
ATOM   26  O  "O3'" . U   A 1 2  ? -4.12906  13.15207  2.25114   1.000 39.91531  ? 2   U   A "O3'" 1 
ATOM   27  C  "C2'" . U   A 1 2  ? -2.04341  12.78631  3.47611   1.000 36.82020  ? 2   U   A "C2'" 1 
ATOM   28  O  "O2'" . U   A 1 2  ? -1.68420  14.12322  3.16260   1.000 37.45186  ? 2   U   A "O2'" 1 
ATOM   29  C  "C1'" . U   A 1 2  ? -1.78168  12.59107  4.96273   1.000 30.31942  ? 2   U   A "C1'" 1 
ATOM   30  N  N1    . U   A 1 2  ? -1.49367  11.18159  5.32227   1.000 29.91674  ? 2   U   A N1    1 
ATOM   31  C  C2    . U   A 1 2  ? -0.20338  10.73899  5.08960   1.000 30.39049  ? 2   U   A C2    1 
ATOM   32  O  O2    . U   A 1 2  ? 0.64777   11.42991  4.57014   1.000 31.02214  ? 2   U   A O2    1 
ATOM   33  N  N3    . U   A 1 2  ? 0.05134   9.45039   5.46310   1.000 28.89557  ? 2   U   A N3    1 
ATOM   34  C  C4    . U   A 1 2  ? -0.83928  8.56237   6.03028   1.000 30.17993  ? 2   U   A C4    1 
ATOM   35  O  O4    . U   A 1 2  ? -0.44375  7.43145   6.30178   1.000 27.51119  ? 2   U   A O4    1 
ATOM   36  C  C5    . U   A 1 2  ? -2.16124  9.08178   6.23801   1.000 28.89820  ? 2   U   A C5    1 
ATOM   37  C  C6    . U   A 1 2  ? -2.43150  10.34882  5.89410   1.000 32.42757  ? 2   U   A C6    1 
ATOM   38  P  P     . G   A 1 3  ? -4.45598  12.17190  1.02638   1.000 40.41537  ? 3   G   A P     1 
ATOM   39  O  OP1   . G   A 1 3  ? -5.22508  12.96406  0.03091   1.000 45.10804  ? 3   G   A OP1   1 
ATOM   40  O  OP2   . G   A 1 3  ? -4.98540  10.87535  1.52179   1.000 38.18353  ? 3   G   A OP2   1 
ATOM   41  O  "O5'" . G   A 1 3  ? -3.03740  11.83782  0.39071   1.000 43.44731  ? 3   G   A "O5'" 1 
ATOM   42  C  "C5'" . G   A 1 3  ? -2.30185  12.83123  -0.29371  1.000 41.95503  ? 3   G   A "C5'" 1 
ATOM   43  C  "C4'" . G   A 1 3  ? -0.92317  12.34377  -0.64857  1.000 43.08411  ? 3   G   A "C4'" 1 
ATOM   44  O  "O4'" . G   A 1 3  ? -0.15186  12.09932  0.56305   1.000 39.17575  ? 3   G   A "O4'" 1 
ATOM   45  C  "C3'" . G   A 1 3  ? -0.82907  11.01924  -1.38869  1.000 39.32050  ? 3   G   A "C3'" 1 
ATOM   46  O  "O3'" . G   A 1 3  ? -1.16631  11.08613  -2.76854  1.000 45.89234  ? 3   G   A "O3'" 1 
ATOM   47  C  "C2'" . G   A 1 3  ? 0.62017   10.64594  -1.14044  1.000 38.61252  ? 3   G   A "C2'" 1 
ATOM   48  O  "O2'" . G   A 1 3  ? 1.46490   11.48103  -1.90689  1.000 36.30962  ? 3   G   A "O2'" 1 
ATOM   49  C  "C1'" . G   A 1 3  ? 0.76901   11.04636  0.32491   1.000 35.38582  ? 3   G   A "C1'" 1 
ATOM   50  N  N9    . G   A 1 3  ? 0.43758   9.89946   1.18132   1.000 34.31990  ? 3   G   A N9    1 
ATOM   51  C  C8    . G   A 1 3  ? -0.74825  9.61747   1.81439   1.000 28.69028  ? 3   G   A C8    1 
ATOM   52  N  N7    . G   A 1 3  ? -0.71811  8.48983   2.47032   1.000 33.64351  ? 3   G   A N7    1 
ATOM   53  C  C5    . G   A 1 3  ? 0.56119   8.00135   2.24360   1.000 31.24322  ? 3   G   A C5    1 
ATOM   54  C  C6    . G   A 1 3  ? 1.17431   6.81226   2.70175   1.000 27.12957  ? 3   G   A C6    1 
ATOM   55  O  O6    . G   A 1 3  ? 0.68167   5.94546   3.43147   1.000 30.58261  ? 3   G   A O6    1 
ATOM   56  N  N1    . G   A 1 3  ? 2.48876   6.70765   2.24005   1.000 28.37445  ? 3   G   A N1    1 
ATOM   57  C  C2    . G   A 1 3  ? 3.12595   7.61394   1.43416   1.000 26.61898  ? 3   G   A C2    1 
ATOM   58  N  N2    . G   A 1 3  ? 4.39591   7.32691   1.08956   1.000 32.31440  ? 3   G   A N2    1 
ATOM   59  N  N3    . G   A 1 3  ? 2.55649   8.73281   0.99471   1.000 30.72210  ? 3   G   A N3    1 
ATOM   60  C  C4    . G   A 1 3  ? 1.28851   8.85387   1.44636   1.000 31.66169  ? 3   G   A C4    1 
ATOM   61  P  P     . G   A 1 4  ? -1.78238  9.79696   -3.52466  1.000 42.99989  ? 4   G   A P     1 
ATOM   62  O  OP1   . G   A 1 4  ? -2.19355  10.22703  -4.88401  1.000 50.70608  ? 4   G   A OP1   1 
ATOM   63  O  OP2   . G   A 1 4  ? -2.73117  9.08859   -2.62602  1.000 46.29239  ? 4   G   A OP2   1 
ATOM   64  O  "O5'" . G   A 1 4  ? -0.54256  8.81565   -3.71745  1.000 37.83348  ? 4   G   A "O5'" 1 
ATOM   65  C  "C5'" . G   A 1 4  ? 0.58723   9.21782   -4.47174  1.000 42.19190  ? 4   G   A "C5'" 1 
ATOM   66  C  "C4'" . G   A 1 4  ? 1.77968   8.34705   -4.17976  1.000 37.41238  ? 4   G   A "C4'" 1 
ATOM   67  O  "O4'" . G   A 1 4  ? 2.01104   8.29556   -2.74747  1.000 35.92799  ? 4   G   A "O4'" 1 
ATOM   68  C  "C3'" . G   A 1 4  ? 1.66062   6.88225   -4.56703  1.000 34.57257  ? 4   G   A "C3'" 1 
ATOM   69  O  "O3'" . G   A 1 4  ? 1.85946   6.64062   -5.94694  1.000 39.87583  ? 4   G   A "O3'" 1 
ATOM   70  C  "C2'" . G   A 1 4  ? 2.72114   6.24304   -3.69103  1.000 36.89653  ? 4   G   A "C2'" 1 
ATOM   71  O  "O2'" . G   A 1 4  ? 4.01271   6.53576   -4.20211  1.000 39.36525  ? 4   G   A "O2'" 1 
ATOM   72  C  "C1'" . G   A 1 4  ? 2.53907   7.03327   -2.39899  1.000 38.59147  ? 4   G   A "C1'" 1 
ATOM   73  N  N9    . G   A 1 4  ? 1.60811   6.35813   -1.47577  1.000 30.19836  ? 4   G   A N9    1 
ATOM   74  C  C8    . G   A 1 4  ? 0.31850   6.69608   -1.13631  1.000 30.37206  ? 4   G   A C8    1 
ATOM   75  N  N7    . G   A 1 4  ? -0.20864  5.86903   -0.26273  1.000 31.77749  ? 4   G   A N7    1 
ATOM   76  C  C5    . G   A 1 4  ? 0.79779   4.92667   -0.04278  1.000 27.97441  ? 4   G   A C5    1 
ATOM   77  C  C6    . G   A 1 4  ? 0.81931   3.78002   0.78618   1.000 25.54254  ? 4   G   A C6    1 
ATOM   78  O  O6    . G   A 1 4  ? -0.08315  3.35943   1.52126   1.000 30.37733  ? 4   G   A O6    1 
ATOM   79  N  N1    . G   A 1 4  ? 2.04356   3.12013   0.70875   1.000 27.05061  ? 4   G   A N1    1 
ATOM   80  C  C2    . G   A 1 4  ? 3.10392   3.48829   -0.07150  1.000 28.95084  ? 4   G   A C2    1 
ATOM   81  N  N2    . G   A 1 4  ? 4.21124   2.72269   -0.02379  1.000 33.44348  ? 4   G   A N2    1 
ATOM   82  N  N3    . G   A 1 4  ? 3.09355   4.56251   -0.84945  1.000 30.38785  ? 4   G   A N3    1 
ATOM   83  C  C4    . G   A 1 4  ? 1.91068   5.21326   -0.78439  1.000 30.25626  ? 4   G   A C4    1 
ATOM   84  P  P     . G   A 1 5  ? 1.21393   5.34304   -6.64629  1.000 40.21272  ? 5   G   A P     1 
ATOM   85  O  OP1   . G   A 1 5  ? 1.45397   5.49375   -8.10086  1.000 43.15781  ? 5   G   A OP1   1 
ATOM   86  O  OP2   . G   A 1 5  ? -0.17109  5.11306   -6.16255  1.000 40.31010  ? 5   G   A OP2   1 
ATOM   87  O  "O5'" . G   A 1 5  ? 2.07005   4.11483   -6.10193  1.000 37.92297  ? 5   G   A "O5'" 1 
ATOM   88  C  "C5'" . G   A 1 5  ? 3.46214   4.00302   -6.36010  1.000 41.97082  ? 5   G   A "C5'" 1 
ATOM   89  C  "C4'" . G   A 1 5  ? 4.02967   2.76066   -5.71991  1.000 35.39372  ? 5   G   A "C4'" 1 
ATOM   90  O  "O4'" . G   A 1 5  ? 3.87433   2.83885   -4.28077  1.000 36.87284  ? 5   G   A "O4'" 1 
ATOM   91  C  "C3'" . G   A 1 5  ? 3.34889   1.45358   -6.10062  1.000 39.49421  ? 5   G   A "C3'" 1 
ATOM   92  O  "O3'" . G   A 1 5  ? 3.83296   0.94352   -7.32964  1.000 45.91866  ? 5   G   A "O3'" 1 
ATOM   93  C  "C2'" . G   A 1 5  ? 3.64698   0.55366   -4.90664  1.000 37.73084  ? 5   G   A "C2'" 1 
ATOM   94  O  "O2'" . G   A 1 5  ? 4.95521   0.00896   -4.99511  1.000 44.01580  ? 5   G   A "O2'" 1 
ATOM   95  C  "C1'" . G   A 1 5  ? 3.62414   1.55367   -3.75105  1.000 37.11234  ? 5   G   A "C1'" 1 
ATOM   96  N  N9    . G   A 1 5  ? 2.33325   1.58795   -3.04048  1.000 30.26415  ? 5   G   A N9    1 
ATOM   97  C  C8    . G   A 1 5  ? 1.30711   2.47392   -3.25990  1.000 31.49062  ? 5   G   A C8    1 
ATOM   98  N  N7    . G   A 1 5  ? 0.29086   2.28028   -2.46667  1.000 27.61384  ? 5   G   A N7    1 
ATOM   99  C  C5    . G   A 1 5  ? 0.67085   1.21942   -1.65245  1.000 28.23233  ? 5   G   A C5    1 
ATOM   100 C  C6    . G   A 1 5  ? -0.02447  0.55650   -0.60233  1.000 27.29011  ? 5   G   A C6    1 
ATOM   101 O  O6    . G   A 1 5  ? -1.14020  0.80636   -0.14491  1.000 28.14811  ? 5   G   A O6    1 
ATOM   102 N  N1    . G   A 1 5  ? 0.72867   -0.47583  -0.04593  1.000 27.85334  ? 5   G   A N1    1 
ATOM   103 C  C2    . G   A 1 5  ? 1.98457   -0.83433  -0.46696  1.000 27.88492  ? 5   G   A C2    1 
ATOM   104 N  N2    . G   A 1 5  ? 2.56646   -1.86379  0.17552   1.000 29.46932  ? 5   G   A N2    1 
ATOM   105 N  N3    . G   A 1 5  ? 2.63448   -0.22782  -1.44594  1.000 28.84293  ? 5   G   A N3    1 
ATOM   106 C  C4    . G   A 1 5  ? 1.92211   0.77819   -1.99588  1.000 26.73215  ? 5   G   A C4    1 
ATOM   107 P  P     . U   A 1 6  ? 3.03431   -0.19841  -8.12505  1.000 50.72187  ? 6   U   A P     1 
ATOM   108 O  OP1   . U   A 1 6  ? 3.05923   0.19675   -9.55465  1.000 56.69101  ? 6   U   A OP1   1 
ATOM   109 O  OP2   . U   A 1 6  ? 1.74657   -0.46149  -7.45128  1.000 48.94797  ? 6   U   A OP2   1 
ATOM   110 O  "O5'" . U   A 1 6  ? 3.96116   -1.48000  -7.96626  1.000 47.37147  ? 6   U   A "O5'" 1 
ATOM   111 C  "C5'" . U   A 1 6  ? 5.26646   -1.48144  -8.52230  1.000 46.65033  ? 6   U   A "C5'" 1 
ATOM   112 C  "C4'" . U   A 1 6  ? 6.08156   -2.64869  -8.03351  1.000 44.82906  ? 6   U   A "C4'" 1 
ATOM   113 O  "O4'" . U   A 1 6  ? 6.34037   -2.51818  -6.61136  1.000 46.71613  ? 6   U   A "O4'" 1 
ATOM   114 C  "C3'" . U   A 1 6  ? 5.43620   -4.01692  -8.15723  1.000 42.77355  ? 6   U   A "C3'" 1 
ATOM   115 O  "O3'" . U   A 1 6  ? 5.51847   -4.54421  -9.46502  1.000 45.24753  ? 6   U   A "O3'" 1 
ATOM   116 C  "C2'" . U   A 1 6  ? 6.21042   -4.82748  -7.13132  1.000 46.86878  ? 6   U   A "C2'" 1 
ATOM   117 O  "O2'" . U   A 1 6  ? 7.50029   -5.16505  -7.62777  1.000 50.01126  ? 6   U   A "O2'" 1 
ATOM   118 C  "C1'" . U   A 1 6  ? 6.37741   -3.80045  -6.01720  1.000 43.88947  ? 6   U   A "C1'" 1 
ATOM   119 N  N1    . U   A 1 6  ? 5.27968   -3.90432  -5.03650  1.000 38.67043  ? 6   U   A N1    1 
ATOM   120 C  C2    . U   A 1 6  ? 5.41749   -4.88485  -4.07293  1.000 34.67258  ? 6   U   A C2    1 
ATOM   121 O  O2    . U   A 1 6  ? 6.38939   -5.62518  -4.01120  1.000 42.31560  ? 6   U   A O2    1 
ATOM   122 N  N3    . U   A 1 6  ? 4.38425   -4.96281  -3.18404  1.000 35.00683  ? 6   U   A N3    1 
ATOM   123 C  C4    . U   A 1 6  ? 3.23731   -4.19146  -3.17169  1.000 33.48823  ? 6   U   A C4    1 
ATOM   124 O  O4    . U   A 1 6  ? 2.40786   -4.38112  -2.29570  1.000 35.01999  ? 6   U   A O4    1 
ATOM   125 C  C5    . U   A 1 6  ? 3.15877   -3.20770  -4.21189  1.000 36.67808  ? 6   U   A C5    1 
ATOM   126 C  C6    . U   A 1 6  ? 4.16146   -3.10230  -5.08785  1.000 37.63609  ? 6   U   A C6    1 
ATOM   127 P  P     . C   A 1 7  ? 4.29504   -5.36963  -10.09517 1.000 49.21116  ? 7   C   A P     1 
ATOM   128 O  OP1   . C   A 1 7  ? 4.81385   -6.06044  -11.30181 1.000 51.12455  ? 7   C   A OP1   1 
ATOM   129 O  OP2   . C   A 1 7  ? 3.11302   -4.47366  -10.18107 1.000 46.81614  ? 7   C   A OP2   1 
ATOM   130 O  "O5'" . C   A 1 7  ? 3.93949   -6.46270  -8.99640  1.000 44.77642  ? 7   C   A "O5'" 1 
ATOM   131 C  "C5'" . C   A 1 7  ? 4.83073   -7.51820  -8.67663  1.000 44.83959  ? 7   C   A "C5'" 1 
ATOM   132 C  "C4'" . C   A 1 7  ? 4.35209   -8.26653  -7.46009  1.000 44.61588  ? 7   C   A "C4'" 1 
ATOM   133 O  "O4'" . C   A 1 7  ? 4.16430   -7.34809  -6.34645  1.000 42.06820  ? 7   C   A "O4'" 1 
ATOM   134 C  "C3'" . C   A 1 7  ? 3.00089   -8.93444  -7.61176  1.000 41.72342  ? 7   C   A "C3'" 1 
ATOM   135 O  "O3'" . C   A 1 7  ? 3.08271   -10.16199 -8.30615  1.000 45.93972  ? 7   C   A "O3'" 1 
ATOM   136 C  "C2'" . C   A 1 7  ? 2.52785   -9.06308  -6.17176  1.000 36.71493  ? 7   C   A "C2'" 1 
ATOM   137 O  "O2'" . C   A 1 7  ? 3.15299   -10.17024 -5.53528  1.000 42.08136  ? 7   C   A "O2'" 1 
ATOM   138 C  "C1'" . C   A 1 7  ? 3.05683   -7.75530  -5.56698  1.000 37.86243  ? 7   C   A "C1'" 1 
ATOM   139 N  N1    . C   A 1 7  ? 2.02196   -6.69761  -5.62781  1.000 35.47794  ? 7   C   A N1    1 
ATOM   140 C  C2    . C   A 1 7  ? 1.01701   -6.72611  -4.66371  1.000 33.36716  ? 7   C   A C2    1 
ATOM   141 O  O2    . C   A 1 7  ? 1.06843   -7.59470  -3.78051  1.000 36.62018  ? 7   C   A O2    1 
ATOM   142 N  N3    . C   A 1 7  ? 0.03050   -5.80106  -4.70195  1.000 32.39336  ? 7   C   A N3    1 
ATOM   143 C  C4    . C   A 1 7  ? 0.01055   -4.88319  -5.66654  1.000 34.80680  ? 7   C   A C4    1 
ATOM   144 N  N4    . C   A 1 7  ? -0.99558  -4.00669  -5.65162  1.000 32.44600  ? 7   C   A N4    1 
ATOM   145 C  C5    . C   A 1 7  ? 1.01916   -4.83350  -6.67397  1.000 31.96962  ? 7   C   A C5    1 
ATOM   146 C  C6    . C   A 1 7  ? 1.98976   -5.75745  -6.62297  1.000 36.66229  ? 7   C   A C6    1 
ATOM   147 P  P     . G   A 1 8  ? 2.05497   -10.48131 -9.49365  1.000 44.76063  ? 8   G   A P     1 
ATOM   148 O  OP1   . G   A 1 8  ? 2.40187   -11.80030 -10.05616 1.000 48.42686  ? 8   G   A OP1   1 
ATOM   149 O  OP2   . G   A 1 8  ? 1.96023   -9.28066  -10.35971 1.000 51.09034  ? 8   G   A OP2   1 
ATOM   150 O  "O5'" . G   A 1 8  ? 0.66112   -10.61150 -8.72961  1.000 41.06282  ? 8   G   A "O5'" 1 
ATOM   151 C  "C5'" . G   A 1 8  ? 0.47247   -11.62671 -7.76137  1.000 38.84676  ? 8   G   A "C5'" 1 
ATOM   152 C  "C4'" . G   A 1 8  ? -0.80604  -11.39602 -7.00371  1.000 38.14142  ? 8   G   A "C4'" 1 
ATOM   153 O  "O4'" . G   A 1 8  ? -0.74464  -10.12288 -6.30729  1.000 38.33881  ? 8   G   A "O4'" 1 
ATOM   154 C  "C3'" . G   A 1 8  ? -2.06022  -11.28320 -7.84908  1.000 37.45449  ? 8   G   A "C3'" 1 
ATOM   155 O  "O3'" . G   A 1 8  ? -2.55911  -12.54089 -8.25795  1.000 42.04715  ? 8   G   A "O3'" 1 
ATOM   156 C  "C2'" . G   A 1 8  ? -3.00609  -10.53084 -6.92357  1.000 35.80429  ? 8   G   A "C2'" 1 
ATOM   157 O  "O2'" . G   A 1 8  ? -3.58484  -11.41255 -5.97113  1.000 36.54386  ? 8   G   A "O2'" 1 
ATOM   158 C  "C1'" . G   A 1 8  ? -2.04113  -9.56610  -6.21575  1.000 36.02011  ? 8   G   A "C1'" 1 
ATOM   159 N  N9    . G   A 1 8  ? -2.06693  -8.26233  -6.90594  1.000 35.31213  ? 8   G   A N9    1 
ATOM   160 C  C8    . G   A 1 8  ? -1.24578  -7.80592  -7.90933  1.000 45.55283  ? 8   G   A C8    1 
ATOM   161 N  N7    . G   A 1 8  ? -1.60158  -6.63080  -8.35983  1.000 37.90191  ? 8   G   A N7    1 
ATOM   162 C  C5    . G   A 1 8  ? -2.73876  -6.30458  -7.63902  1.000 37.21236  ? 8   G   A C5    1 
ATOM   163 C  C6    . G   A 1 8  ? -3.58170  -5.16680  -7.68228  1.000 41.13914  ? 8   G   A C6    1 
ATOM   164 O  O6    . G   A 1 8  ? -3.48016  -4.17662  -8.40649  1.000 42.72881  ? 8   G   A O6    1 
ATOM   165 N  N1    . G   A 1 8  ? -4.63707  -5.25614  -6.77439  1.000 34.42255  ? 8   G   A N1    1 
ATOM   166 C  C2    . G   A 1 8  ? -4.85516  -6.30768  -5.91791  1.000 33.25136  ? 8   G   A C2    1 
ATOM   167 N  N2    . G   A 1 8  ? -5.92185  -6.23237  -5.09797  1.000 32.58285  ? 8   G   A N2    1 
ATOM   168 N  N3    . G   A 1 8  ? -4.06369  -7.36155  -5.86266  1.000 29.72988  ? 8   G   A N3    1 
ATOM   169 C  C4    . G   A 1 8  ? -3.04919  -7.30758  -6.74939  1.000 31.78276  ? 8   G   A C4    1 
ATOM   170 P  P     . C   A 1 9  ? -2.86893  -12.83122 -9.80579  1.000 44.84485  ? 9   C   A P     1 
ATOM   171 O  OP1   . C   A 1 9  ? -3.02919  -14.29467 -9.93908  1.000 44.76589  ? 9   C   A OP1   1 
ATOM   172 O  OP2   . C   A 1 9  ? -1.86400  -12.14779 -10.66079 1.000 47.91364  ? 9   C   A OP2   1 
ATOM   173 O  "O5'" . C   A 1 9  ? -4.26793  -12.11232 -10.05511 1.000 43.37362  ? 9   C   A "O5'" 1 
ATOM   174 C  "C5'" . C   A 1 9  ? -4.76499  -11.95157 -11.37477 1.000 44.27110  ? 9   C   A "C5'" 1 
ATOM   175 C  "C4'" . C   A 1 9  ? -6.20222  -11.50792 -11.37494 1.000 41.54709  ? 9   C   A "C4'" 1 
ATOM   176 O  "O4'" . C   A 1 9  ? -7.05128  -12.60510 -10.94173 1.000 40.37853  ? 9   C   A "O4'" 1 
ATOM   177 C  "C3'" . C   A 1 9  ? -6.55067  -10.37614 -10.42468 1.000 41.94450  ? 9   C   A "C3'" 1 
ATOM   178 O  "O3'" . C   A 1 9  ? -6.24538  -9.10234  -10.95499 1.000 42.36297  ? 9   C   A "O3'" 1 
ATOM   179 C  "C2'" . C   A 1 9  ? -8.03743  -10.58004 -10.19547 1.000 39.58106  ? 9   C   A "C2'" 1 
ATOM   180 O  "O2'" . C   A 1 9  ? -8.78641  -10.09438 -11.30200 1.000 43.22360  ? 9   C   A "O2'" 1 
ATOM   181 C  "C1'" . C   A 1 9  ? -8.13513  -12.10320 -10.19367 1.000 39.13627  ? 9   C   A "C1'" 1 
ATOM   182 N  N1    . C   A 1 9  ? -8.08506  -12.68691 -8.83682  1.000 37.79664  ? 9   C   A N1    1 
ATOM   183 C  C2    . C   A 1 9  ? -9.22688  -12.59363 -8.05112  1.000 37.30184  ? 9   C   A C2    1 
ATOM   184 O  O2    . C   A 1 9  ? -10.21007 -12.00674 -8.51140  1.000 42.76565  ? 9   C   A O2    1 
ATOM   185 N  N3    . C   A 1 9  ? -9.22849  -13.15543 -6.82749  1.000 36.59649  ? 9   C   A N3    1 
ATOM   186 C  C4    . C   A 1 9  ? -8.15128  -13.78890 -6.37988  1.000 38.00982  ? 9   C   A C4    1 
ATOM   187 N  N4    . C   A 1 9  ? -8.20085  -14.33745 -5.16785  1.000 36.79125  ? 9   C   A N4    1 
ATOM   188 C  C5    . C   A 1 9  ? -6.96397  -13.90255 -7.16315  1.000 36.98865  ? 9   C   A C5    1 
ATOM   189 C  C6    . C   A 1 9  ? -6.98155  -13.34555 -8.37792  1.000 42.06820  ? 9   C   A C6    1 
ATOM   190 P  P     . A   A 1 10 ? -5.65684  -7.95072  -10.00749 1.000 42.28139  ? 10  A   A P     1 
ATOM   191 O  OP1   . A   A 1 10 ? -5.44545  -6.76257  -10.87574 1.000 46.27660  ? 10  A   A OP1   1 
ATOM   192 O  OP2   . A   A 1 10 ? -4.50176  -8.52087  -9.26503  1.000 38.54673  ? 10  A   A OP2   1 
ATOM   193 O  "O5'" . A   A 1 10 ? -6.81166  -7.64090  -8.95608  1.000 39.94426  ? 10  A   A "O5'" 1 
ATOM   194 C  "C5'" . A   A 1 10 ? -8.11235  -7.24106  -9.37261  1.000 41.47866  ? 10  A   A "C5'" 1 
ATOM   195 C  "C4'" . A   A 1 10 ? -9.10047  -7.34874  -8.24019  1.000 43.64997  ? 10  A   A "C4'" 1 
ATOM   196 O  "O4'" . A   A 1 10 ? -9.17132  -8.72197  -7.78310  1.000 40.21272  ? 10  A   A "O4'" 1 
ATOM   197 C  "C3'" . A   A 1 10 ? -8.75460  -6.54064  -6.99850  1.000 47.18724  ? 10  A   A "C3'" 1 
ATOM   198 O  "O3'" . A   A 1 10 ? -9.24808  -5.21685  -7.10067  1.000 40.75489  ? 10  A   A "O3'" 1 
ATOM   199 C  "C2'" . A   A 1 10 ? -9.39558  -7.33280  -5.85965  1.000 39.85215  ? 10  A   A "C2'" 1 
ATOM   200 O  "O2'" . A   A 1 10 ? -10.77246 -7.00209  -5.72781  1.000 42.72091  ? 10  A   A "O2'" 1 
ATOM   201 C  "C1'" . A   A 1 10 ? -9.31904  -8.76491  -6.38071  1.000 36.28593  ? 10  A   A "C1'" 1 
ATOM   202 N  N9    . A   A 1 10 ? -8.22891  -9.59093  -5.82940  1.000 33.28294  ? 10  A   A N9    1 
ATOM   203 C  C8    . A   A 1 10 ? -6.97923  -9.80890  -6.36330  1.000 32.33546  ? 10  A   A C8    1 
ATOM   204 N  N7    . A   A 1 10 ? -6.26528  -10.67644 -5.68511  1.000 36.79389  ? 10  A   A N7    1 
ATOM   205 C  C5    . A   A 1 10 ? -7.11287  -11.08448 -4.66062  1.000 34.74364  ? 10  A   A C5    1 
ATOM   206 C  C6    . A   A 1 10 ? -6.95866  -11.99838 -3.60171  1.000 32.71971  ? 10  A   A C6    1 
ATOM   207 N  N6    . A   A 1 10 ? -5.84036  -12.70064 -3.39071  1.000 35.75429  ? 10  A   A N6    1 
ATOM   208 N  N1    . A   A 1 10 ? -7.99423  -12.16349 -2.74853  1.000 34.37254  ? 10  A   A N1    1 
ATOM   209 C  C2    . A   A 1 10 ? -9.11276  -11.46179 -2.96361  1.000 34.85418  ? 10  A   A C2    1 
ATOM   210 N  N3    . A   A 1 10 ? -9.37036  -10.57679 -3.92538  1.000 33.53560  ? 10  A   A N3    1 
ATOM   211 C  C4    . A   A 1 10 ? -8.32686  -10.43681 -4.75030  1.000 32.03805  ? 10  A   A C4    1 
ATOM   212 P  P     . G   A 1 11 ? -8.35325  -3.95368  -6.68121  1.000 40.76015  ? 11  G   A P     1 
ATOM   213 O  OP1   . G   A 1 11 ? -9.26131  -2.78714  -6.81496  1.000 47.84258  ? 11  G   A OP1   1 
ATOM   214 O  OP2   . G   A 1 11 ? -7.02022  -3.96833  -7.34562  1.000 40.53907  ? 11  G   A OP2   1 
ATOM   215 O  "O5'" . G   A 1 11 ? -8.05652  -4.21133  -5.15196  1.000 33.20661  ? 11  G   A "O5'" 1 
ATOM   216 C  "C5'" . G   A 1 11 ? -9.09310  -4.09939  -4.18723  1.000 39.58896  ? 11  G   A "C5'" 1 
ATOM   217 C  "C4'" . G   A 1 11 ? -8.64408  -3.22065  -3.05723  1.000 34.15146  ? 11  G   A "C4'" 1 
ATOM   218 O  "O4'" . G   A 1 11 ? -7.45991  -3.81787  -2.47453  1.000 31.23006  ? 11  G   A "O4'" 1 
ATOM   219 C  "C3'" . G   A 1 11 ? -8.24787  -1.80741  -3.48362  1.000 32.16701  ? 11  G   A "C3'" 1 
ATOM   220 O  "O3'" . G   A 1 11 ? -8.57313  -0.87779  -2.45786  1.000 37.04655  ? 11  G   A "O3'" 1 
ATOM   221 C  "C2'" . G   A 1 11 ? -6.73398  -1.89963  -3.62782  1.000 30.45102  ? 11  G   A "C2'" 1 
ATOM   222 O  "O2'" . G   A 1 11 ? -6.05947  -0.68038  -3.42545  1.000 32.24071  ? 11  G   A "O2'" 1 
ATOM   223 C  "C1'" . G   A 1 11 ? -6.37258  -2.91179  -2.55099  1.000 27.76386  ? 11  G   A "C1'" 1 
ATOM   224 N  N9    . G   A 1 11 ? -5.18088  -3.68129  -2.88687  1.000 28.55079  ? 11  G   A N9    1 
ATOM   225 C  C8    . G   A 1 11 ? -4.32986  -3.44954  -3.94690  1.000 28.44552  ? 11  G   A C8    1 
ATOM   226 N  N7    . G   A 1 11 ? -3.33232  -4.28836  -3.97828  1.000 28.97453  ? 11  G   A N7    1 
ATOM   227 C  C5    . G   A 1 11 ? -3.54518  -5.12185  -2.87989  1.000 30.29311  ? 11  G   A C5    1 
ATOM   228 C  C6    . G   A 1 11 ? -2.79634  -6.22124  -2.40280  1.000 30.68526  ? 11  G   A C6    1 
ATOM   229 O  O6    . G   A 1 11 ? -1.77266  -6.71286  -2.88110  1.000 31.20111  ? 11  G   A O6    1 
ATOM   230 N  N1    . G   A 1 11 ? -3.36014  -6.79115  -1.26578  1.000 28.92189  ? 11  G   A N1    1 
ATOM   231 C  C2    . G   A 1 11 ? -4.50490  -6.33687  -0.65728  1.000 28.72976  ? 11  G   A C2    1 
ATOM   232 N  N2    . G   A 1 11 ? -4.90302  -7.01493  0.44008   1.000 28.50605  ? 11  G   A N2    1 
ATOM   233 N  N3    . G   A 1 11 ? -5.21624  -5.30492  -1.08677  1.000 27.76122  ? 11  G   A N3    1 
ATOM   234 C  C4    . G   A 1 11 ? -4.68183  -4.75583  -2.19695  1.000 28.47447  ? 11  G   A C4    1 
ATOM   235 P  P     . U   A 1 12 ? -10.03824 -0.22817  -2.42369  1.000 42.24191  ? 12  U   A P     1 
ATOM   236 O  OP1   . U   A 1 12 ? -10.83532 -0.77926  -3.54731  1.000 55.97250  ? 12  U   A OP1   1 
ATOM   237 O  OP2   . U   A 1 12 ? -9.92061  1.23676   -2.25410  1.000 55.97513  ? 12  U   A OP2   1 
ATOM   238 O  "O5'" . U   A 1 12 ? -10.67256 -0.84448  -1.10807  1.000 60.43619  ? 12  U   A "O5'" 1 
ATOM   239 C  "C5'" . U   A 1 12 ? -11.78988 -0.23869  -0.47561  1.000 60.53357  ? 12  U   A "C5'" 1 
ATOM   240 C  "C4'" . U   A 1 12 ? -11.52805 -0.06739  0.99471   1.000 49.39276  ? 12  U   A "C4'" 1 
ATOM   241 O  "O4'" . U   A 1 12 ? -11.21663 -1.37070  1.56464   1.000 55.88565  ? 12  U   A "O4'" 1 
ATOM   242 C  "C3'" . U   A 1 12 ? -10.34486 0.84601   1.32644   1.000 52.54841  ? 12  U   A "C3'" 1 
ATOM   243 O  "O3'" . U   A 1 12 ? -10.61869 1.59003   2.51406   1.000 64.16296  ? 12  U   A "O3'" 1 
ATOM   244 C  "C2'" . U   A 1 12 ? -9.21360  -0.14685  1.58841   1.000 41.16283  ? 12  U   A "C2'" 1 
ATOM   245 O  "O2'" . U   A 1 12 ? -8.18177  0.34692   2.41993   1.000 45.45282  ? 12  U   A "O2'" 1 
ATOM   246 C  "C1'" . U   A 1 12 ? -9.97091  -1.31432  2.22443   1.000 41.14704  ? 12  U   A "C1'" 1 
ATOM   247 N  N1    . U   A 1 12 ? -9.28821  -2.61796  2.09705   1.000 42.61037  ? 12  U   A N1    1 
ATOM   248 C  C2    . U   A 1 12 ? -9.33574  -3.47875  3.17999   1.000 36.27540  ? 12  U   A C2    1 
ATOM   249 O  O2    . U   A 1 12 ? -9.93285  -3.21008  4.19629   1.000 38.63358  ? 12  U   A O2    1 
ATOM   250 N  N3    . U   A 1 12 ? -8.65944  -4.66344  3.04986   1.000 31.41956  ? 12  U   A N3    1 
ATOM   251 C  C4    . U   A 1 12 ? -7.93364  -5.07721  1.95423   1.000 28.61396  ? 12  U   A C4    1 
ATOM   252 O  O4    . U   A 1 12 ? -7.37451  -6.17400  1.97488   1.000 29.46669  ? 12  U   A O4    1 
ATOM   253 C  C5    . U   A 1 12 ? -7.93459  -4.15260  0.86430   1.000 28.12179  ? 12  U   A C5    1 
ATOM   254 C  C6    . U   A 1 12 ? -8.58203  -2.97974  0.97234   1.000 37.01496  ? 12  U   A C6    1 
ATOM   255 P  P     A N   A 1 13 ? -11.27103 3.05772   2.41732   0.630 51.51407  ? 13  N   A P     1 
ATOM   256 P  P     B N   A 1 13 ? -11.99913 2.40311   2.68279   0.370 63.24179  ? 13  N   A P     1 
ATOM   257 O  OP1   A N   A 1 13 ? -11.30373 3.48414   0.96856   0.630 58.60176  ? 13  N   A OP1   1 
ATOM   258 O  OP1   B N   A 1 13 ? -12.91469 1.59918   3.57453   0.370 63.64974  ? 13  N   A OP1   1 
ATOM   259 O  OP2   A N   A 1 13 ? -10.56421 3.93523   3.42569   0.630 50.16654  ? 13  N   A OP2   1 
ATOM   260 O  OP2   B N   A 1 13 ? -12.49792 2.85115   1.32815   0.370 64.32087  ? 13  N   A OP2   1 
ATOM   261 O  "O5'" A N   A 1 13 ? -12.78057 2.82844   2.87470   0.630 60.26249  ? 13  N   A "O5'" 1 
ATOM   262 O  "O5'" B N   A 1 13 ? -11.56813 3.71153   3.48037   0.370 61.33630  ? 13  N   A "O5'" 1 
ATOM   263 C  "C5'" A N   A 1 13 ? -13.08197 2.12732   4.06928   0.630 67.08962  ? 13  N   A "C5'" 1 
ATOM   264 C  "C5'" B N   A 1 13 ? -12.54121 4.59472   4.01477   0.370 64.14453  ? 13  N   A "C5'" 1 
ATOM   265 C  "C4'" A N   A 1 13 ? -14.20935 2.78853   4.82048   0.630 76.10123  ? 13  N   A "C4'" 1 
ATOM   266 C  "C4'" B N   A 1 13 ? -12.24200 4.92726   5.45419   0.370 73.34827  ? 13  N   A "C4'" 1 
ATOM   267 O  "O4'" A N   A 1 13 ? -15.48287 2.24886   4.37779   0.630 85.88661  ? 13  N   A "O4'" 1 
ATOM   268 O  "O4'" B N   A 1 13 ? -11.90988 6.32340   5.57789   0.370 72.19550  ? 13  N   A "O4'" 1 
ATOM   269 C  "C3'" A N   A 1 13 ? -14.22140 2.57770   6.32504   0.630 85.34708  ? 13  N   A "C3'" 1 
ATOM   270 C  "C3'" B N   A 1 13 ? -13.39614 4.70524   6.43791   0.370 85.67343  ? 13  N   A "C3'" 1 
ATOM   271 O  "O3'" A N   A 1 13 ? -13.34044 3.45366   7.00448   0.630 90.50296  ? 13  N   A "O3'" 1 
ATOM   272 O  "O3'" B N   A 1 13 ? -13.41244 3.41506   7.05139   0.370 90.01079  ? 13  N   A "O3'" 1 
ATOM   273 C  "C2'" A N   A 1 13 ? -15.68601 2.79618   6.67762   0.630 89.43441  ? 13  N   A "C2'" 1 
ATOM   274 C  "C2'" B N   A 1 13 ? -13.37509 5.92302   7.39065   0.370 79.06211  ? 13  N   A "C2'" 1 
ATOM   275 O  "O2'" A N   A 1 13 ? -15.99082 4.18361   6.70262   0.630 95.37459  ? 13  N   A "O2'" 1 
ATOM   276 O  "O2'" B N   A 1 13 ? -13.11112 5.54907   8.73423   0.370 78.70417  ? 13  N   A "O2'" 1 
ATOM   277 C  "C1'" A N   A 1 13 ? -16.37862 2.17253   5.46706   0.630 86.69987  ? 13  N   A "C1'" 1 
ATOM   278 C  "C1'" B N   A 1 13 ? -12.20210 6.75680   6.87374   0.370 72.17444  ? 13  N   A "C1'" 1 
ATOM   279 P  P     . N   A 1 14 ? -12.23171 2.87882   8.01797   1.000 93.91126  ? 14  N   A P     1 
ATOM   280 O  OP1   . N   A 1 14 ? -12.74387 3.01936   9.43204   1.000 93.16117  ? 14  N   A OP1   1 
ATOM   281 O  OP2   . N   A 1 14 ? -10.88458 3.46737   7.66292   1.000 89.13964  ? 14  N   A OP2   1 
ATOM   282 O  "O5'" . N   A 1 14 ? -12.16341 1.31741   7.70101   1.000 82.56253  ? 14  N   A "O5'" 1 
ATOM   283 C  "C5'" . N   A 1 14 ? -10.97809 0.58319   7.97169   1.000 54.15123  ? 14  N   A "C5'" 1 
ATOM   284 C  "C4'" . N   A 1 14 ? -11.22676 -0.90385  8.05877   1.000 44.35795  ? 14  N   A "C4'" 1 
ATOM   285 O  "O4'" . N   A 1 14 ? -12.29994 -1.29701  7.15986   1.000 50.29550  ? 14  N   A "O4'" 1 
ATOM   286 C  "C3'" . N   A 1 14 ? -10.04346 -1.78636  7.67661   1.000 43.20255  ? 14  N   A "C3'" 1 
ATOM   287 O  "O3'" . N   A 1 14 ? -9.17981  -2.01229  8.77770   1.000 46.04763  ? 14  N   A "O3'" 1 
ATOM   288 C  "C2'" . N   A 1 14 ? -10.70614 -3.06152  7.15857   1.000 38.62305  ? 14  N   A "C2'" 1 
ATOM   289 O  "O2'" . N   A 1 14 ? -11.05881 -3.92135  8.22830   1.000 44.18161  ? 14  N   A "O2'" 1 
ATOM   290 C  "C1'" . N   A 1 14 ? -11.99161 -2.52153  6.53408   1.000 52.63789  ? 14  N   A "C1'" 1 
ATOM   291 P  P     . C   A 1 15 ? -7.61379  -1.65260  8.71997   1.000 45.40018  ? 15  C   A P     1 
ATOM   292 O  OP1   . C   A 1 15 ? -7.13346  -1.71634  10.12313  1.000 51.12455  ? 15  C   A OP1   1 
ATOM   293 O  OP2   . C   A 1 15 ? -7.38898  -0.42439  7.92293   1.000 43.58417  ? 15  C   A OP2   1 
ATOM   294 O  "O5'" . C   A 1 15 ? -6.95290  -2.86699  7.93741   1.000 41.16809  ? 15  C   A "O5'" 1 
ATOM   295 C  "C5'" . C   A 1 15 ? -6.98503  -4.17860  8.46990   1.000 39.99690  ? 15  C   A "C5'" 1 
ATOM   296 C  "C4'" . C   A 1 15 ? -6.14817  -5.11557  7.64265   1.000 36.16486  ? 15  C   A "C4'" 1 
ATOM   297 O  "O4'" . C   A 1 15 ? -6.71174  -5.23298  6.31129   1.000 36.23329  ? 15  C   A "O4'" 1 
ATOM   298 C  "C3'" . C   A 1 15 ? -4.71836  -4.67437  7.38725   1.000 36.34646  ? 15  C   A "C3'" 1 
ATOM   299 O  "O3'" . C   A 1 15 ? -3.86586  -4.90945  8.48754   1.000 38.02561  ? 15  C   A "O3'" 1 
ATOM   300 C  "C2'" . C   A 1 15 ? -4.35786  -5.46025  6.13940   1.000 34.85155  ? 15  C   A "C2'" 1 
ATOM   301 O  "O2'" . C   A 1 15 ? -4.13252  -6.83388  6.44020   1.000 36.28593  ? 15  C   A "O2'" 1 
ATOM   302 C  "C1'" . C   A 1 15 ? -5.67051  -5.37763  5.36599   1.000 36.02274  ? 15  C   A "C1'" 1 
ATOM   303 N  N1    . C   A 1 15 ? -5.70111  -4.21605  4.45065   1.000 33.88564  ? 15  C   A N1    1 
ATOM   304 C  C2    . C   A 1 15 ? -4.93937  -4.30079  3.28839   1.000 30.44839  ? 15  C   A C2    1 
ATOM   305 O  O2    . C   A 1 15 ? -4.27298  -5.32488  3.07963   1.000 31.76697  ? 15  C   A O2    1 
ATOM   306 N  N3    . C   A 1 15 ? -4.94926  -3.26495  2.41981   1.000 26.56108  ? 15  C   A N3    1 
ATOM   307 C  C4    . C   A 1 15 ? -5.68688  -2.19109  2.68659   1.000 27.81386  ? 15  C   A C4    1 
ATOM   308 N  N4    . C   A 1 15 ? -5.65424  -1.20385  1.79137   1.000 30.50366  ? 15  C   A N4    1 
ATOM   309 C  C5    . C   A 1 15 ? -6.46752  -2.06453  3.87605   1.000 27.95862  ? 15  C   A C5    1 
ATOM   310 C  C6    . C   A 1 15 ? -6.44268  -3.09903  4.72718   1.000 30.66157  ? 15  C   A C6    1 
ATOM   311 P  P     . C   A 1 16 ? -2.58380  -3.98103  8.73901   1.000 40.23904  ? 16  C   A P     1 
ATOM   312 O  OP1   . C   A 1 16 ? -1.99888  -4.43930  10.02493  1.000 46.92142  ? 16  C   A OP1   1 
ATOM   313 O  OP2   . C   A 1 16 ? -2.93210  -2.54103  8.58467   1.000 37.95718  ? 16  C   A OP2   1 
ATOM   314 O  "O5'" . C   A 1 16 ? -1.59135  -4.34311  7.55100   1.000 35.62269  ? 16  C   A "O5'" 1 
ATOM   315 C  "C5'" . C   A 1 16 ? -0.97939  -5.61783  7.47000   1.000 37.29395  ? 16  C   A "C5'" 1 
ATOM   316 C  "C4'" . C   A 1 16 ? 0.04231   -5.66900  6.36290   1.000 32.66181  ? 16  C   A "C4'" 1 
ATOM   317 O  "O4'" . C   A 1 16 ? -0.59974  -5.50822  5.07329   1.000 32.91447  ? 16  C   A "O4'" 1 
ATOM   318 C  "C3'" . C   A 1 16 ? 1.10175   -4.57731  6.37360   1.000 32.02489  ? 16  C   A "C3'" 1 
ATOM   319 O  "O3'" . C   A 1 16 ? 2.12826   -4.81995  7.30345   1.000 38.81518  ? 16  C   A "O3'" 1 
ATOM   320 C  "C2'" . C   A 1 16 ? 1.57892   -4.57524  4.93261   1.000 32.45652  ? 16  C   A "C2'" 1 
ATOM   321 O  "O2'" . C   A 1 16 ? 2.41612   -5.69537  4.68051   1.000 36.41489  ? 16  C   A "O2'" 1 
ATOM   322 C  "C1'" . C   A 1 16 ? 0.27098   -4.81321  4.19490   1.000 35.63848  ? 16  C   A "C1'" 1 
ATOM   323 N  N1    . C   A 1 16 ? -0.39013  -3.56964  3.73861   1.000 30.20099  ? 16  C   A N1    1 
ATOM   324 C  C2    . C   A 1 16 ? 0.12014   -2.91240  2.61323   1.000 26.70583  ? 16  C   A C2    1 
ATOM   325 O  O2    . C   A 1 16 ? 1.13969   -3.36638  2.08070   1.000 28.07179  ? 16  C   A O2    1 
ATOM   326 N  N3    . C   A 1 16 ? -0.51718  -1.81722  2.14779   1.000 26.95850  ? 16  C   A N3    1 
ATOM   327 C  C4    . C   A 1 16 ? -1.60826  -1.37300  2.76541   1.000 25.16354  ? 16  C   A C4    1 
ATOM   328 N  N4    . C   A 1 16 ? -2.21358  -0.28796  2.28728   1.000 27.36907  ? 16  C   A N4    1 
ATOM   329 C  C5    . C   A 1 16 ? -2.15445  -2.02560  3.90715   1.000 27.84018  ? 16  C   A C5    1 
ATOM   330 C  C6    . C   A 1 16 ? -1.51363  -3.10822  4.34885   1.000 29.42984  ? 16  C   A C6    1 
ATOM   331 P  P     . C   A 1 17 ? 2.97628   -3.59905  7.89370   1.000 40.06533  ? 17  C   A P     1 
ATOM   332 O  OP1   . C   A 1 17 ? 3.88173   -4.17369  8.91602   1.000 46.35556  ? 17  C   A OP1   1 
ATOM   333 O  OP2   . C   A 1 17 ? 2.06338   -2.49446  8.27876   1.000 37.70978  ? 17  C   A OP2   1 
ATOM   334 O  "O5'" . C   A 1 17 ? 3.83176   -3.08437  6.65206   1.000 40.01006  ? 17  C   A "O5'" 1 
ATOM   335 C  "C5'" . C   A 1 17 ? 4.86874   -3.88171  6.09880   1.000 39.91005  ? 17  C   A "C5'" 1 
ATOM   336 C  "C4'" . C   A 1 17 ? 5.53687   -3.19035  4.93793   1.000 36.43332  ? 17  C   A "C4'" 1 
ATOM   337 O  "O4'" . C   A 1 17 ? 4.59124   -3.01101  3.85329   1.000 36.34383  ? 17  C   A "O4'" 1 
ATOM   338 C  "C3'" . C   A 1 17 ? 6.04179   -1.78389  5.20782   1.000 36.44384  ? 17  C   A "C3'" 1 
ATOM   339 O  "O3'" . C   A 1 17 ? 7.28241   -1.75887  5.87760   1.000 40.52065  ? 17  C   A "O3'" 1 
ATOM   340 C  "C2'" . C   A 1 17 ? 6.09390   -1.18231  3.81304   1.000 33.36716  ? 17  C   A "C2'" 1 
ATOM   341 O  "O2'" . C   A 1 17 ? 7.21564   -1.69003  3.10530   1.000 40.23640  ? 17  C   A "O2'" 1 
ATOM   342 C  "C1'" . C   A 1 17 ? 4.84296   -1.78650  3.19255   1.000 35.50163  ? 17  C   A "C1'" 1 
ATOM   343 N  N1    . C   A 1 17 ? 3.65068   -0.92200  3.32758   1.000 29.49564  ? 17  C   A N1    1 
ATOM   344 C  C2    . C   A 1 17 ? 3.46830   0.15113   2.44259   1.000 28.05336  ? 17  C   A C2    1 
ATOM   345 O  O2    . C   A 1 17 ? 4.34188   0.37523   1.58560   1.000 31.35902  ? 17  C   A O2    1 
ATOM   346 N  N3    . C   A 1 17 ? 2.35530   0.90433   2.53520   1.000 27.45592  ? 17  C   A N3    1 
ATOM   347 C  C4    . C   A 1 17 ? 1.44121   0.63671   3.47992   1.000 26.91639  ? 17  C   A C4    1 
ATOM   348 N  N4    . C   A 1 17 ? 0.35296   1.39809   3.55260   1.000 28.06389  ? 17  C   A N4    1 
ATOM   349 C  C5    . C   A 1 17 ? 1.60076   -0.43633  4.39710   1.000 30.81422  ? 17  C   A C5    1 
ATOM   350 C  C6    . C   A 1 17 ? 2.70448   -1.18568  4.28241   1.000 28.53237  ? 17  C   A C6    1 
ATOM   351 P  P     . C   A 1 18 ? 7.67366   -0.48411  6.76323   1.000 40.52065  ? 18  C   A P     1 
ATOM   352 O  OP1   . C   A 1 18 ? 8.97773   -0.80910  7.39683   1.000 48.39791  ? 18  C   A OP1   1 
ATOM   353 O  OP2   . C   A 1 18 ? 6.52153   -0.07169  7.60006   1.000 41.88660  ? 18  C   A OP2   1 
ATOM   354 O  "O5'" . C   A 1 18 ? 7.90081   0.68400   5.69945   1.000 36.86231  ? 18  C   A "O5'" 1 
ATOM   355 C  "C5'" . C   A 1 18 ? 9.00612   0.64665   4.80564   1.000 42.26033  ? 18  C   A "C5'" 1 
ATOM   356 C  "C4'" . C   A 1 18 ? 8.97022   1.78046   3.81130   1.000 39.32840  ? 18  C   A "C4'" 1 
ATOM   357 O  "O4'" . C   A 1 18 ? 7.77333   1.69625   2.99392   1.000 35.45425  ? 18  C   A "O4'" 1 
ATOM   358 C  "C3'" . C   A 1 18 ? 8.90471   3.18366   4.38548   1.000 33.37769  ? 18  C   A "C3'" 1 
ATOM   359 O  "O3'" . C   A 1 18 ? 10.14880  3.64900   4.87072   1.000 38.87045  ? 18  C   A "O3'" 1 
ATOM   360 C  "C2'" . C   A 1 18 ? 8.36081   3.98050   3.20934   1.000 31.64064  ? 18  C   A "C2'" 1 
ATOM   361 O  "O2'" . C   A 1 18 ? 9.35584   4.14487   2.21095   1.000 34.70942  ? 18  C   A "O2'" 1 
ATOM   362 C  "C1'" . C   A 1 18 ? 7.33344   2.99790   2.65930   1.000 30.76421  ? 18  C   A "C1'" 1 
ATOM   363 N  N1    . C   A 1 18 ? 5.99575   3.21312   3.23806   1.000 30.78790  ? 18  C   A N1    1 
ATOM   364 C  C2    . C   A 1 18 ? 5.23721   4.25506   2.70419   1.000 32.88026  ? 18  C   A C2    1 
ATOM   365 O  O2    . C   A 1 18 ? 5.74924   4.93955   1.79858   1.000 31.31691  ? 18  C   A O2    1 
ATOM   366 N  N3    . C   A 1 18 ? 3.98844   4.47837   3.17085   1.000 28.00599  ? 18  C   A N3    1 
ATOM   367 C  C4    . C   A 1 18 ? 3.51113   3.70071   4.15227   1.000 26.21104  ? 18  C   A C4    1 
ATOM   368 N  N4    . C   A 1 18 ? 2.27385   3.93722   4.60028   1.000 28.14022  ? 18  C   A N4    1 
ATOM   369 C  C5    . C   A 1 18 ? 4.26899   2.63506   4.72180   1.000 30.04834  ? 18  C   A C5    1 
ATOM   370 C  C6    . C   A 1 18 ? 5.50529   2.42029   4.24021   1.000 33.14082  ? 18  C   A C6    1 
ATOM   371 P  P     . A   A 1 19 ? 10.19330  4.61800   6.15008   1.000 36.97812  ? 19  A   A P     1 
ATOM   372 O  OP1   . A   A 1 19 ? 11.62182  4.68557   6.56524   1.000 38.81781  ? 19  A   A OP1   1 
ATOM   373 O  OP2   . A   A 1 19 ? 9.15997   4.20696   7.14066   1.000 40.67067  ? 19  A   A OP2   1 
ATOM   374 O  "O5'" . A   A 1 19 ? 9.78002   6.03742   5.57390   1.000 34.61204  ? 19  A   A "O5'" 1 
ATOM   375 C  "C5'" . A   A 1 19 ? 10.61511  6.69781   4.63657   1.000 32.96448  ? 19  A   A "C5'" 1 
ATOM   376 C  "C4'" . A   A 1 19 ? 9.86956   7.77556   3.90775   1.000 30.71158  ? 19  A   A "C4'" 1 
ATOM   377 O  "O4'" . A   A 1 19 ? 8.64616   7.22111   3.35830   1.000 31.41692  ? 19  A   A "O4'" 1 
ATOM   378 C  "C3'" . A   A 1 19 ? 9.39344   8.94293   4.75639   1.000 32.00647  ? 19  A   A "C3'" 1 
ATOM   379 O  "O3'" . A   A 1 19 ? 10.39994  9.91463   4.97049   1.000 28.92715  ? 19  A   A "O3'" 1 
ATOM   380 C  "C2'" . A   A 1 19 ? 8.22777   9.47339   3.95256   1.000 29.57460  ? 19  A   A "C2'" 1 
ATOM   381 O  "O2'" . A   A 1 19 ? 8.70873   10.19076  2.82008   1.000 29.83779  ? 19  A   A "O2'" 1 
ATOM   382 C  "C1'" . A   A 1 19 ? 7.61541   8.17713   3.43578   1.000 27.23748  ? 19  A   A "C1'" 1 
ATOM   383 N  N9    . A   A 1 19 ? 6.52920   7.64271   4.27835   1.000 28.92189  ? 19  A   A N9    1 
ATOM   384 C  C8    . A   A 1 19 ? 6.54081   6.49188   5.03391   1.000 31.31954  ? 19  A   A C8    1 
ATOM   385 N  N7    . A   A 1 19 ? 5.39613   6.23810   5.63159   1.000 28.26655  ? 19  A   A N7    1 
ATOM   386 C  C5    . A   A 1 19 ? 4.57306   7.27638   5.23503   1.000 26.66372  ? 19  A   A C5    1 
ATOM   387 C  C6    . A   A 1 19 ? 3.22978   7.56894   5.52786   1.000 26.11366  ? 19  A   A C6    1 
ATOM   388 N  N6    . A   A 1 19 ? 2.44454   6.80322   6.30053   1.000 25.82152  ? 19  A   A N6    1 
ATOM   389 N  N1    . A   A 1 19 ? 2.72124   8.68727   4.97689   1.000 25.42673  ? 19  A   A N1    1 
ATOM   390 C  C2    . A   A 1 19 ? 3.49301   9.43382   4.17673   1.000 24.84772  ? 19  A   A C2    1 
ATOM   391 N  N3    . A   A 1 19 ? 4.77146   9.26029   3.82561   1.000 26.78216  ? 19  A   A N3    1 
ATOM   392 C  C4    . A   A 1 19 ? 5.25342   8.14654   4.39463   1.000 27.26643  ? 19  A   A C4    1 
ATOM   393 P  P     . G   A 1 20 ? 10.33093  10.88487  6.24387   1.000 32.59338  ? 20  G   A P     1 
ATOM   394 O  OP1   . G   A 1 20 ? 11.60740  11.66018  6.27125   1.000 34.15673  ? 20  G   A OP1   1 
ATOM   395 O  OP2   . G   A 1 20 ? 9.99188   10.06155  7.42870   1.000 34.97788  ? 20  G   A OP2   1 
ATOM   396 O  "O5'" . G   A 1 20 ? 9.11052   11.86174  5.96194   1.000 30.26415  ? 20  G   A "O5'" 1 
ATOM   397 C  "C5'" . G   A 1 20 ? 9.09557   12.76530  4.86344   1.000 27.28748  ? 20  G   A "C5'" 1 
ATOM   398 C  "C4'" . G   A 1 20 ? 7.87347   13.64553  4.90482   1.000 27.84808  ? 20  G   A "C4'" 1 
ATOM   399 O  "O4'" . G   A 1 20 ? 6.67820   12.80635  4.98803   1.000 27.13220  ? 20  G   A "O4'" 1 
ATOM   400 C  "C3'" . G   A 1 20 ? 7.80939   14.58172  6.10340   1.000 31.01951  ? 20  G   A "C3'" 1 
ATOM   401 O  "O3'" . G   A 1 20 ? 7.05768   15.73203  5.73889   1.000 32.48811  ? 20  G   A "O3'" 1 
ATOM   402 C  "C2'" . G   A 1 20 ? 6.99452   13.76975  7.10111   1.000 25.62939  ? 20  G   A "C2'" 1 
ATOM   403 O  "O2'" . G   A 1 20 ? 6.36709   14.52152  8.11331   1.000 31.60116  ? 20  G   A "O2'" 1 
ATOM   404 C  "C1'" . G   A 1 20 ? 5.98054   13.09616  6.18369   1.000 26.93218  ? 20  G   A "C1'" 1 
ATOM   405 N  N9    . G   A 1 20 ? 5.46616   11.84802  6.74220   1.000 29.93254  ? 20  G   A N9    1 
ATOM   406 C  C8    . G   A 1 20 ? 6.16144   10.68760  6.97498   1.000 32.37493  ? 20  G   A C8    1 
ATOM   407 N  N7    . G   A 1 20 ? 5.41153   9.74835   7.50688   1.000 31.59853  ? 20  G   A N7    1 
ATOM   408 C  C5    . G   A 1 20 ? 4.15766   10.32999  7.63549   1.000 28.37445  ? 20  G   A C5    1 
ATOM   409 C  C6    . G   A 1 20 ? 2.93693   9.79456   8.14133   1.000 27.99809  ? 20  G   A C6    1 
ATOM   410 O  O6    . G   A 1 20 ? 2.74899   8.67894   8.60939   1.000 28.29023  ? 20  G   A O6    1 
ATOM   411 N  N1    . G   A 1 20 ? 1.90402   10.73167  8.09354   1.000 27.66384  ? 20  G   A N1    1 
ATOM   412 C  C2    . G   A 1 20 ? 2.02572   12.00687  7.60486   1.000 27.63489  ? 20  G   A C2    1 
ATOM   413 N  N2    . G   A 1 20 ? 0.92921   12.78360  7.63592   1.000 30.30890  ? 20  G   A N2    1 
ATOM   414 N  N3    . G   A 1 20 ? 3.15747   12.50851  7.12146   1.000 26.62688  ? 20  G   A N3    1 
ATOM   415 C  C4    . G   A 1 20 ? 4.16337   11.61247  7.15706   1.000 27.51909  ? 20  G   A C4    1 
ATOM   416 P  P     . U   A 1 21 ? 7.77598   17.10025  5.32221   1.000 32.33282  ? 21  U   A P     1 
ATOM   417 O  OP1   . U   A 1 21 ? 9.12238   16.80384  4.75779   1.000 33.83564  ? 21  U   A OP1   1 
ATOM   418 O  OP2   . U   A 1 21 ? 7.65654   18.00832  6.49249   1.000 37.62556  ? 21  U   A OP2   1 
ATOM   419 O  "O5'" . U   A 1 21 ? 6.81813   17.66054  4.18321   1.000 30.66157  ? 21  U   A "O5'" 1 
ATOM   420 C  "C5'" . U   A 1 21 ? 6.92258   17.21847  2.83302   1.000 28.68239  ? 21  U   A "C5'" 1 
ATOM   421 C  "C4'" . U   A 1 21 ? 5.69932   17.60629  2.04030   1.000 28.75345  ? 21  U   A "C4'" 1 
ATOM   422 O  "O4'" . U   A 1 21 ? 4.56286   16.83886  2.53204   1.000 30.73790  ? 21  U   A "O4'" 1 
ATOM   423 C  "C3'" . U   A 1 21 ? 5.28727   19.07542  2.15481   1.000 32.12490  ? 21  U   A "C3'" 1 
ATOM   424 O  "O3'" . U   A 1 21 ? 4.56093   19.44206  0.98955   1.000 31.53010  ? 21  U   A "O3'" 1 
ATOM   425 C  "C2'" . U   A 1 21 ? 4.26942   19.03356  3.28085   1.000 28.67186  ? 21  U   A "C2'" 1 
ATOM   426 O  "O2'" . U   A 1 21 ? 3.37836   20.12789  3.29093   1.000 37.45186  ? 21  U   A "O2'" 1 
ATOM   427 C  "C1'" . U   A 1 21 ? 3.54982   17.72996  2.95631   1.000 30.51155  ? 21  U   A "C1'" 1 
ATOM   428 N  N1    . U   A 1 21 ? 2.82916   17.12320  4.08524   1.000 31.85908  ? 21  U   A N1    1 
ATOM   429 C  C2    . U   A 1 21 ? 1.45514   17.22506  4.06177   1.000 34.73048  ? 21  U   A C2    1 
ATOM   430 O  O2    . U   A 1 21 ? 0.86337   17.78192  3.15794   1.000 37.69136  ? 21  U   A O2    1 
ATOM   431 N  N3    . U   A 1 21 ? 0.79887   16.65255  5.12348   1.000 34.09356  ? 21  U   A N3    1 
ATOM   432 C  C4    . U   A 1 21 ? 1.38028   16.00395  6.18738   1.000 40.05480  ? 21  U   A C4    1 
ATOM   433 O  O4    . U   A 1 21 ? 0.65917   15.53464  7.07161   1.000 42.25770  ? 21  U   A O4    1 
ATOM   434 C  C5    . U   A 1 21 ? 2.81106   15.93942  6.13850   1.000 33.16713  ? 21  U   A C5    1 
ATOM   435 C  C6    . U   A 1 21 ? 3.47918   16.48925  5.11723   1.000 32.65392  ? 21  U   A C6    1 
ATOM   436 P  P     . U   A 1 22 ? 5.21085   20.29506  -0.20279  1.000 31.85382  ? 22  U   A P     1 
ATOM   437 O  OP1   . U   A 1 22 ? 6.31973   21.16415  0.27043   1.000 35.40161  ? 22  U   A OP1   1 
ATOM   438 O  OP2   . U   A 1 22 ? 4.03458   20.86318  -0.92048  1.000 35.08579  ? 22  U   A OP2   1 
ATOM   439 O  "O5'" . U   A 1 22 ? 5.82496   19.17096  -1.13217  1.000 29.95096  ? 22  U   A "O5'" 1 
ATOM   440 C  "C5'" . U   A 1 22 ? 5.00296   18.12756  -1.64286  1.000 28.76134  ? 22  U   A "C5'" 1 
ATOM   441 C  "C4'" . U   A 1 22 ? 5.67972   17.42895  -2.79193  1.000 31.47746  ? 22  U   A "C4'" 1 
ATOM   442 O  "O4'" . U   A 1 22 ? 5.56692   18.24891  -3.98079  1.000 32.57233  ? 22  U   A "O4'" 1 
ATOM   443 C  "C3'" . U   A 1 22 ? 7.17167   17.14968  -2.60930  1.000 28.86136  ? 22  U   A "C3'" 1 
ATOM   444 O  "O3'" . U   A 1 22 ? 7.46689   15.89346  -3.20447  1.000 39.27839  ? 22  U   A "O3'" 1 
ATOM   445 C  "C2'" . U   A 1 22 ? 7.82954   18.25272  -3.43605  1.000 28.46657  ? 22  U   A "C2'" 1 
ATOM   446 O  "O2'" . U   A 1 22 ? 9.11106   17.92122  -3.91569  1.000 30.31679  ? 22  U   A "O2'" 1 
ATOM   447 C  "C1'" . U   A 1 22 ? 6.83092   18.40019  -4.57655  1.000 29.91674  ? 22  U   A "C1'" 1 
ATOM   448 N  N1    . U   A 1 22 ? 6.85671   19.70336  -5.24459  1.000 31.50904  ? 22  U   A N1    1 
ATOM   449 C  C2    . U   A 1 22 ? 6.97331   19.72853  -6.62585  1.000 29.99833  ? 22  U   A C2    1 
ATOM   450 O  O2    . U   A 1 22 ? 7.03627   18.72760  -7.33168  1.000 32.27229  ? 22  U   A O2    1 
ATOM   451 N  N3    . U   A 1 22 ? 6.99013   20.98128  -7.17340  1.000 29.49301  ? 22  U   A N3    1 
ATOM   452 C  C4    . U   A 1 22 ? 6.91090   22.17957  -6.50505  1.000 30.52208  ? 22  U   A C4    1 
ATOM   453 O  O4    . U   A 1 22 ? 6.94909   23.22412  -7.15001  1.000 33.63561  ? 22  U   A O4    1 
ATOM   454 C  C5    . U   A 1 22 ? 6.79614   22.06717  -5.08224  1.000 31.90646  ? 22  U   A C5    1 
ATOM   455 C  C6    . U   A 1 22 ? 6.77768   20.86019  -4.51342  1.000 29.69567  ? 22  U   A C6    1 
ATOM   456 P  P     . A   A 1 23 ? 8.53155   14.92650  -2.50655  1.000 35.86746  ? 23  A   A P     1 
ATOM   457 O  OP1   . A   A 1 23 ? 9.68758   15.76875  -2.09190  1.000 39.35735  ? 23  A   A OP1   1 
ATOM   458 O  OP2   . A   A 1 23 ? 8.70498   13.69001  -3.30055  1.000 42.03662  ? 23  A   A OP2   1 
ATOM   459 O  "O5'" . A   A 1 23 ? 7.80922   14.44889  -1.17288  1.000 32.25124  ? 23  A   A "O5'" 1 
ATOM   460 C  "C5'" . A   A 1 23 ? 8.58168   13.91572  -0.10726  1.000 33.35400  ? 23  A   A "C5'" 1 
ATOM   461 C  "C4'" . A   A 1 23 ? 7.73452   13.11535  0.83945   1.000 29.77199  ? 23  A   A "C4'" 1 
ATOM   462 O  "O4'" . A   A 1 23 ? 6.76912   13.97886  1.47910   1.000 29.11665  ? 23  A   A "O4'" 1 
ATOM   463 C  "C3'" . A   A 1 23 ? 6.89974   12.00648  0.22349   1.000 29.07454  ? 23  A   A "C3'" 1 
ATOM   464 O  "O3'" . A   A 1 23 ? 7.68238   10.84405  0.05091   1.000 33.11976  ? 23  A   A "O3'" 1 
ATOM   465 C  "C2'" . A   A 1 23 ? 5.79037   11.82393  1.24828   1.000 28.53763  ? 23  A   A "C2'" 1 
ATOM   466 O  "O2'" . A   A 1 23 ? 6.24575   11.01787  2.31866   1.000 29.25614  ? 23  A   A "O2'" 1 
ATOM   467 C  "C1'" . A   A 1 23 ? 5.60019   13.25411  1.76748   1.000 27.28748  ? 23  A   A "C1'" 1 
ATOM   468 N  N9    . A   A 1 23 ? 4.45718   13.91881  1.13223   1.000 30.27995  ? 23  A   A N9    1 
ATOM   469 C  C8    . A   A 1 23 ? 4.35851   14.46260  -0.12271  1.000 33.56192  ? 23  A   A C8    1 
ATOM   470 N  N7    . A   A 1 23 ? 3.16697   14.94784  -0.38382  1.000 35.08315  ? 23  A   A N7    1 
ATOM   471 C  C5    . A   A 1 23 ? 2.43951   14.69748  0.77326   1.000 32.55127  ? 23  A   A C5    1 
ATOM   472 C  C6    . A   A 1 23 ? 1.10930   14.96514  1.13474   1.000 38.74149  ? 23  A   A C6    1 
ATOM   473 N  N6    . A   A 1 23 ? 0.22584   15.58027  0.34222   1.000 38.51514  ? 23  A   A N6    1 
ATOM   474 N  N1    . A   A 1 23 ? 0.71516   14.57032  2.36311   1.000 33.95933  ? 23  A   A N1    1 
ATOM   475 C  C2    . A   A 1 23 ? 1.59599   13.96144  3.16325   1.000 33.09607  ? 23  A   A C2    1 
ATOM   476 N  N3    . A   A 1 23 ? 2.86912   13.65236  2.93871   1.000 31.76433  ? 23  A   A N3    1 
ATOM   477 C  C4    . A   A 1 23 ? 3.22159   14.04622  1.70621   1.000 30.27205  ? 23  A   A C4    1 
ATOM   478 P  P     . A   A 1 24 ? 7.20164   9.61083   -0.85202  1.000 35.17527  ? 24  A   A P     1 
ATOM   479 O  OP1   . A   A 1 24 ? 6.29120   10.09032  -1.92645  1.000 39.58369  ? 24  A   A OP1   1 
ATOM   480 O  OP2   . A   A 1 24 ? 6.75956   8.53355   0.06486   1.000 33.41190  ? 24  A   A OP2   1 
ATOM   481 O  "O5'" . A   A 1 24 ? 8.56386   9.18578   -1.55119  1.000 37.57556  ? 24  A   A "O5'" 1 
ATOM   482 C  "C5'" . A   A 1 24 ? 9.36061   10.17573  -2.17240  1.000 38.37302  ? 24  A   A "C5'" 1 
ATOM   483 C  "C4'" . A   A 1 24 ? 10.77019  9.69959   -2.38223  1.000 41.13914  ? 24  A   A "C4'" 1 
ATOM   484 O  "O4'" . A   A 1 24 ? 11.43716  9.52042   -1.10965  1.000 42.12084  ? 24  A   A "O4'" 1 
ATOM   485 C  "C3'" . A   A 1 24 ? 10.92455  8.35344   -3.05929  1.000 41.82870  ? 24  A   A "C3'" 1 
ATOM   486 O  "O3'" . A   A 1 24 ? 10.73040  8.42488   -4.45917  1.000 47.93469  ? 24  A   A "O3'" 1 
ATOM   487 C  "C2'" . A   A 1 24 ? 12.33866  7.95330   -2.64990  1.000 42.56563  ? 24  A   A "C2'" 1 
ATOM   488 O  "O2'" . A   A 1 24 ? 13.30134  8.65477   -3.42381  1.000 52.71158  ? 24  A   A "O2'" 1 
ATOM   489 C  "C1'" . A   A 1 24 ? 12.39434  8.48644   -1.21711  1.000 41.37601  ? 24  A   A "C1'" 1 
ATOM   490 N  N9    . A   A 1 24 ? 12.08177  7.44101   -0.22615  1.000 39.49158  ? 24  A   A N9    1 
ATOM   491 C  C8    . A   A 1 24 ? 10.88124  7.15523   0.37665   1.000 38.38355  ? 24  A   A C8    1 
ATOM   492 N  N7    . A   A 1 24 ? 10.94883  6.15014   1.21737   1.000 38.44671  ? 24  A   A N7    1 
ATOM   493 C  C5    . A   A 1 24 ? 12.27275  5.74790   1.15649   1.000 40.96281  ? 24  A   A C5    1 
ATOM   494 C  C6    . A   A 1 24 ? 12.98357  4.72845   1.81258   1.000 43.10254  ? 24  A   A C6    1 
ATOM   495 N  N6    . A   A 1 24 ? 12.43387  3.88995   2.69565   1.000 42.39456  ? 24  A   A N6    1 
ATOM   496 N  N1    . A   A 1 24 ? 14.29578  4.59108   1.52372   1.000 45.55020  ? 24  A   A N1    1 
ATOM   497 C  C2    . A   A 1 24 ? 14.84930  5.43298   0.63973   1.000 46.61085  ? 24  A   A C2    1 
ATOM   498 N  N3    . A   A 1 24 ? 14.28311  6.42834   -0.03868  1.000 46.61875  ? 24  A   A N3    1 
ATOM   499 C  C4    . A   A 1 24 ? 12.97955  6.53181   0.26882   1.000 46.63454  ? 24  A   A C4    1 
ATOM   500 P  P     . C   A 1 25 ? 10.11365  7.17770   -5.25879  1.000 52.39312  ? 25  C   A P     1 
ATOM   501 O  OP1   . C   A 1 25 ? 9.92946   7.60596   -6.66757  1.000 58.60966  ? 25  C   A OP1   1 
ATOM   502 O  OP2   . C   A 1 25 ? 8.98062   6.61740   -4.48405  1.000 55.84091  ? 25  C   A OP2   1 
ATOM   503 O  "O5'" . C   A 1 25 ? 11.28864  6.10679   -5.24775  1.000 47.56360  ? 25  C   A "O5'" 1 
ATOM   504 C  "C5'" . C   A 1 25 ? 12.54519  6.41253   -5.82558  1.000 45.47387  ? 25  C   A "C5'" 1 
ATOM   505 C  "C4'" . C   A 1 25 ? 13.58220  5.38544   -5.45792  1.000 52.04835  ? 25  C   A "C4'" 1 
ATOM   506 O  "O4'" . C   A 1 25 ? 13.85271  5.42041   -4.03017  1.000 54.69866  ? 25  C   A "O4'" 1 
ATOM   507 C  "C3'" . C   A 1 25 ? 13.19913  3.94118   -5.70453  1.000 54.13544  ? 25  C   A "C3'" 1 
ATOM   508 O  "O3'" . C   A 1 25 ? 13.25650  3.56328   -7.06650  1.000 57.01736  ? 25  C   A "O3'" 1 
ATOM   509 C  "C2'" . C   A 1 25 ? 14.17549  3.19742   -4.80423  1.000 55.48297  ? 25  C   A "C2'" 1 
ATOM   510 O  "O2'" . C   A 1 25 ? 15.47095  3.17357   -5.38359  1.000 60.25459  ? 25  C   A "O2'" 1 
ATOM   511 C  "C1'" . C   A 1 25 ? 14.21229  4.12378   -3.58624  1.000 51.78779  ? 25  C   A "C1'" 1 
ATOM   512 N  N1    . C   A 1 25 ? 13.27119  3.67112   -2.53830  1.000 54.80131  ? 25  C   A N1    1 
ATOM   513 C  C2    . C   A 1 25 ? 13.71861  2.68493   -1.65604  1.000 56.57257  ? 25  C   A C2    1 
ATOM   514 O  O2    . C   A 1 25 ? 14.87729  2.26106   -1.77836  1.000 59.64926  ? 25  C   A O2    1 
ATOM   515 N  N3    . C   A 1 25 ? 12.89004  2.22370   -0.69006  1.000 55.72247  ? 25  C   A N3    1 
ATOM   516 C  C4    . C   A 1 25 ? 11.64982  2.70462   -0.59472  1.000 47.62939  ? 25  C   A C4    1 
ATOM   517 N  N4    . C   A 1 25 ? 10.85710  2.22042   0.37066   1.000 45.92130  ? 25  C   A N4    1 
ATOM   518 C  C5    . C   A 1 25 ? 11.16350  3.70239   -1.48961  1.000 50.12969  ? 25  C   A C5    1 
ATOM   519 C  C6    . C   A 1 25 ? 11.99646  4.15264   -2.43986  1.000 54.63023  ? 25  C   A C6    1 
ATOM   520 P  P     . A   A 1 26 ? 12.31248  2.37550   -7.59259  1.000 57.96221  ? 26  A   A P     1 
ATOM   521 O  OP1   . A   A 1 26 ? 12.56870  2.23067   -9.05159  1.000 71.21907  ? 26  A   A OP1   1 
ATOM   522 O  OP2   . A   A 1 26 ? 10.93570  2.60587   -7.09289  1.000 58.22803  ? 26  A   A OP2   1 
ATOM   523 O  "O5'" . A   A 1 26 ? 12.92908  1.09114   -6.88493  1.000 61.78636  ? 26  A   A "O5'" 1 
ATOM   524 C  "C5'" . A   A 1 26 ? 12.11020  0.07093   -6.34804  1.000 59.04392  ? 26  A   A "C5'" 1 
ATOM   525 C  "C4'" . A   A 1 26 ? 12.68273  -0.44676  -5.05422  1.000 53.64591  ? 26  A   A "C4'" 1 
ATOM   526 O  "O4'" . A   A 1 26 ? 12.31479  0.44400   -3.97362  1.000 51.57987  ? 26  A   A "O4'" 1 
ATOM   527 C  "C3'" . A   A 1 26 ? 12.18553  -1.81682  -4.61871  1.000 57.18054  ? 26  A   A "C3'" 1 
ATOM   528 O  "O3'" . A   A 1 26 ? 12.97538  -2.84369  -5.19014  1.000 60.69938  ? 26  A   A "O3'" 1 
ATOM   529 C  "C2'" . A   A 1 26 ? 12.29756  -1.76724  -3.09986  1.000 51.73252  ? 26  A   A "C2'" 1 
ATOM   530 O  "O2'" . A   A 1 26 ? 13.62136  -2.07964  -2.68684  1.000 57.70692  ? 26  A   A "O2'" 1 
ATOM   531 C  "C1'" . A   A 1 26 ? 12.04262  -0.29160  -2.80685  1.000 50.20865  ? 26  A   A "C1'" 1 
ATOM   532 N  N9    . A   A 1 26 ? 10.66271  0.00989   -2.38369  1.000 44.88433  ? 26  A   A N9    1 
ATOM   533 C  C8    . A   A 1 26 ? 9.80120   0.86279   -3.02280  1.000 42.21296  ? 26  A   A C8    1 
ATOM   534 N  N7    . A   A 1 26 ? 8.65378   1.00287   -2.42123  1.000 40.95754  ? 26  A   A N7    1 
ATOM   535 C  C5    . A   A 1 26 ? 8.77352   0.19411   -1.30076  1.000 39.88110  ? 26  A   A C5    1 
ATOM   536 C  C6    . A   A 1 26 ? 7.88057   -0.07976  -0.25610  1.000 37.30447  ? 26  A   A C6    1 
ATOM   537 N  N6    . A   A 1 26 ? 6.66061   0.45777   -0.18514  1.000 36.98075  ? 26  A   A N6    1 
ATOM   538 N  N1    . A   A 1 26 ? 8.28999   -0.92637  0.71262   1.000 36.70703  ? 26  A   A N1    1 
ATOM   539 C  C2    . A   A 1 26 ? 9.52422   -1.44560  0.62191   1.000 40.43643  ? 26  A   A C2    1 
ATOM   540 N  N3    . A   A 1 26 ? 10.46413  -1.25945  -0.30891  1.000 43.34204  ? 26  A   A N3    1 
ATOM   541 C  C4    . A   A 1 26 ? 10.01506  -0.41691  -1.25569  1.000 42.11558  ? 26  A   A C4    1 
ATOM   542 P  P     . A   A 1 27 ? 12.32698  -4.21288  -5.71446  1.000 63.79186  ? 27  A   A P     1 
ATOM   543 O  OP1   . A   A 1 27 ? 13.45889  -5.01941  -6.24145  1.000 64.51563  ? 27  A   A OP1   1 
ATOM   544 O  OP2   . A   A 1 27 ? 11.16216  -3.90688  -6.58509  1.000 66.19215  ? 27  A   A OP2   1 
ATOM   545 O  "O5'" . A   A 1 27 ? 11.77339  -4.91139  -4.39483  1.000 62.59961  ? 27  A   A "O5'" 1 
ATOM   546 C  "C5'" . A   A 1 27 ? 12.63449  -5.23824  -3.31381  1.000 62.45222  ? 27  A   A "C5'" 1 
ATOM   547 C  "C4'" . A   A 1 27 ? 11.83839  -5.73639  -2.13422  1.000 60.80466  ? 27  A   A "C4'" 1 
ATOM   548 O  "O4'" . A   A 1 27 ? 11.18012  -4.62592  -1.47656  1.000 53.71170  ? 27  A   A "O4'" 1 
ATOM   549 C  "C3'" . A   A 1 27 ? 10.71082  -6.69278  -2.48061  1.000 52.86423  ? 27  A   A "C3'" 1 
ATOM   550 O  "O3'" . A   A 1 27 ? 11.17494  -8.02159  -2.61908  1.000 61.37052  ? 27  A   A "O3'" 1 
ATOM   551 C  "C2'" . A   A 1 27 ? 9.72494   -6.49954  -1.33107  1.000 50.61923  ? 27  A   A "C2'" 1 
ATOM   552 O  "O2'" . A   A 1 27 ? 10.13324  -7.23132  -0.18608  1.000 65.77368  ? 27  A   A "O2'" 1 
ATOM   553 C  "C1'" . A   A 1 27 ? 9.90428   -5.02003  -1.01741  1.000 48.60056  ? 27  A   A "C1'" 1 
ATOM   554 N  N9    . A   A 1 27 ? 8.90493   -4.14929  -1.65482  1.000 47.00564  ? 27  A   A N9    1 
ATOM   555 C  C8    . A   A 1 27 ? 9.01721   -3.49407  -2.85883  1.000 46.33450  ? 27  A   A C8    1 
ATOM   556 N  N7    . A   A 1 27 ? 7.97448   -2.74431  -3.13092  1.000 43.13675  ? 27  A   A N7    1 
ATOM   557 C  C5    . A   A 1 27 ? 7.14653   -2.89986  -2.02407  1.000 39.38104  ? 27  A   A C5    1 
ATOM   558 C  C6    . A   A 1 27 ? 5.89022   -2.36643  -1.68934  1.000 33.45401  ? 27  A   A C6    1 
ATOM   559 N  N6    . A   A 1 27 ? 5.21390   -1.51803  -2.46635  1.000 34.02250  ? 27  A   A N6    1 
ATOM   560 N  N1    . A   A 1 27 ? 5.34084   -2.73289  -0.50558  1.000 33.56455  ? 27  A   A N1    1 
ATOM   561 C  C2    . A   A 1 27 ? 6.01728   -3.58117  0.28318   1.000 34.81207  ? 27  A   A C2    1 
ATOM   562 N  N3    . A   A 1 27 ? 7.20292   -4.14622  0.07794   1.000 38.19668  ? 27  A   A N3    1 
ATOM   563 C  C4    . A   A 1 27 ? 7.71451   -3.75900  -1.10408  1.000 40.90227  ? 27  A   A C4    1 
ATOM   564 P  P     . A   A 1 28 ? 10.40836  -9.06488  -3.56645  1.000 62.90228  ? 28  A   A P     1 
ATOM   565 O  OP1   . A   A 1 28 ? 11.41919  -10.02098 -4.08513  1.000 68.88457  ? 28  A   A OP1   1 
ATOM   566 O  OP2   . A   A 1 28 ? 9.55264   -8.30862  -4.51701  1.000 69.43990  ? 28  A   A OP2   1 
ATOM   567 O  "O5'" . A   A 1 28 ? 9.47043   -9.84870  -2.55360  1.000 71.55332  ? 28  A   A "O5'" 1 
ATOM   568 C  "C5'" . A   A 1 28 ? 9.91287   -10.11807 -1.22866  1.000 76.28283  ? 28  A   A "C5'" 1 
ATOM   569 C  "C4'" . A   A 1 28 ? 8.79446   -10.65338 -0.37678  1.000 69.58203  ? 28  A   A "C4'" 1 
ATOM   570 O  "O4'" . A   A 1 28 ? 7.98667   -9.54918  0.13993   1.000 57.03052  ? 28  A   A "O4'" 1 
ATOM   571 C  "C3'" . A   A 1 28 ? 7.82704   -11.57853 -1.11834  1.000 66.30532  ? 28  A   A "C3'" 1 
ATOM   572 O  "O3'" . A   A 1 28 ? 7.40623   -12.62392 -0.24408  1.000 67.16858  ? 28  A   A "O3'" 1 
ATOM   573 C  "C2'" . A   A 1 28 ? 6.65459   -10.65278 -1.41485  1.000 57.23844  ? 28  A   A "C2'" 1 
ATOM   574 O  "O2'" . A   A 1 28 ? 5.42439   -11.29868 -1.65170  1.000 57.78588  ? 28  A   A "O2'" 1 
ATOM   575 C  "C1'" . A   A 1 28 ? 6.63182   -9.80673  -0.14959  1.000 53.77487  ? 28  A   A "C1'" 1 
ATOM   576 N  N9    . A   A 1 28 ? 5.85133   -8.56823  -0.26369  1.000 48.44528  ? 28  A   A N9    1 
ATOM   577 C  C8    . A   A 1 28 ? 5.58858   -7.83496  -1.39313  1.000 39.31787  ? 28  A   A C8    1 
ATOM   578 N  N7    . A   A 1 28 ? 4.80038   -6.80857  -1.18830  1.000 35.85430  ? 28  A   A N7    1 
ATOM   579 C  C5    . A   A 1 28 ? 4.49135   -6.88250  0.16376   1.000 34.72522  ? 28  A   A C5    1 
ATOM   580 C  C6    . A   A 1 28 ? 3.68861   -6.08796  1.00202   1.000 36.18592  ? 28  A   A C6    1 
ATOM   581 N  N6    . A   A 1 28 ? 3.00626   -5.01666  0.59122   1.000 32.03279  ? 28  A   A N6    1 
ATOM   582 N  N1    . A   A 1 28 ? 3.60069   -6.43806  2.30493   1.000 35.33582  ? 28  A   A N1    1 
ATOM   583 C  C2    . A   A 1 28 ? 4.27422   -7.51896  2.71977   1.000 38.00192  ? 28  A   A C2    1 
ATOM   584 N  N3    . A   A 1 28 ? 5.05790   -8.34602  2.03001   1.000 40.76541  ? 28  A   A N3    1 
ATOM   585 C  C4    . A   A 1 28 ? 5.12296   -7.97080  0.74064   1.000 41.10493  ? 28  A   A C4    1 
ATOM   586 P  P     . A   A 1 29 ? 6.68231   -13.93457 -0.82758  1.000 75.66170  ? 29  A   A P     1 
ATOM   587 O  OP1   . A   A 1 29 ? 6.95799   -15.05571 0.10334   1.000 78.25149  ? 29  A   A OP1   1 
ATOM   588 O  OP2   . A   A 1 29 ? 6.99696   -14.08821 -2.27055  1.000 76.51181  ? 29  A   A OP2   1 
ATOM   589 O  "O5'" . A   A 1 29 ? 5.14287   -13.56234 -0.70644  1.000 69.62414  ? 29  A   A "O5'" 1 
ATOM   590 C  "C5'" . A   A 1 29 ? 4.29445   -14.30162 0.14661   1.000 61.37841  ? 29  A   A "C5'" 1 
ATOM   591 C  "C4'" . A   A 1 29 ? 3.91348   -13.54546 1.39652   1.000 46.36345  ? 29  A   A "C4'" 1 
ATOM   592 O  "O4'" . A   A 1 29 ? 4.25259   -12.13862 1.31018   1.000 52.73264  ? 29  A   A "O4'" 1 
ATOM   593 C  "C3'" . A   A 1 29 ? 2.43177   -13.53676 1.69087   1.000 41.74448  ? 29  A   A "C3'" 1 
ATOM   594 O  "O3'" . A   A 1 29 ? 1.98512   -14.75115 2.23722   1.000 45.18963  ? 29  A   A "O3'" 1 
ATOM   595 C  "C2'" . A   A 1 29 ? 2.27140   -12.34112 2.61480   1.000 48.64004  ? 29  A   A "C2'" 1 
ATOM   596 O  "O2'" . A   A 1 29 ? 2.66190   -12.67488 3.93757   1.000 51.21404  ? 29  A   A "O2'" 1 
ATOM   597 C  "C1'" . A   A 1 29 ? 3.29764   -11.37564 2.02804   1.000 49.04535  ? 29  A   A "C1'" 1 
ATOM   598 N  N9    . A   A 1 29 ? 2.70067   -10.38973 1.10846   1.000 36.85179  ? 29  A   A N9    1 
ATOM   599 C  C8    . A   A 1 29 ? 2.95578   -10.29448 -0.23317  1.000 41.30495  ? 29  A   A C8    1 
ATOM   600 N  N7    . A   A 1 29 ? 2.32620   -9.31281  -0.82125  1.000 36.73335  ? 29  A   A N7    1 
ATOM   601 C  C5    . A   A 1 29 ? 1.62614   -8.70546  0.20462   1.000 35.89378  ? 29  A   A C5    1 
ATOM   602 C  C6    . A   A 1 29 ? 0.77295   -7.59190  0.21382   1.000 33.11713  ? 29  A   A C6    1 
ATOM   603 N  N6    . A   A 1 29 ? 0.49484   -6.88340  -0.88412  1.000 30.50366  ? 29  A   A N6    1 
ATOM   604 N  N1    . A   A 1 29 ? 0.22101   -7.23814  1.39291   1.000 31.95383  ? 29  A   A N1    1 
ATOM   605 C  C2    . A   A 1 29 ? 0.51821   -7.97002  2.48219   1.000 33.33558  ? 29  A   A C2    1 
ATOM   606 N  N3    . A   A 1 29 ? 1.31325   -9.03535  2.59864   1.000 33.44612  ? 29  A   A N3    1 
ATOM   607 C  C4    . A   A 1 29 ? 1.83978   -9.36137  1.40517   1.000 32.45389  ? 29  A   A C4    1 
ATOM   608 P  P     . C   A 1 30 ? 0.61025   -15.34467 1.69489   1.000 45.82655  ? 30  C   A P     1 
ATOM   609 O  OP1   . C   A 1 30 ? 0.42432   -16.69797 2.26808   1.000 44.61061  ? 30  C   A OP1   1 
ATOM   610 O  OP2   . C   A 1 30 ? 0.60625   -15.14135 0.22268   1.000 45.43176  ? 30  C   A OP2   1 
ATOM   611 O  "O5'" . C   A 1 30 ? -0.47666  -14.35808 2.30615   1.000 43.46574  ? 30  C   A "O5'" 1 
ATOM   612 C  "C5'" . C   A 1 30 ? -0.53966  -14.10816 3.69927   1.000 41.63131  ? 30  C   A "C5'" 1 
ATOM   613 C  "C4'" . C   A 1 30 ? -1.47016  -12.96175 3.97906   1.000 42.85251  ? 30  C   A "C4'" 1 
ATOM   614 O  "O4'" . C   A 1 30 ? -0.94369  -11.75764 3.37760   1.000 41.28653  ? 30  C   A "O4'" 1 
ATOM   615 C  "C3'" . C   A 1 30 ? -2.85436  -13.10617 3.37798   1.000 37.37290  ? 30  C   A "C3'" 1 
ATOM   616 O  "O3'" . C   A 1 30 ? -3.69489  -13.87160 4.21554   1.000 47.71888  ? 30  C   A "O3'" 1 
ATOM   617 C  "C2'" . C   A 1 30 ? -3.31618  -11.66493 3.21766   1.000 33.93828  ? 30  C   A "C2'" 1 
ATOM   618 O  "O2'" . C   A 1 30 ? -3.81117  -11.17227 4.45558   1.000 39.12838  ? 30  C   A "O2'" 1 
ATOM   619 C  "C1'" . C   A 1 30 ? -2.00130  -10.94709 2.91802   1.000 36.10170  ? 30  C   A "C1'" 1 
ATOM   620 N  N1    . C   A 1 30 ? -1.76271  -10.62999 1.49363   1.000 31.15374  ? 30  C   A N1    1 
ATOM   621 C  C2    . C   A 1 30 ? -2.33257  -9.46611  0.97005   1.000 29.71146  ? 30  C   A C2    1 
ATOM   622 O  O2    . C   A 1 30 ? -3.08141  -8.79330  1.69962   1.000 32.30124  ? 30  C   A O2    1 
ATOM   623 N  N3    . C   A 1 30 ? -2.06989  -9.12265  -0.31687  1.000 29.04822  ? 30  C   A N3    1 
ATOM   624 C  C4    . C   A 1 30 ? -1.27073  -9.88522  -1.06296  1.000 33.94091  ? 30  C   A C4    1 
ATOM   625 N  N4    . C   A 1 30 ? -1.04248  -9.50253  -2.32512  1.000 34.60152  ? 30  C   A N4    1 
ATOM   626 C  C5    . C   A 1 30 ? -0.66009  -11.07102 -0.54702  1.000 38.51514  ? 30  C   A C5    1 
ATOM   627 C  C6    . C   A 1 30 ? -0.92038  -11.39658 0.72897   1.000 32.28019  ? 30  C   A C6    1 
ATOM   628 P  P     . A   A 1 31 ? -4.81136  -14.81966 3.57803   1.000 50.74029  ? 31  A   A P     1 
ATOM   629 O  OP1   . A   A 1 31 ? -5.45709  -15.56196 4.69387   1.000 55.64351  ? 31  A   A OP1   1 
ATOM   630 O  OP2   . A   A 1 31 ? -4.23391  -15.53027 2.41614   1.000 46.02394  ? 31  A   A OP2   1 
ATOM   631 O  "O5'" . A   A 1 31 ? -5.86748  -13.78934 3.00112   1.000 41.08914  ? 31  A   A "O5'" 1 
ATOM   632 C  "C5'" . A   A 1 31 ? -6.66464  -13.00328 3.87235   1.000 38.30459  ? 31  A   A "C5'" 1 
ATOM   633 C  "C4'" . A   A 1 31 ? -7.78783  -12.37064 3.10601   1.000 33.83300  ? 31  A   A "C4'" 1 
ATOM   634 O  "O4'" . A   A 1 31 ? -7.24058  -11.29298 2.29369   1.000 33.60666  ? 31  A   A "O4'" 1 
ATOM   635 C  "C3'" . A   A 1 31 ? -8.49248  -13.32999 2.14407   1.000 35.45951  ? 31  A   A "C3'" 1 
ATOM   636 O  "O3'" . A   A 1 31 ? -9.89853  -13.12432 2.15499   1.000 36.88600  ? 31  A   A "O3'" 1 
ATOM   637 C  "C2'" . A   A 1 31 ? -7.91271  -12.95279 0.78448   1.000 33.63824  ? 31  A   A "C2'" 1 
ATOM   638 O  "O2'" . A   A 1 31 ? -8.74635  -13.22141 -0.33077  1.000 34.30674  ? 31  A   A "O2'" 1 
ATOM   639 C  "C1'" . A   A 1 31 ? -7.64185  -11.46231 0.95338   1.000 31.81434  ? 31  A   A "C1'" 1 
ATOM   640 N  N9    . A   A 1 31 ? -6.59600  -11.01376 0.03712   1.000 28.62185  ? 31  A   A N9    1 
ATOM   641 C  C8    . A   A 1 31 ? -5.39846  -11.64572 -0.19294  1.000 29.34299  ? 31  A   A C8    1 
ATOM   642 N  N7    . A   A 1 31 ? -4.67987  -11.10405 -1.13381  1.000 31.35113  ? 31  A   A N7    1 
ATOM   643 C  C5    . A   A 1 31 ? -5.45637  -10.04311 -1.56040  1.000 26.67688  ? 31  A   A C5    1 
ATOM   644 C  C6    . A   A 1 31 ? -5.23523  -9.08086  -2.55018  1.000 27.79544  ? 31  A   A C6    1 
ATOM   645 N  N6    . A   A 1 31 ? -4.12723  -9.07849  -3.30199  1.000 30.59051  ? 31  A   A N6    1 
ATOM   646 N  N1    . A   A 1 31 ? -6.20382  -8.16261  -2.75916  1.000 27.79807  ? 31  A   A N1    1 
ATOM   647 C  C2    . A   A 1 31 ? -7.31367  -8.21616  -2.01542  1.000 27.86650  ? 31  A   A C2    1 
ATOM   648 N  N3    . A   A 1 31 ? -7.63421  -9.08154  -1.05096  1.000 31.04056  ? 31  A   A N3    1 
ATOM   649 C  C4    . A   A 1 31 ? -6.64876  -9.97695  -0.86692  1.000 26.38737  ? 31  A   A C4    1 
ATOM   650 P  P     . A   A 1 32 ? -10.87368 -14.39869 2.24454   1.000 37.48871  ? 32  A   A P     1 
ATOM   651 O  OP1   . A   A 1 32 ? -10.63908 -15.10127 3.52927   1.000 45.06856  ? 32  A   A OP1   1 
ATOM   652 O  OP2   . A   A 1 32 ? -10.78072 -15.16734 0.97814   1.000 36.61228  ? 32  A   A OP2   1 
ATOM   653 O  "O5'" . A   A 1 32 ? -12.30960 -13.73794 2.29539   1.000 37.97034  ? 32  A   A "O5'" 1 
ATOM   654 C  "C5'" . A   A 1 32 ? -12.87986 -13.33810 3.52827   1.000 42.24454  ? 32  A   A "C5'" 1 
ATOM   655 C  "C4'" . A   A 1 32 ? -13.66760 -12.07412 3.35125   1.000 43.78420  ? 32  A   A "C4'" 1 
ATOM   656 O  "O4'" . A   A 1 32 ? -12.78619 -10.99793 2.94582   1.000 37.93350  ? 32  A   A "O4'" 1 
ATOM   657 C  "C3'" . A   A 1 32 ? -14.71754 -12.10383 2.25959   1.000 40.97597  ? 32  A   A "C3'" 1 
ATOM   658 O  "O3'" . A   A 1 32 ? -15.90751 -12.75339 2.66118   1.000 50.59028  ? 32  A   A "O3'" 1 
ATOM   659 C  "C2'" . A   A 1 32 ? -14.90517 -10.62619 1.95094   1.000 36.03853  ? 32  A   A "C2'" 1 
ATOM   660 O  "O2'" . A   A 1 32 ? -15.72179 -10.01444 2.93967   1.000 49.95073  ? 32  A   A "O2'" 1 
ATOM   661 C  "C1'" . A   A 1 32 ? -13.48237 -10.09944 2.11132   1.000 34.21726  ? 32  A   A "C1'" 1 
ATOM   662 N  N9    . A   A 1 32 ? -12.79593 -10.01405 0.81103   1.000 31.78276  ? 32  A   A N9    1 
ATOM   663 C  C8    . A   A 1 32 ? -11.82789 -10.83584 0.29888   1.000 31.74328  ? 32  A   A C8    1 
ATOM   664 N  N7    . A   A 1 32 ? -11.44506 -10.49232 -0.90586  1.000 33.72510  ? 32  A   A N7    1 
ATOM   665 C  C5    . A   A 1 32 ? -12.22769 -9.39244  -1.21461  1.000 32.23808  ? 32  A   A C5    1 
ATOM   666 C  C6    . A   A 1 32 ? -12.30601 -8.56842  -2.34983  1.000 36.37015  ? 32  A   A C6    1 
ATOM   667 N  N6    . A   A 1 32 ? -11.55150 -8.72419  -3.44234  1.000 37.39396  ? 32  A   A N6    1 
ATOM   668 N  N1    . A   A 1 32 ? -13.19452 -7.55250  -2.31907  1.000 42.61564  ? 32  A   A N1    1 
ATOM   669 C  C2    . A   A 1 32 ? -13.94642 -7.38539  -1.22288  1.000 34.83839  ? 32  A   A C2    1 
ATOM   670 N  N3    . A   A 1 32 ? -13.96727 -8.09440  -0.09759  1.000 37.98613  ? 32  A   A N3    1 
ATOM   671 C  C4    . A   A 1 32 ? -13.07017 -9.08975  -0.16109  1.000 33.01448  ? 32  A   A C4    1 
ATOM   672 P  P     . G   A 1 33 ? -16.64168 -13.77154 1.66560   1.000 48.56109  ? 33  G   A P     1 
ATOM   673 O  OP1   . G   A 1 33 ? -17.99942 -14.01903 2.20660   1.000 55.60140  ? 33  G   A OP1   1 
ATOM   674 O  OP2   . G   A 1 33 ? -15.75866 -14.94013 1.40309   1.000 48.26895  ? 33  G   A OP2   1 
ATOM   675 O  "O5'" . G   A 1 33 ? -16.79006 -12.95899 0.30618   1.000 43.40784  ? 33  G   A "O5'" 1 
ATOM   676 C  "C5'" . G   A 1 33 ? -17.63854 -11.82756 0.19962   1.000 39.81530  ? 33  G   A "C5'" 1 
ATOM   677 C  "C4'" . G   A 1 33 ? -17.43261 -11.12177 -1.11867  1.000 40.56539  ? 33  G   A "C4'" 1 
ATOM   678 O  "O4'" . G   A 1 33 ? -16.05274 -10.69102 -1.24008  1.000 43.47100  ? 33  G   A "O4'" 1 
ATOM   679 C  "C3'" . G   A 1 33 ? -17.66037 -11.97772 -2.35583  1.000 41.97872  ? 33  G   A "C3'" 1 
ATOM   680 O  "O3'" . G   A 1 33 ? -19.02791 -12.09161 -2.70139  1.000 51.26141  ? 33  G   A "O3'" 1 
ATOM   681 C  "C2'" . G   A 1 33 ? -16.82023 -11.27375 -3.41173  1.000 41.57867  ? 33  G   A "C2'" 1 
ATOM   682 O  "O2'" . G   A 1 33 ? -17.50296 -10.13576 -3.91260  1.000 52.89318  ? 33  G   A "O2'" 1 
ATOM   683 C  "C1'" . G   A 1 33 ? -15.62653 -10.79984 -2.58275  1.000 45.63442  ? 33  G   A "C1'" 1 
ATOM   684 N  N9    . G   A 1 33 ? -14.49919 -11.75126 -2.63496  1.000 37.18604  ? 33  G   A N9    1 
ATOM   685 C  C8    . G   A 1 33 ? -14.18340 -12.69806 -1.69203  1.000 38.51514  ? 33  G   A C8    1 
ATOM   686 N  N7    . G   A 1 33 ? -13.12699 -13.40564 -2.00029  1.000 37.13866  ? 33  G   A N7    1 
ATOM   687 C  C5    . G   A 1 33 ? -12.72207 -12.89579 -3.22228  1.000 33.96986  ? 33  G   A C5    1 
ATOM   688 C  C6    . G   A 1 33 ? -11.63053 -13.26430 -4.05190  1.000 32.34598  ? 33  G   A C6    1 
ATOM   689 O  O6    . G   A 1 33 ? -10.79079 -14.14512 -3.86306  1.000 33.90143  ? 33  G   A O6    1 
ATOM   690 N  N1    . G   A 1 33 ? -11.57878 -12.50457 -5.20725  1.000 34.50940  ? 33  G   A N1    1 
ATOM   691 C  C2    . G   A 1 33 ? -12.45895 -11.50463 -5.52786  1.000 39.71529  ? 33  G   A C2    1 
ATOM   692 N  N2    . G   A 1 33 ? -12.22677 -10.88338 -6.69405  1.000 40.10744  ? 33  G   A N2    1 
ATOM   693 N  N3    . G   A 1 33 ? -13.47606 -11.14116 -4.76186  1.000 36.20171  ? 33  G   A N3    1 
ATOM   694 C  C4    . G   A 1 33 ? -13.54929 -11.86932 -3.62949  1.000 36.27277  ? 33  G   A C4    1 
HETATM 695 C  C10   . J0C B 2 .  ? -2.48104  -0.24235  -3.18482  1.000 26.88000  ? 101 J0C A C10   1 
HETATM 696 C  C13   . J0C B 2 .  ? -3.99365  2.74100   -1.48107  1.000 37.19000  ? 101 J0C A C13   1 
HETATM 697 C  C17   . J0C B 2 .  ? -6.36187  1.65099   -0.82205  1.000 43.14000  ? 101 J0C A C17   1 
HETATM 698 C  C20   . J0C B 2 .  ? -6.83602  3.66675   -3.78557  1.000 86.98000  ? 101 J0C A C20   1 
HETATM 699 C  C21   . J0C B 2 .  ? -0.44904  -1.86488  -3.14519  1.000 25.92000  ? 101 J0C A C21   1 
HETATM 700 C  C2    . J0C B 2 .  ? -3.16560  -2.32350  -0.56798  1.000 23.44000  ? 101 J0C A C2    1 
HETATM 701 C  C4    . J0C B 2 .  ? -2.07031  -4.29021  0.53386   1.000 24.90000  ? 101 J0C A C4    1 
HETATM 702 C  C7    . J0C B 2 .  ? -0.96387  -3.18642  -1.44298  1.000 27.43000  ? 101 J0C A C7    1 
HETATM 703 C  C8    . J0C B 2 .  ? -1.99606  -2.26379  -1.55577  1.000 24.55000  ? 101 J0C A C8    1 
HETATM 704 C  C9    . J0C B 2 .  ? -1.66499  -1.42665  -2.62827  1.000 24.81000  ? 101 J0C A C9    1 
HETATM 705 C  C12   . J0C B 2 .  ? -3.74454  1.74216   -2.64159  1.000 31.34000  ? 101 J0C A C12   1 
HETATM 706 C  C14   . J0C B 2 .  ? -4.97741  2.20994   -0.40939  1.000 43.73000  ? 101 J0C A C14   1 
HETATM 707 C  C18   . J0C B 2 .  ? -7.32908  2.77985   -1.24787  1.000 59.65000  ? 101 J0C A C18   1 
HETATM 708 C  C19   . J0C B 2 .  ? -7.05506  3.27959   -2.67731  1.000 81.46000  ? 101 J0C A C19   1 
HETATM 709 N  N3    . J0C B 2 .  ? -3.14960  -3.33829  0.43492   1.000 26.13000  ? 101 J0C A N3    1 
HETATM 710 N  N5    . J0C B 2 .  ? -2.05564  -5.31781  1.55674   1.000 30.20000  ? 101 J0C A N5    1 
HETATM 711 N  N6    . J0C B 2 .  ? -0.96397  -4.23010  -0.39866  1.000 24.95000  ? 101 J0C A N6    1 
HETATM 712 N  N11   . J0C B 2 .  ? -3.14920  0.50324   -2.10791  1.000 27.74000  ? 101 J0C A N11   1 
HETATM 713 N  N15   . J0C B 2 .  ? -4.37780  1.64763   0.77083   1.000 47.96000  ? 101 J0C A N15   1 
HETATM 714 N  N16   . J0C B 2 .  ? -4.98177  2.95349   0.82282   1.000 53.89000  ? 101 J0C A N16   1 
HETATM 715 N  N22   . J0C B 2 .  ? -0.03268  -2.92041  -2.41248  1.000 25.78000  ? 101 J0C A N22   1 
HETATM 716 O  O1    . J0C B 2 .  ? -4.08279  -1.56447  -0.60940  1.000 26.12000  ? 101 J0C A O1    1 
HETATM 717 S  S     . SO4 C 3 .  ? -5.54720  -17.20104 -4.17816  1.000 136.01000 ? 102 SO4 A S     1 
HETATM 718 O  O1    . SO4 C 3 .  ? -6.63010  -16.74431 -5.04424  1.000 135.78000 ? 102 SO4 A O1    1 
HETATM 719 O  O2    . SO4 C 3 .  ? -5.98477  -17.14458 -2.78793  1.000 143.01000 ? 102 SO4 A O2    1 
HETATM 720 O  O3    . SO4 C 3 .  ? -5.18967  -18.57415 -4.52052  1.000 135.74000 ? 102 SO4 A O3    1 
HETATM 721 O  O4    . SO4 C 3 .  ? -4.38372  -16.33788 -4.35456  1.000 139.16000 ? 102 SO4 A O4    1 
HETATM 722 S  S     . SO4 D 3 .  ? 1.70314   3.39975   8.01290   1.000 114.40000 ? 103 SO4 A S     1 
HETATM 723 O  O1    . SO4 D 3 .  ? 0.55746   4.28243   7.81298   1.000 117.20000 ? 103 SO4 A O1    1 
HETATM 724 O  O2    . SO4 D 3 .  ? 1.64677   2.83128   9.35580   1.000 120.14000 ? 103 SO4 A O2    1 
HETATM 725 O  O3    . SO4 D 3 .  ? 1.66264   2.32276   7.02719   1.000 105.15000 ? 103 SO4 A O3    1 
HETATM 726 O  O4    . SO4 D 3 .  ? 2.93926   4.16369   7.85925   1.000 116.05000 ? 103 SO4 A O4    1 
HETATM 727 MG MG    . MG  E 4 .  ? -4.07856  -14.65155 0.45586   1.000 52.00000  ? 104 MG  A MG    1 
HETATM 728 MG MG    . MG  F 4 .  ? -1.20629  11.92936  -4.57823  1.000 59.20000  ? 105 MG  A MG    1 
HETATM 729 MG MG    . MG  G 4 .  ? 0.31340   -8.15390  -11.01366 1.000 59.82000  ? 106 MG  A MG    1 
HETATM 730 O  O     . HOH H 5 .  ? -15.83616 -7.69855  2.22477   1.000 40.10000  ? 201 HOH A O     1 
HETATM 731 O  O     . HOH H 5 .  ? 9.68092   -2.21348  -7.55632  1.000 51.71000  ? 202 HOH A O     1 
HETATM 732 O  O     . HOH H 5 .  ? -12.91949 -3.10100  1.89969   1.000 44.69000  ? 203 HOH A O     1 
HETATM 733 O  O     . HOH H 5 .  ? 7.07543   -8.34503  -4.42963  1.000 48.34000  ? 204 HOH A O     1 
HETATM 734 O  O     . HOH H 5 .  ? 3.25831   3.01313   11.24035  1.000 45.50000  ? 205 HOH A O     1 
HETATM 735 O  O     . HOH H 5 .  ? -0.10976  -13.65906 -11.61202 1.000 69.16000  ? 206 HOH A O     1 
HETATM 736 O  O     . HOH H 5 .  ? -10.26241 -15.80411 -2.00897  1.000 41.54000  ? 207 HOH A O     1 
HETATM 737 O  O     . HOH H 5 .  ? -12.90581 -15.48732 -0.49216  1.000 39.95000  ? 208 HOH A O     1 
HETATM 738 O  O     . HOH H 5 .  ? 3.77580   6.45298   9.42855   1.000 38.07000  ? 209 HOH A O     1 
HETATM 739 O  O     . HOH H 5 .  ? -14.07747 -16.86930 1.79487   1.000 52.00000  ? 210 HOH A O     1 
HETATM 740 O  O     . HOH H 5 .  ? 2.06083   20.72918  0.78869   1.000 45.20000  ? 211 HOH A O     1 
HETATM 741 O  O     . HOH H 5 .  ? 2.50341   15.36577  -2.89654  1.000 44.12000  ? 212 HOH A O     1 
HETATM 742 O  O     . HOH H 5 .  ? -0.08947  0.13319   -5.65539  1.000 43.00000  ? 213 HOH A O     1 
HETATM 743 O  O     . HOH H 5 .  ? -3.52017  -13.99637 -5.24428  1.000 43.88000  ? 214 HOH A O     1 
HETATM 744 O  O     . HOH H 5 .  ? 9.11422   3.11821   -5.21418  1.000 45.89000  ? 215 HOH A O     1 
HETATM 745 O  O     . HOH H 5 .  ? 3.74178   10.45596  -0.94030  1.000 34.21000  ? 216 HOH A O     1 
HETATM 746 O  O     . HOH H 5 .  ? 6.75996   22.96888  2.19955   1.000 58.64000  ? 217 HOH A O     1 
HETATM 747 O  O     . HOH H 5 .  ? 7.66838   13.98478  10.39305  1.000 43.63000  ? 218 HOH A O     1 
HETATM 748 O  O     . HOH H 5 .  ? -1.79190  -14.94188 -0.95702  1.000 48.78000  ? 219 HOH A O     1 
HETATM 749 O  O     . HOH H 5 .  ? -6.05647  -20.04391 -6.59502  1.000 36.68000  ? 220 HOH A O     1 
HETATM 750 O  O     . HOH H 5 .  ? -4.32285  -8.40331  4.05751   1.000 43.50000  ? 221 HOH A O     1 
HETATM 751 O  O     . HOH H 5 .  ? 0.96468   13.36433  -3.77429  1.000 46.35000  ? 222 HOH A O     1 
HETATM 752 O  O     . HOH H 5 .  ? -11.33601 -10.36116 -10.45573 1.000 54.07000  ? 223 HOH A O     1 
HETATM 753 O  O     . HOH H 5 .  ? -3.01086  7.23975   3.15932   1.000 41.60000  ? 224 HOH A O     1 
HETATM 754 O  O     . HOH H 5 .  ? 2.92454   -7.79314  6.30767   1.000 49.59000  ? 225 HOH A O     1 
HETATM 755 O  O     . HOH H 5 .  ? 6.37554   12.37873  -3.74027  1.000 44.63000  ? 226 HOH A O     1 
HETATM 756 O  O     . HOH H 5 .  ? 12.94353  -2.21985  0.24790   1.000 53.31000  ? 227 HOH A O     1 
HETATM 757 O  O     . HOH H 5 .  ? 3.17047   0.20032   7.80945   1.000 42.83000  ? 228 HOH A O     1 
HETATM 758 O  O     . HOH H 5 .  ? 9.16683   -3.35394  4.02323   1.000 55.14000  ? 229 HOH A O     1 
HETATM 759 O  O     . HOH H 5 .  ? 6.57618   7.63548   8.77517   1.000 40.02000  ? 230 HOH A O     1 
HETATM 760 O  O     . HOH H 5 .  ? -2.85302  5.77040   0.39245   1.000 45.21000  ? 231 HOH A O     1 
HETATM 761 O  O     . HOH H 5 .  ? -5.79019  -14.78933 -1.42759  1.000 37.88000  ? 232 HOH A O     1 
HETATM 762 O  O     . HOH H 5 .  ? 1.72668   -10.61604 -3.25382  1.000 41.51000  ? 233 HOH A O     1 
HETATM 763 O  O     . HOH H 5 .  ? -2.41573  -9.10324  -10.92626 1.000 41.08000  ? 234 HOH A O     1 
HETATM 764 O  O     . HOH H 5 .  ? -7.66524  10.45316  1.89611   1.000 64.44000  ? 235 HOH A O     1 
HETATM 765 O  O     . HOH H 5 .  ? -1.13984  -1.80374  -7.28647  1.000 48.02000  ? 236 HOH A O     1 
HETATM 766 O  O     . HOH H 5 .  ? 5.49924   5.41949   -2.17937  1.000 46.29000  ? 237 HOH A O     1 
HETATM 767 O  O     . HOH H 5 .  ? 6.45654   2.63562   -2.14539  1.000 34.17000  ? 238 HOH A O     1 
HETATM 768 O  O     . HOH H 5 .  ? 10.14249  15.58676  2.50752   1.000 36.56000  ? 239 HOH A O     1 
HETATM 769 O  O     . HOH H 5 .  ? 7.40407   5.87239   -0.28057  1.000 42.51000  ? 240 HOH A O     1 
HETATM 770 O  O     . HOH H 5 .  ? 7.21951   1.32355   -5.86987  1.000 43.24000  ? 241 HOH A O     1 
HETATM 771 O  O     . HOH H 5 .  ? -14.26835 -6.43757  -4.60905  1.000 53.71000  ? 242 HOH A O     1 
HETATM 772 O  O     . HOH H 5 .  ? 6.13406   4.59970   7.73257   1.000 45.43000  ? 243 HOH A O     1 
HETATM 773 O  O     . HOH H 5 .  ? -2.12917  5.50032   7.36129   1.000 43.76000  ? 244 HOH A O     1 
HETATM 774 O  O     . HOH H 5 .  ? -4.03796  8.66495   0.12595   1.000 51.50000  ? 245 HOH A O     1 
HETATM 775 O  O     . HOH H 5 .  ? 9.06310   17.26678  8.77379   1.000 51.82000  ? 246 HOH A O     1 
HETATM 776 O  O     . HOH H 5 .  ? 15.72483  7.91493   -2.26593  1.000 53.55000  ? 247 HOH A O     1 
HETATM 777 O  O     . HOH H 5 .  ? -1.30191  4.43143   -3.24682  1.000 39.42000  ? 248 HOH A O     1 
HETATM 778 O  O     . HOH H 5 .  ? -2.81077  -12.56714 -2.59669  1.000 38.57000  ? 249 HOH A O     1 
HETATM 779 O  O     . HOH H 5 .  ? 6.87326   8.51686   -4.16023  1.000 52.43000  ? 250 HOH A O     1 
HETATM 780 O  O     . HOH H 5 .  ? 6.73406   -9.94471  3.60904   1.000 58.66000  ? 251 HOH A O     1 
HETATM 781 O  O     . HOH H 5 .  ? -20.00389 -14.42126 -1.48251  1.000 53.12000  ? 252 HOH A O     1 
HETATM 782 O  O     . HOH H 5 .  ? -4.26806  -0.86907  6.74918   1.000 40.22000  ? 253 HOH A O     1 
HETATM 783 O  O     . HOH H 5 .  ? -5.13308  9.01297   3.64208   1.000 48.48000  ? 254 HOH A O     1 
HETATM 784 O  O     . HOH H 5 .  ? 8.51522   11.10155  9.60983   1.000 45.59000  ? 255 HOH A O     1 
HETATM 785 O  O     . HOH H 5 .  ? 1.40378   -9.69415  5.36631   1.000 47.15000  ? 256 HOH A O     1 
HETATM 786 O  O     . HOH H 5 .  ? -9.79653  -13.75141 5.89037   1.000 49.46000  ? 257 HOH A O     1 
HETATM 787 O  O     . HOH H 5 .  ? -5.79963  1.23829   -5.51964  1.000 62.30000  ? 258 HOH A O     1 
HETATM 788 O  O     . HOH H 5 .  ? -8.77304  11.89422  12.74045  1.000 54.19000  ? 259 HOH A O     1 
HETATM 789 O  O     . HOH H 5 .  ? 4.73977   7.99690   -6.54244  1.000 46.82000  ? 260 HOH A O     1 
HETATM 790 O  O     . HOH H 5 .  ? -2.04871  16.48514  4.97063   1.000 38.02000  ? 261 HOH A O     1 
HETATM 791 O  O     . HOH H 5 .  ? -0.44254  5.02517   10.40512  1.000 40.09000  ? 262 HOH A O     1 
HETATM 792 O  O     . HOH H 5 .  ? 11.50790  13.15740  -2.88712  1.000 48.11000  ? 263 HOH A O     1 
HETATM 793 O  O     . HOH H 5 .  ? 11.34481  10.83476  1.84007   1.000 38.57000  ? 264 HOH A O     1 
HETATM 794 O  O     . HOH H 5 .  ? 12.81062  12.37471  3.73971   1.000 43.71000  ? 265 HOH A O     1 
HETATM 795 O  O     . HOH H 5 .  ? -6.76855  -8.61219  3.41403   1.000 33.12000  ? 266 HOH A O     1 
HETATM 796 O  O     . HOH H 5 .  ? -1.46671  1.09414   5.79326   1.000 42.88000  ? 267 HOH A O     1 
HETATM 797 O  O     . HOH H 5 .  ? 0.23918   -5.16621  -10.07684 1.000 50.33000  ? 268 HOH A O     1 
HETATM 798 O  O     . HOH H 5 .  ? -0.44480  -1.23131  7.47233   1.000 37.76000  ? 269 HOH A O     1 
HETATM 799 O  O     . HOH H 5 .  ? -3.21276  6.19804   -2.67782  1.000 40.26000  ? 270 HOH A O     1 
HETATM 800 O  O     . HOH H 5 .  ? 6.21014   25.50072  -5.44532  1.000 41.29000  ? 271 HOH A O     1 
HETATM 801 O  O     . HOH H 5 .  ? -2.24001  14.78228  8.43775   1.000 51.01000  ? 272 HOH A O     1 
HETATM 802 O  O     . HOH H 5 .  ? -1.24150  2.34636   -6.12754  1.000 46.13000  ? 273 HOH A O     1 
HETATM 803 O  O     . HOH H 5 .  ? 8.72615   -0.94260  -5.39391  1.000 45.78000  ? 274 HOH A O     1 
HETATM 804 O  O     . HOH H 5 .  ? -4.04120  -15.91184 -7.60378  1.000 44.25000  ? 275 HOH A O     1 
HETATM 805 O  O     . HOH H 5 .  ? 11.87535  0.32277   2.49037   1.000 47.28000  ? 276 HOH A O     1 
HETATM 806 O  O     . HOH H 5 .  ? 13.31599  1.83526   4.74831   1.000 54.67000  ? 277 HOH A O     1 
HETATM 807 O  O     . HOH H 5 .  ? -4.23952  0.80961   4.38603   1.000 40.67000  ? 278 HOH A O     1 
HETATM 808 O  O     . HOH H 5 .  ? 8.93522   15.76692  -6.16537  1.000 43.80000  ? 279 HOH A O     1 
HETATM 809 O  O     . HOH H 5 .  ? -10.66487 -10.99893 5.23627   1.000 45.93000  ? 280 HOH A O     1 
HETATM 810 O  O     . HOH H 5 .  ? -2.43141  -5.90022  -11.32463 1.000 52.01000  ? 281 HOH A O     1 
HETATM 811 O  O     . HOH H 5 .  ? 12.12881  12.54125  -0.26210  1.000 50.85000  ? 282 HOH A O     1 
HETATM 812 O  O     . HOH H 5 .  ? 13.39090  8.83977   2.47149   1.000 49.01000  ? 283 HOH A O     1 
HETATM 813 O  O     . HOH H 5 .  ? -3.98202  -1.10643  -6.26013  1.000 52.43000  ? 284 HOH A O     1 
HETATM 814 O  O     . HOH H 5 .  ? 4.39251   14.16900  -4.21326  1.000 44.96000  ? 285 HOH A O     1 
HETATM 815 O  O     . HOH H 5 .  ? -3.83136  -8.67190  -13.72936 1.000 57.62000  ? 286 HOH A O     1 
# 
loop_
_atom_site_anisotrop.id 
_atom_site_anisotrop.type_symbol 
_atom_site_anisotrop.pdbx_label_atom_id 
_atom_site_anisotrop.pdbx_label_alt_id 
_atom_site_anisotrop.pdbx_label_comp_id 
_atom_site_anisotrop.pdbx_label_asym_id 
_atom_site_anisotrop.pdbx_label_seq_id 
_atom_site_anisotrop.pdbx_PDB_ins_code 
_atom_site_anisotrop.U[1][1] 
_atom_site_anisotrop.U[2][2] 
_atom_site_anisotrop.U[3][3] 
_atom_site_anisotrop.U[1][2] 
_atom_site_anisotrop.U[1][3] 
_atom_site_anisotrop.U[2][3] 
_atom_site_anisotrop.pdbx_auth_seq_id 
_atom_site_anisotrop.pdbx_auth_comp_id 
_atom_site_anisotrop.pdbx_auth_asym_id 
_atom_site_anisotrop.pdbx_auth_atom_id 
1   O "O5'" . C A 1  ? 0.53666 0.68039 0.49375 -0.10256 0.04024  -0.09156 1  C A "O5'" 
2   C "C5'" . C A 1  ? 0.45835 0.62273 0.44253 -0.07830 0.01528  -0.08448 1  C A "C5'" 
3   C "C4'" . C A 1  ? 0.37750 0.54175 0.35335 -0.06492 0.00126  -0.07597 1  C A "C4'" 
4   O "O4'" . C A 1  ? 0.41976 0.56307 0.34917 -0.07426 -0.00159 -0.05994 1  C A "O4'" 
5   C "C3'" . C A 1  ? 0.40962 0.58133 0.39455 -0.04590 -0.02188 -0.06775 1  C A "C3'" 
6   O "O3'" . C A 1  ? 0.38562 0.56965 0.40752 -0.03292 -0.03102 -0.08024 1  C A "O3'" 
7   C "C2'" . C A 1  ? 0.41919 0.57917 0.37464 -0.04403 -0.02788 -0.05630 1  C A "C2'" 
8   O "O2'" . C A 1  ? 0.42219 0.58058 0.38443 -0.03941 -0.02515 -0.06440 1  C A "O2'" 
9   C "C1'" . C A 1  ? 0.41730 0.56386 0.34244 -0.06085 -0.01908 -0.04917 1  C A "C1'" 
10  N N1    . C A 1  ? 0.39512 0.53576 0.30692 -0.06074 -0.03152 -0.03526 1  C A N1    
11  C C2    . C A 1  ? 0.39909 0.54232 0.30919 -0.05325 -0.04343 -0.02797 1  C A C2    
12  O O2    . C A 1  ? 0.37126 0.51574 0.28160 -0.04860 -0.04209 -0.03122 1  C A O2    
13  N N3    . C A 1  ? 0.34148 0.48279 0.25423 -0.05164 -0.05417 -0.01981 1  C A N3    
14  C C4    . C A 1  ? 0.34813 0.47933 0.25694 -0.05593 -0.05680 -0.01522 1  C A C4    
15  N N4    . C A 1  ? 0.33716 0.46471 0.25523 -0.05130 -0.07029 -0.00816 1  C A N4    
16  C C5    . C A 1  ? 0.38850 0.51060 0.28640 -0.06621 -0.04406 -0.02024 1  C A C5    
17  C C6    . C A 1  ? 0.36905 0.49941 0.27304 -0.06892 -0.03007 -0.03192 1  C A C6    
18  P P     . U A 2  ? 0.39745 0.58292 0.42683 -0.02152 -0.05257 -0.07710 2  U A P     
19  O OP1   . U A 2  ? 0.44369 0.63787 0.51344 -0.00941 -0.06749 -0.09174 2  U A OP1   
20  O OP2   . U A 2  ? 0.39641 0.58403 0.41996 -0.02958 -0.04773 -0.07252 2  U A OP2   
21  O "O5'" . U A 2  ? 0.40387 0.56926 0.39407 -0.01657 -0.06369 -0.06271 2  U A "O5'" 
22  C "C5'" . U A 2  ? 0.43900 0.59075 0.41826 -0.00981 -0.07041 -0.06290 2  U A "C5'" 
23  C "C4'" . U A 2  ? 0.40383 0.53552 0.34225 -0.01266 -0.07212 -0.05174 2  U A "C4'" 
24  O "O4'" . U A 2  ? 0.42343 0.56326 0.35330 -0.02246 -0.05809 -0.04553 2  U A "O4'" 
25  C "C3'" . U A 2  ? 0.43109 0.54654 0.35247 -0.01377 -0.07826 -0.04689 2  U A "C3'" 
26  O "O3'" . U A 2  ? 0.50761 0.59614 0.41286 -0.00857 -0.09696 -0.04787 2  U A "O3'" 
27  C "C2'" . U A 2  ? 0.46481 0.56890 0.36528 -0.02118 -0.06529 -0.04035 2  U A "C2'" 
28  O "O2'" . U A 2  ? 0.49036 0.56909 0.36355 -0.02154 -0.06678 -0.03990 2  U A "O2'" 
29  C "C1'" . U A 2  ? 0.36924 0.49629 0.28648 -0.02480 -0.05606 -0.03858 2  U A "C1'" 
30  N N1    . U A 2  ? 0.35476 0.49628 0.28566 -0.02833 -0.05338 -0.03591 2  U A N1    
31  C C2    . U A 2  ? 0.36026 0.50334 0.29110 -0.03172 -0.05122 -0.03390 2  U A C2    
32  O O2    . U A 2  ? 0.37412 0.51031 0.29427 -0.03470 -0.04773 -0.03655 2  U A O2    
33  N N3    . U A 2  ? 0.33303 0.48605 0.27882 -0.03282 -0.05337 -0.03131 2  U A N3    
34  C C4    . U A 2  ? 0.34703 0.50180 0.29787 -0.03363 -0.05442 -0.02913 2  U A C4    
35  O O4    . U A 2  ? 0.31125 0.46384 0.27020 -0.03435 -0.05695 -0.02507 2  U A O4    
36  C C5    . U A 2  ? 0.33052 0.48751 0.27997 -0.03406 -0.05176 -0.03435 2  U A C5    
37  C C6    . U A 2  ? 0.37754 0.53257 0.32199 -0.03025 -0.05336 -0.03854 2  U A C6    
38  P P     . G A 3  ? 0.52176 0.59587 0.41797 -0.01202 -0.10646 -0.04679 3  G A P     
39  O OP1   . G A 3  ? 0.59472 0.64267 0.47651 -0.00723 -0.12750 -0.04604 3  G A OP1   
40  O OP2   . G A 3  ? 0.47053 0.57697 0.40330 -0.01174 -0.10088 -0.05189 3  G A OP2   
41  O "O5'" . G A 3  ? 0.58019 0.63151 0.43910 -0.02199 -0.09199 -0.04397 3  G A "O5'" 
42  C "C5'" . G A 3  ? 0.58301 0.60652 0.40457 -0.02371 -0.08744 -0.04448 3  G A "C5'" 
43  C "C4'" . G A 3  ? 0.60527 0.62011 0.41162 -0.03849 -0.06498 -0.04618 3  G A "C4'" 
44  O "O4'" . G A 3  ? 0.53290 0.58439 0.37122 -0.04073 -0.05209 -0.04637 3  G A "O4'" 
45  C "C3'" . G A 3  ? 0.55859 0.57249 0.36292 -0.04734 -0.05930 -0.05083 3  G A "C3'" 
46  O "O3'" . G A 3  ? 0.66748 0.64157 0.43466 -0.05265 -0.06471 -0.05140 3  G A "O3'" 
47  C "C2'" . G A 3  ? 0.54127 0.57105 0.35478 -0.06093 -0.03438 -0.05889 3  G A "C2'" 
48  O "O2'" . G A 3  ? 0.53512 0.52945 0.31503 -0.07309 -0.01918 -0.06318 3  G A "O2'" 
49  C "C1'" . G A 3  ? 0.47642 0.54300 0.32508 -0.05138 -0.03742 -0.05398 3  G A "C1'" 
50  N N9    . G A 3  ? 0.43780 0.53688 0.32933 -0.04267 -0.04108 -0.05019 3  G A N9    
51  C C8    . G A 3  ? 0.35712 0.46992 0.26307 -0.03416 -0.05342 -0.04537 3  G A C8    
52  N N7    . G A 3  ? 0.40474 0.53569 0.33787 -0.03238 -0.05089 -0.04330 3  G A N7    
53  C C5    . G A 3  ? 0.37043 0.50198 0.31469 -0.03611 -0.04056 -0.04652 3  G A C5    
54  C C6    . G A 3  ? 0.30456 0.44688 0.27936 -0.03384 -0.03851 -0.04589 3  G A C6    
55  O O6    . G A 3  ? 0.34320 0.49025 0.32855 -0.03039 -0.04508 -0.03964 3  G A O6    
56  N N1    . G A 3  ? 0.31348 0.45703 0.30759 -0.03706 -0.02729 -0.05515 3  G A N1    
57  C C2    . G A 3  ? 0.30001 0.43287 0.27852 -0.04634 -0.01383 -0.06519 3  G A C2    
58  N N2    . G A 3  ? 0.35933 0.49832 0.37015 -0.05140 0.00178  -0.07928 3  G A N2    
59  N N3    . G A 3  ? 0.37276 0.48673 0.30781 -0.05129 -0.01527 -0.06328 3  G A N3    
60  C C4    . G A 3  ? 0.38795 0.50351 0.31154 -0.04347 -0.03149 -0.05311 3  G A C4    
61  P P     . G A 4  ? 0.63273 0.60283 0.39824 -0.05683 -0.07026 -0.05474 4  G A P     
62  O OP1   . G A 4  ? 0.76036 0.68383 0.48241 -0.06342 -0.08005 -0.05157 4  G A OP1   
63  O OP2   . G A 4  ? 0.64674 0.65639 0.45577 -0.04517 -0.08396 -0.05443 4  G A OP2   
64  O "O5'" . G A 4  ? 0.56705 0.53918 0.33126 -0.07451 -0.04075 -0.06483 4  G A "O5'" 
65  C "C5'" . G A 4  ? 0.64234 0.58327 0.37749 -0.09151 -0.01628 -0.07151 4  G A "C5'" 
66  C "C4'" . G A 4  ? 0.56385 0.52926 0.32839 -0.10347 0.01396  -0.08888 4  G A "C4'" 
67  O "O4'" . G A 4  ? 0.50764 0.52538 0.33208 -0.08646 0.00854  -0.08426 4  G A "O4'" 
68  C "C3'" . G A 4  ? 0.52067 0.49172 0.30121 -0.10773 0.02287  -0.09762 4  G A "C3'" 
69  O "O3'" . G A 4  ? 0.61722 0.54138 0.35649 -0.12678 0.03947  -0.10399 4  G A "O3'" 
70  C "C2'" . G A 4  ? 0.51041 0.52554 0.36595 -0.09884 0.04032  -0.10458 4  G A "C2'" 
71  O "O2'" . G A 4  ? 0.54441 0.54808 0.40322 -0.11585 0.07224  -0.12381 4  G A "O2'" 
72  C "C1'" . G A 4  ? 0.51353 0.55997 0.39280 -0.08164 0.02004  -0.09022 4  G A "C1'" 
73  N N9    . G A 4  ? 0.38883 0.46202 0.29655 -0.06467 -0.00116 -0.07712 4  G A N9    
74  C C8    . G A 4  ? 0.39525 0.47046 0.28829 -0.05668 -0.02330 -0.06610 4  G A C8    
75  N N7    . G A 4  ? 0.39434 0.49343 0.31963 -0.04719 -0.03084 -0.06013 4  G A N7    
76  C C5    . G A 4  ? 0.33220 0.44046 0.29024 -0.04665 -0.01813 -0.06438 4  G A C5    
77  C C6    . G A 4  ? 0.28595 0.40764 0.27691 -0.03919 -0.02172 -0.05972 4  G A C6    
78  O O6    . G A 4  ? 0.34518 0.47234 0.33668 -0.03544 -0.03187 -0.05168 4  G A O6    
79  N N1    . G A 4  ? 0.29261 0.41706 0.31813 -0.03773 -0.01116 -0.06763 4  G A N1    
80  C C2    . G A 4  ? 0.31486 0.43551 0.34963 -0.04519 0.00717  -0.08256 4  G A C2    
81  N N2    . G A 4  ? 0.35151 0.48104 0.43815 -0.04138 0.01645  -0.09380 4  G A N2    
82  N N3    . G A 4  ? 0.35115 0.45628 0.34717 -0.05697 0.01631  -0.08804 4  G A N3    
83  C C4    . G A 4  ? 0.36552 0.46265 0.32144 -0.05581 0.00003  -0.07642 4  G A C4    
84  P P     . G A 5  ? 0.62846 0.54020 0.35924 -0.13221 0.03843  -0.10725 5  G A P     
85  O OP1   . G A 5  ? 0.70053 0.55805 0.38122 -0.15343 0.05314  -0.10790 5  G A OP1   
86  O OP2   . G A 5  ? 0.62132 0.55146 0.35883 -0.11572 0.00297  -0.09452 5  G A OP2   
87  O "O5'" . G A 5  ? 0.56641 0.51431 0.36018 -0.13095 0.06521  -0.12546 5  G A "O5'" 
88  C "C5'" . G A 5  ? 0.60867 0.55627 0.42976 -0.14338 0.10319  -0.14680 5  G A "C5'" 
89  C "C4'" . G A 5  ? 0.48344 0.47133 0.39003 -0.12821 0.11307  -0.15403 5  G A "C4'" 
90  O "O4'" . G A 5  ? 0.47006 0.50321 0.42773 -0.10120 0.08509  -0.13599 5  G A "O4'" 
91  C "C3'" . G A 5  ? 0.53919 0.51753 0.44388 -0.12832 0.11170  -0.15424 5  G A "C3'" 
92  O "O3'" . G A 5  ? 0.64166 0.58192 0.52111 -0.15399 0.14751  -0.17789 5  G A "O3'" 
93  C "C2'" . G A 5  ? 0.47470 0.49693 0.46197 -0.10277 0.10167  -0.14861 5  G A "C2'" 
94  O "O2'" . G A 5  ? 0.52964 0.56226 0.58049 -0.10327 0.12953  -0.17090 5  G A "O2'" 
95  C "C1'" . G A 5  ? 0.45263 0.50385 0.45362 -0.08662 0.07668  -0.13138 5  G A "C1'" 
96  N N9    . G A 5  ? 0.36921 0.42953 0.35115 -0.07468 0.04539  -0.10916 5  G A N9    
97  C C8    . G A 5  ? 0.40585 0.45419 0.33646 -0.07845 0.02839  -0.09918 5  G A C8    
98  N N7    . G A 5  ? 0.34863 0.41382 0.28676 -0.06699 0.00653  -0.08554 5  G A N7    
99  C C5    . G A 5  ? 0.33562 0.41776 0.31932 -0.05699 0.00869  -0.08357 5  G A C5    
100 C C6    . G A 5  ? 0.31417 0.40891 0.31382 -0.04771 -0.00536 -0.07209 5  G A C6    
101 O O6    . G A 5  ? 0.32741 0.42865 0.31344 -0.04684 -0.01832 -0.06459 5  G A O6    
102 N N1    . G A 5  ? 0.30875 0.40452 0.34503 -0.04013 -0.00247 -0.07193 5  G A N1    
103 C C2    . G A 5  ? 0.29851 0.39229 0.36870 -0.03857 0.01193  -0.08450 5  G A C2    
104 N N2    . G A 5  ? 0.30537 0.39812 0.41622 -0.02732 0.00641  -0.08290 5  G A N2    
105 N N3    . G A 5  ? 0.31387 0.40294 0.37909 -0.04872 0.03107  -0.09958 5  G A N3    
106 C C4    . G A 5  ? 0.30740 0.38700 0.32130 -0.05905 0.02865  -0.09700 5  G A C4    
107 P P     . U A 6  ? 0.72361 0.63436 0.56923 -0.16517 0.14994  -0.18089 6  U A P     
108 O OP1   . U A 6  ? 0.83691 0.69872 0.61837 -0.19131 0.16228  -0.17575 6  U A OP1   
109 O OP2   . U A 6  ? 0.69449 0.62552 0.53979 -0.14615 0.10976  -0.15687 6  U A OP2   
110 O "O5'" . U A 6  ? 0.64776 0.57796 0.57418 -0.15894 0.17931  -0.20075 6  U A "O5'" 
111 C "C5'" . U A 6  ? 0.62835 0.55415 0.59000 -0.17325 0.21910  -0.22389 6  U A "C5'" 
112 C "C4'" . U A 6  ? 0.56302 0.51685 0.62343 -0.15690 0.23645  -0.24422 6  U A "C4'" 
113 O "O4'" . U A 6  ? 0.54727 0.54983 0.67790 -0.12355 0.20506  -0.22940 6  U A "O4'" 
114 C "C3'" . U A 6  ? 0.54056 0.48167 0.60297 -0.15227 0.23449  -0.24383 6  U A "C3'" 
115 O "O3'" . U A 6  ? 0.59422 0.50160 0.62338 -0.18011 0.26240  -0.25033 6  U A "O3'" 
116 C "C2'" . U A 6  ? 0.54281 0.52319 0.71480 -0.12144 0.22672  -0.24654 6  U A "C2'" 
117 O "O2'" . U A 6  ? 0.55858 0.54303 0.79859 -0.12945 0.26317  -0.27656 6  U A "O2'" 
118 C "C1'" . U A 6  ? 0.48588 0.50290 0.67882 -0.10182 0.19400  -0.22655 6  U A "C1'" 
119 N N1    . U A 6  ? 0.42467 0.45168 0.59294 -0.08321 0.14999  -0.19223 6  U A N1    
120 C C2    . U A 6  ? 0.35072 0.39095 0.57573 -0.05897 0.12958  -0.18304 6  U A C2    
121 O O2    . U A 6  ? 0.42111 0.46678 0.71992 -0.04866 0.14067  -0.20056 6  U A O2    
122 N N3    . U A 6  ? 0.36497 0.40726 0.55788 -0.04833 0.09576  -0.15446 6  U A N3    
123 C C4    . U A 6  ? 0.36842 0.40931 0.49467 -0.05696 0.08153  -0.13775 6  U A C4    
124 O O4    . U A 6  ? 0.39118 0.43606 0.50337 -0.04826 0.05708  -0.11780 6  U A O4    
125 C C5    . U A 6  ? 0.42839 0.45800 0.50721 -0.07716 0.09798  -0.14761 6  U A C5    
126 C C6    . U A 6  ? 0.43935 0.45810 0.53254 -0.09083 0.13085  -0.17261 6  U A C6    
127 P P     . C A 7  ? 0.67725 0.55182 0.64073 -0.19091 0.25359  -0.23943 7  C A P     
128 O OP1   . C A 7  ? 0.71167 0.56022 0.67060 -0.21680 0.29151  -0.25264 7  C A OP1   
129 O OP2   . C A 7  ? 0.67942 0.53917 0.56020 -0.19526 0.21898  -0.21654 7  C A OP2   
130 O "O5'" . C A 7  ? 0.59568 0.49016 0.61546 -0.16277 0.23771  -0.24136 7  C A "O5'" 
131 C "C5'" . C A 7  ? 0.56251 0.47022 0.67097 -0.14767 0.25594  -0.25775 7  C A "C5'" 
132 C "C4'" . C A 7  ? 0.53993 0.46788 0.68739 -0.11696 0.22029  -0.23603 7  C A "C4'" 
133 O "O4'" . C A 7  ? 0.49492 0.45578 0.64771 -0.09744 0.18233  -0.21007 7  C A "O4'" 
134 C "C3'" . C A 7  ? 0.53031 0.43702 0.61796 -0.12478 0.20543  -0.22078 7  C A "C3'" 
135 O "O3'" . C A 7  ? 0.59173 0.46829 0.68548 -0.13607 0.23371  -0.24012 7  C A "O3'" 
136 C "C2'" . C A 7  ? 0.45010 0.38267 0.56223 -0.09723 0.16473  -0.19200 7  C A "C2'" 
137 O "O2'" . C A 7  ? 0.49684 0.42702 0.67504 -0.07693 0.16372  -0.19467 7  C A "O2'" 
138 C "C1'" . C A 7  ? 0.44887 0.41208 0.57765 -0.08635 0.14955  -0.18359 7  C A "C1'" 
139 N N1    . C A 7  ? 0.43944 0.40702 0.50155 -0.09611 0.13015  -0.16732 7  C A N1    
140 C C2    . C A 7  ? 0.41244 0.39329 0.46207 -0.08505 0.09895  -0.14385 7  C A C2    
141 O O2    . C A 7  ? 0.44241 0.42428 0.52471 -0.07014 0.08885  -0.13543 7  C A O2    
142 N N3    . C A 7  ? 0.41327 0.40116 0.41637 -0.09182 0.08091  -0.13254 7  C A N3    
143 C C4    . C A 7  ? 0.46196 0.43772 0.42283 -0.10763 0.08711  -0.13999 7  C A C4    
144 N N4    . C A 7  ? 0.44311 0.42399 0.36571 -0.11027 0.06314  -0.12850 7  C A N4    
145 C C5    . C A 7  ? 0.43526 0.38818 0.39126 -0.12284 0.11900  -0.16141 7  C A C5    
146 C C6    . C A 7  ? 0.47637 0.42920 0.48743 -0.11729 0.14266  -0.17644 7  C A C6    
147 P P     . G A 8  ? 0.61863 0.45754 0.62453 -0.16832 0.24424  -0.24278 8  G A P     
148 O OP1   . G A 8  ? 0.66240 0.48391 0.69369 -0.17399 0.27193  -0.25485 8  G A OP1   
149 O OP2   . G A 8  ? 0.72208 0.55444 0.66468 -0.18944 0.24425  -0.23656 8  G A OP2   
150 O "O5'" . G A 8  ? 0.57785 0.42777 0.55459 -0.15928 0.20336  -0.21640 8  G A "O5'" 
151 C "C5'" . G A 8  ? 0.53337 0.39075 0.55189 -0.13894 0.19070  -0.20530 8  G A "C5'" 
152 C "C4'" . G A 8  ? 0.52854 0.40282 0.51783 -0.13462 0.15550  -0.18086 8  G A "C4'" 
153 O "O4'" . G A 8  ? 0.51855 0.42483 0.51333 -0.12161 0.13228  -0.16550 8  G A "O4'" 
154 C "C3'" . G A 8  ? 0.54579 0.40776 0.46956 -0.15976 0.14889  -0.18252 8  G A "C3'" 
155 O "O3'" . G A 8  ? 0.61722 0.45277 0.52761 -0.17336 0.16200  -0.19163 8  G A "O3'" 
156 C "C2'" . G A 8  ? 0.51515 0.41000 0.43525 -0.14932 0.11408  -0.16162 8  G A "C2'" 
157 O "O2'" . G A 8  ? 0.51719 0.41582 0.45549 -0.14184 0.10663  -0.15237 8  G A "O2'" 
158 C "C1'" . G A 8  ? 0.49905 0.41714 0.45241 -0.12916 0.10826  -0.15333 8  G A "C1'" 
159 N N9    . G A 8  ? 0.50106 0.42180 0.41884 -0.13886 0.10231  -0.15512 8  G A N9    
160 C C8    . G A 8  ? 0.64506 0.54393 0.54180 -0.15265 0.12406  -0.17039 8  G A C8    
161 N N7    . G A 8  ? 0.56488 0.45938 0.41584 -0.16167 0.10898  -0.16616 8  G A N7    
162 C C5    . G A 8  ? 0.54684 0.46771 0.39935 -0.15092 0.07518  -0.14914 8  G A C5    
163 C C6    . G A 8  ? 0.60349 0.53276 0.42684 -0.15093 0.04449  -0.13931 8  G A C6    
164 O O6    . G A 8  ? 0.64586 0.55339 0.42425 -0.16080 0.03745  -0.14046 8  G A O6    
165 N N1    . G A 8  ? 0.49852 0.46004 0.34934 -0.13921 0.02155  -0.12914 8  G A N1    
166 C C2    . G A 8  ? 0.46656 0.44284 0.35400 -0.13220 0.02859  -0.12682 8  G A C2    
167 N N2    . G A 8  ? 0.44281 0.44595 0.34924 -0.12695 0.01086  -0.12067 8  G A N2    
168 N N3    . G A 8  ? 0.42104 0.38257 0.32600 -0.13146 0.05270  -0.13204 8  G A N3    
169 C C4    . G A 8  ? 0.45948 0.39687 0.35126 -0.13937 0.07404  -0.14370 8  G A C4    
170 P P     . C A 9  ? 0.68489 0.48272 0.53629 -0.20646 0.18101  -0.21060 9  C A P     
171 O OP1   . C A 9  ? 0.68787 0.46454 0.54849 -0.21139 0.19911  -0.21709 9  C A OP1   
172 O OP2   . C A 9  ? 0.72912 0.51960 0.57177 -0.21200 0.20071  -0.21619 9  C A OP2   
173 O "O5'" . C A 9  ? 0.67740 0.48910 0.48150 -0.21691 0.14477  -0.19778 9  C A "O5'" 
174 C "C5'" . C A 9  ? 0.71315 0.50549 0.46345 -0.23588 0.13935  -0.19503 9  C A "C5'" 
175 C "C4'" . C A 9  ? 0.67942 0.48889 0.41029 -0.23829 0.09862  -0.18496 9  C A "C4'" 
176 O "O4'" . C A 9  ? 0.65537 0.47369 0.40514 -0.24186 0.09767  -0.18913 9  C A "O4'" 
177 C "C3'" . C A 9  ? 0.66521 0.51047 0.41802 -0.22184 0.06903  -0.17582 9  C A "C3'" 
178 O "O3'" . C A 9  ? 0.68255 0.52031 0.40674 -0.21945 0.05529  -0.16771 9  C A "O3'" 
179 C "C2'" . C A 9  ? 0.62390 0.49272 0.38728 -0.22371 0.03990  -0.17374 9  C A "C2'" 
180 O "O2'" . C A 9  ? 0.68655 0.54199 0.41376 -0.23109 0.01240  -0.16958 9  C A "O2'" 
181 C "C1'" . C A 9  ? 0.62057 0.47516 0.39127 -0.23473 0.06536  -0.18334 9  C A "C1'" 
182 N N1    . C A 9  ? 0.58403 0.45518 0.39688 -0.22682 0.07702  -0.18569 9  C A N1    
183 C C2    . C A 9  ? 0.55788 0.46290 0.39652 -0.22593 0.05761  -0.18408 9  C A C2    
184 O O2    . C A 9  ? 0.62124 0.54588 0.45778 -0.22776 0.02948  -0.18289 9  C A O2    
185 N N3    . C A 9  ? 0.53500 0.45004 0.40546 -0.21566 0.06958  -0.17722 9  C A N3    
186 C C4    . C A 9  ? 0.55822 0.44952 0.43645 -0.20427 0.09178  -0.17103 9  C A C4    
187 N N4    . C A 9  ? 0.53727 0.42679 0.43383 -0.19629 0.09763  -0.16224 9  C A N4    
188 C C5    . C A 9  ? 0.55823 0.42169 0.42548 -0.20205 0.10912  -0.17579 9  C A C5    
189 C C6    . C A 9  ? 0.63722 0.49119 0.46999 -0.21642 0.10521  -0.18524 9  C A C6    
190 P P     . A A 10 ? 0.66505 0.52817 0.41327 -0.20185 0.04827  -0.16198 10 A A P     
191 O OP1   . A A 10 ? 0.73698 0.57869 0.44263 -0.20438 0.03599  -0.15314 10 A A OP1   
192 O OP2   . A A 10 ? 0.60216 0.47064 0.39180 -0.19277 0.08060  -0.16947 10 A A OP2   
193 O "O5'" . A A 10 ? 0.60966 0.51614 0.39190 -0.19022 0.01631  -0.15595 10 A A "O5'" 
194 C "C5'" . A A 10 ? 0.62825 0.54390 0.40386 -0.19005 -0.01905 -0.15089 10 A A "C5'" 
195 C "C4'" . A A 10 ? 0.62333 0.58465 0.45052 -0.18245 -0.03328 -0.15261 10 A A "C4'" 
196 O "O4'" . A A 10 ? 0.57323 0.53556 0.41910 -0.19106 -0.00846 -0.16068 10 A A "O4'" 
197 C "C3'" . A A 10 ? 0.64482 0.63932 0.50876 -0.16258 -0.03362 -0.14302 10 A A "C3'" 
198 O "O3'" . A A 10 ? 0.55932 0.56689 0.42229 -0.15489 -0.06542 -0.13924 10 A A "O3'" 
199 C "C2'" . A A 10 ? 0.52718 0.55030 0.43672 -0.15976 -0.02368 -0.14462 10 A A "C2'" 
200 O "O2'" . A A 10 ? 0.54401 0.59752 0.48167 -0.16285 -0.04757 -0.15329 10 A A "O2'" 
201 C "C1'" . A A 10 ? 0.49701 0.49213 0.38956 -0.17609 -0.00263 -0.15348 10 A A "C1'" 
202 N N9    . A A 10 ? 0.46315 0.43993 0.36152 -0.16929 0.02705  -0.14774 10 A A N9    
203 C C8    . A A 10 ? 0.46568 0.41403 0.34889 -0.16753 0.04611  -0.14835 10 A A C8    
204 N N7    . A A 10 ? 0.51874 0.45588 0.42339 -0.15876 0.06550  -0.14485 10 A A N7    
205 C C5    . A A 10 ? 0.48298 0.43390 0.40322 -0.15819 0.05995  -0.13960 10 A A C5    
206 C C6    . A A 10 ? 0.45813 0.39454 0.39053 -0.15311 0.07025  -0.13254 10 A A C6    
207 N N6    . A A 10 ? 0.50284 0.41094 0.44472 -0.14195 0.08253  -0.12847 10 A A N6    
208 N N1    . A A 10 ? 0.47463 0.42196 0.40941 -0.16091 0.06672  -0.13128 10 A A N1    
209 C C2    . A A 10 ? 0.46757 0.44788 0.40885 -0.17017 0.05365  -0.13972 10 A A C2    
210 N N3    . A A 10 ? 0.44537 0.44447 0.38436 -0.17108 0.03654  -0.14577 10 A A N3    
211 C C4    . A A 10 ? 0.43950 0.41801 0.35980 -0.16609 0.04052  -0.14387 10 A A C4    
212 P P     . G A 11 ? 0.55571 0.50007 0.49293 -0.13313 -0.12983 -0.11628 11 G A P     
213 O OP1   . G A 11 ? 0.62155 0.58809 0.60815 -0.14087 -0.15669 -0.09546 11 G A OP1   
214 O OP2   . G A 11 ? 0.58244 0.50552 0.45234 -0.13100 -0.10947 -0.13219 11 G A OP2   
215 O "O5'" . G A 11 ? 0.43678 0.40647 0.41845 -0.11048 -0.09962 -0.12027 11 G A "O5'" 
216 C "C5'" . G A 11 ? 0.48834 0.48012 0.53573 -0.10973 -0.09980 -0.10986 11 G A "C5'" 
217 C "C4'" . G A 11 ? 0.40190 0.41900 0.47670 -0.09388 -0.07470 -0.10754 11 G A "C4'" 
218 O "O4'" . G A 11 ? 0.38094 0.38551 0.42015 -0.08140 -0.05428 -0.11855 11 G A "O4'" 
219 C "C3'" . G A 11 ? 0.37036 0.40489 0.44695 -0.09007 -0.07909 -0.10079 11 G A "C3'" 
220 O "O3'" . G A 11 ? 0.40764 0.46567 0.53429 -0.08263 -0.06345 -0.09447 11 G A "O3'" 
221 C "C2'" . G A 11 ? 0.36941 0.39462 0.39297 -0.07945 -0.06351 -0.11178 11 G A "C2'" 
222 O "O2'" . G A 11 ? 0.38457 0.42828 0.41214 -0.07072 -0.05503 -0.10741 11 G A "O2'" 
223 C "C1'" . G A 11 ? 0.33875 0.35419 0.36196 -0.07056 -0.04545 -0.11938 11 G A "C1'" 
224 N N9    . G A 11 ? 0.36722 0.36412 0.35345 -0.06338 -0.03714 -0.13235 11 G A N9    
225 C C8    . G A 11 ? 0.37870 0.36955 0.33255 -0.06352 -0.03377 -0.14068 11 G A C8    
226 N N7    . G A 11 ? 0.39473 0.36980 0.33637 -0.05487 -0.01937 -0.15423 11 G A N7    
227 C C5    . G A 11 ? 0.40649 0.37491 0.36960 -0.04913 -0.02044 -0.15186 11 G A C5    
228 C C6    . G A 11 ? 0.41582 0.36492 0.38516 -0.03937 -0.01446 -0.15989 11 G A C6    
229 O O6    . G A 11 ? 0.42625 0.36390 0.39536 -0.03093 -0.00270 -0.17352 11 G A O6    
230 N N1    . G A 11 ? 0.39270 0.33237 0.37383 -0.04165 -0.02212 -0.15112 11 G A N1    
231 C C2    . G A 11 ? 0.38440 0.33372 0.37348 -0.05217 -0.02612 -0.13942 11 G A C2    
232 N N2    . G A 11 ? 0.38688 0.31813 0.37809 -0.05774 -0.02715 -0.13373 11 G A N2    
233 N N3    . G A 11 ? 0.36149 0.33350 0.35981 -0.05838 -0.02799 -0.13375 11 G A N3    
234 C C4    . G A 11 ? 0.37291 0.35270 0.35629 -0.05627 -0.02901 -0.13895 11 G A C4    
235 P P     . U A 12 ? 0.44025 0.51728 0.64747 -0.09084 -0.07509 -0.08242 12 U A P     
236 O OP1   . U A 12 ? 0.61554 0.68187 0.82929 -0.10718 -0.11188 -0.07530 12 U A OP1   
237 O OP2   . U A 12 ? 0.59767 0.69404 0.83509 -0.08364 -0.07068 -0.07578 12 U A OP2   
238 O "O5'" . U A 12 ? 0.65901 0.73578 0.90151 -0.09145 -0.04539 -0.08798 12 U A "O5'" 
239 C "C5'" . U A 12 ? 0.62664 0.72138 0.95199 -0.09472 -0.03024 -0.08408 12 U A "C5'" 
240 C "C4'" . U A 12 ? 0.49195 0.57790 0.80685 -0.09152 0.01454  -0.09350 12 U A "C4'" 
241 O "O4'" . U A 12 ? 0.60074 0.65996 0.86270 -0.09700 0.02477  -0.10036 12 U A "O4'" 
242 C "C3'" . U A 12 ? 0.54875 0.63147 0.81638 -0.08029 0.02436  -0.09542 12 U A "C3'" 
243 O "O3'" . U A 12 ? 0.69028 0.76809 0.97953 -0.08217 0.06213  -0.10076 12 U A "O3'" 
244 C "C2'" . U A 12 ? 0.43945 0.49734 0.62721 -0.07799 0.02349  -0.10061 12 U A "C2'" 
245 O "O2'" . U A 12 ? 0.51277 0.55732 0.65691 -0.07280 0.03867  -0.10261 12 U A "O2'" 
246 C "C1'" . U A 12 ? 0.44333 0.48322 0.63685 -0.09028 0.03645  -0.10461 12 U A "C1'" 
247 N N1    . U A 12 ? 0.48777 0.50444 0.62680 -0.09023 0.02319  -0.10745 12 U A N1    
248 C C2    . U A 12 ? 0.42695 0.41301 0.53834 -0.10037 0.03974  -0.11014 12 U A C2    
249 O O2    . U A 12 ? 0.45712 0.43204 0.57874 -0.11202 0.06836  -0.11169 12 U A O2    
250 N N3    . U A 12 ? 0.38718 0.35023 0.45639 -0.09856 0.02389  -0.11182 12 U A N3    
251 C C4    . U A 12 ? 0.35523 0.32259 0.40938 -0.08730 0.00065  -0.11464 12 U A C4    
252 O O4    . U A 12 ? 0.38349 0.32669 0.40942 -0.08561 -0.00808 -0.11803 12 U A O4    
253 C C5    . U A 12 ? 0.33312 0.32886 0.40651 -0.08070 -0.00986 -0.11369 12 U A C5    
254 C C6    . U A 12 ? 0.42496 0.44361 0.53783 -0.08240 -0.00226 -0.10845 12 U A C6    
255 P P     A N A 13 ? 0.49642 0.59712 0.86376 -0.07779 0.06976  -0.09783 13 N A P     
256 P P     B N A 13 ? 0.63677 0.73469 1.03143 -0.08601 0.08072  -0.10080 13 N A P     
257 O OP1   A N A 13 ? 0.56990 0.69356 0.96314 -0.07254 0.02361  -0.08450 13 N A OP1   
258 O OP1   B N A 13 ? 0.63782 0.72175 1.05883 -0.10047 0.11527  -0.10951 13 N A OP1   
259 O OP2   A N A 13 ? 0.49827 0.58128 0.82655 -0.07530 0.10030  -0.10478 13 N A OP2   
260 O OP2   B N A 13 ? 0.62037 0.74680 1.07674 -0.08194 0.03756  -0.08729 13 N A OP2   
261 O "O5'" A N A 13 ? 0.57425 0.68210 1.03335 -0.08826 0.09537  -0.10211 13 N A "O5'" 
262 O "O5'" B N A 13 ? 0.61754 0.70803 1.00493 -0.08101 0.11067  -0.10665 13 N A "O5'" 
263 C "C5'" A N A 13 ? 0.67665 0.75774 1.11472 -0.10151 0.13830  -0.11421 13 N A "C5'" 
264 C "C5'" B N A 13 ? 0.62292 0.72005 1.09423 -0.08337 0.14478  -0.11315 13 N A "C5'" 
265 C "C4'" A N A 13 ? 0.77234 0.84654 1.27262 -0.10018 0.17772  -0.12113 13 N A "C4'" 
266 C "C4'" B N A 13 ? 0.77134 0.82832 1.18724 -0.09167 0.19576  -0.12788 13 N A "C4'" 
267 O "O4'" A N A 13 ? 0.86735 0.95536 1.44058 -0.09886 0.16566  -0.11464 13 N A "O4'" 
268 O "O4'" B N A 13 ? 0.75610 0.81033 1.17667 -0.08211 0.20184  -0.12886 13 N A "O4'" 
269 C "C3'" A N A 13 ? 0.92402 0.95214 1.36664 -0.11443 0.23205  -0.13749 13 N A "C3'" 
270 C "C3'" B N A 13 ? 0.93123 0.95702 1.36695 -0.09889 0.23776  -0.13988 13 N A "C3'" 
271 O "O3'" A N A 13 ? 1.01798 1.02070 1.40001 -0.11610 0.25171  -0.14441 13 N A "O3'" 
272 O "O3'" B N A 13 ? 1.01193 1.01309 1.39498 -0.11667 0.25382  -0.14501 13 N A "O3'" 
273 C "C2'" A N A 13 ? 0.95142 0.97531 1.47137 -0.11079 0.25842  -0.14404 13 N A "C2'" 
274 C "C2'" B N A 13 ? 0.86521 0.85507 1.28372 -0.09953 0.27454  -0.15257 13 N A "C2'" 
275 O "O2'" A N A 13 ? 1.01012 1.03377 1.57991 -0.09786 0.26778  -0.14736 13 N A "O2'" 
276 O "O2'" B N A 13 ? 0.90993 0.84227 1.23820 -0.12076 0.31379  -0.16675 13 N A "O2'" 
277 C "C1'" A N A 13 ? 0.87939 0.94282 1.47199 -0.10434 0.21416  -0.12789 13 N A "C1'" 
278 C "C1'" B N A 13 ? 0.78106 0.78869 1.17255 -0.09090 0.24898  -0.14401 13 N A "C1'" 
279 P P     . N A 14 ? 1.11873 1.07225 1.37722 -0.13761 0.26915  -0.14934 14 N A P     
280 O OP1   . N A 14 ? 1.14407 1.03903 1.35660 -0.15276 0.31707  -0.16515 14 N A OP1   
281 O OP2   . N A 14 ? 1.07550 1.03244 1.27896 -0.12539 0.23633  -0.14048 14 N A OP2   
282 O "O5'" . N A 14 ? 0.98459 0.93679 1.21562 -0.14494 0.24357  -0.14198 14 N A "O5'" 
283 C "C5'" . N A 14 ? 0.67031 0.58955 0.79765 -0.14783 0.21761  -0.13514 14 N A "C5'" 
284 C "C4'" . N A 14 ? 0.55992 0.46169 0.66379 -0.15976 0.20866  -0.13258 14 N A "C4'" 
285 O "O4'" . N A 14 ? 0.59055 0.53415 0.78630 -0.15436 0.20077  -0.13181 14 N A "O4'" 
286 C "C3'" . N A 14 ? 0.56959 0.46118 0.61072 -0.15072 0.16244  -0.12219 14 N A "C3'" 
287 O "O3'" . N A 14 ? 0.65559 0.49047 0.60354 -0.16608 0.16415  -0.11915 14 N A "O3'" 
288 C "C2'" . N A 14 ? 0.49970 0.39956 0.56825 -0.15401 0.14921  -0.12074 14 N A "C2'" 
289 O "O2'" . N A 14 ? 0.60175 0.45276 0.62418 -0.17990 0.17197  -0.12303 14 N A "O2'" 
290 C "C1'" . N A 14 ? 0.62819 0.57213 0.79968 -0.15086 0.16307  -0.12444 14 N A "C1'" 
291 P P     . C A 15 ? 0.66645 0.49382 0.56473 -0.15299 0.12906  -0.10953 15 C A P     
292 O OP1   . C A 15 ? 0.79242 0.54998 0.60010 -0.17955 0.13751  -0.10575 15 C A OP1   
293 O OP2   . C A 15 ? 0.61231 0.48612 0.55756 -0.13181 0.12479  -0.11060 15 C A OP2   
294 O "O5'" . C A 15 ? 0.60896 0.44675 0.50850 -0.13880 0.08738  -0.10240 15 C A "O5'" 
295 C "C5'" . C A 15 ? 0.62067 0.41729 0.48174 -0.15410 0.07850  -0.09847 15 C A "C5'" 
296 C "C4'" . C A 15 ? 0.56460 0.37308 0.43642 -0.13534 0.03988  -0.09397 15 C A "C4'" 
297 O "O4'" . C A 15 ? 0.52934 0.38663 0.46073 -0.11907 0.03726  -0.10139 15 C A "O4'" 
298 C "C3'" . C A 15 ? 0.56555 0.38257 0.43289 -0.11771 0.01402  -0.08793 15 C A "C3'" 
299 O "O3'" . C A 15 ? 0.62245 0.38709 0.43526 -0.13171 -0.00412 -0.07577 15 C A "O3'" 
300 C "C2'" . C A 15 ? 0.52401 0.36974 0.43045 -0.09677 -0.00574 -0.09270 15 C A "C2'" 
301 O "O2'" . C A 15 ? 0.55973 0.36957 0.44940 -0.10213 -0.02390 -0.08909 15 C A "O2'" 
302 C "C1'" . C A 15 ? 0.51632 0.39340 0.45898 -0.09753 0.01177  -0.10173 15 C A "C1'" 
303 N N1    . C A 15 ? 0.46301 0.38472 0.43977 -0.08419 0.01590  -0.10515 15 C A N1    
304 C C2    . C A 15 ? 0.40839 0.35132 0.39719 -0.06741 -0.00014 -0.10894 15 C A C2    
305 O O2    . C A 15 ? 0.43345 0.36012 0.41343 -0.06173 -0.01316 -0.11161 15 C A O2    
306 N N3    . C A 15 ? 0.34126 0.31735 0.35059 -0.05957 0.00101  -0.11044 15 C A N3    
307 C C4    . C A 15 ? 0.34572 0.33674 0.37434 -0.06464 0.01379  -0.10728 15 C A C4    
308 N N4    . C A 15 ? 0.36371 0.38325 0.41204 -0.05780 0.00891  -0.10632 15 C A N4    
309 C C5    . C A 15 ? 0.35388 0.32675 0.38167 -0.07884 0.03465  -0.10592 15 C A C5    
310 C C6    . C A 15 ? 0.41093 0.34748 0.40658 -0.08990 0.03680  -0.10534 15 C A C6    
311 P P     . C A 16 ? 0.65447 0.41789 0.45654 -0.12468 -0.02284 -0.06653 16 C A P     
312 O OP1   . C A 16 ? 0.78405 0.47761 0.52113 -0.14909 -0.04710 -0.05059 16 C A OP1   
313 O OP2   . C A 16 ? 0.61238 0.40486 0.42496 -0.12162 0.00326  -0.07316 16 C A OP2   
314 O "O5'" . C A 16 ? 0.56253 0.36746 0.42350 -0.09468 -0.04641 -0.06821 16 C A "O5'" 
315 C "C5'" . C A 16 ? 0.58567 0.37152 0.45981 -0.08913 -0.07313 -0.06382 16 C A "C5'" 
316 C "C4'" . C A 16 ? 0.49362 0.31909 0.42829 -0.06159 -0.08277 -0.06981 16 C A "C4'" 
317 O "O4'" . C A 16 ? 0.47345 0.34283 0.43432 -0.04909 -0.05902 -0.08679 16 C A "O4'" 
318 C "C3'" . C A 16 ? 0.47331 0.31785 0.42564 -0.05308 -0.09012 -0.06342 16 C A "C3'" 
319 O "O3'" . C A 16 ? 0.57287 0.38021 0.52172 -0.05992 -0.12500 -0.04528 16 C A "O3'" 
320 C "C2'" . C A 16 ? 0.44411 0.33632 0.45277 -0.02902 -0.07820 -0.07827 16 C A "C2'" 
321 O "O2'" . C A 16 ? 0.48330 0.36549 0.53481 -0.01705 -0.09389 -0.08022 16 C A "O2'" 
322 C "C1'" . C A 16 ? 0.48397 0.39022 0.47992 -0.03150 -0.05549 -0.09221 16 C A "C1'" 
323 N N1    . C A 16 ? 0.40692 0.34451 0.39608 -0.03306 -0.03600 -0.09599 16 C A N1    
324 C C2    . C A 16 ? 0.34288 0.31580 0.35602 -0.02040 -0.02792 -0.10351 16 C A C2    
325 O O2    . C A 16 ? 0.34952 0.32718 0.38990 -0.00846 -0.03064 -0.10905 16 C A O2    
326 N N3    . C A 16 ? 0.33964 0.33667 0.34800 -0.02317 -0.01625 -0.10456 16 C A N3    
327 C C4    . C A 16 ? 0.32315 0.31478 0.31817 -0.03470 -0.00936 -0.10040 16 C A C4    
328 N N4    . C A 16 ? 0.33985 0.35536 0.34468 -0.03569 -0.00105 -0.10054 16 C A N4    
329 C C5    . C A 16 ? 0.37566 0.33320 0.34894 -0.04785 -0.00894 -0.09620 16 C A C5    
330 C C6    . C A 16 ? 0.40801 0.33777 0.37242 -0.04790 -0.02406 -0.09321 16 C A C6    
331 P P     . C A 17 ? 0.59279 0.39716 0.53235 -0.06547 -0.13926 -0.03150 17 C A P     
332 O OP1   . C A 17 ? 0.69221 0.44430 0.62480 -0.07844 -0.18617 -0.00907 17 C A OP1   
333 O OP2   . C A 17 ? 0.58247 0.38393 0.46640 -0.08082 -0.11234 -0.03523 17 C A OP2   
334 O "O5'" . C A 17 ? 0.54694 0.41211 0.56115 -0.03812 -0.12890 -0.04160 17 C A "O5'" 
335 C "C5'" . C A 17 ? 0.51679 0.39504 0.60457 -0.01947 -0.14259 -0.04343 17 C A "C5'" 
336 C "C4'" . C A 17 ? 0.43645 0.36828 0.57957 -0.00015 -0.11966 -0.05621 17 C A "C4'" 
337 O "O4'" . C A 17 ? 0.43281 0.39246 0.55563 0.00419  -0.08300 -0.07654 17 C A "O4'" 
338 C "C3'" . C A 17 ? 0.43342 0.38050 0.57078 -0.00463 -0.12314 -0.04598 17 C A "C3'" 
339 O "O3'" . C A 17 ? 0.47511 0.40865 0.65585 -0.00543 -0.15905 -0.02715 17 C A "O3'" 
340 C "C2'" . C A 17 ? 0.36876 0.36615 0.53289 0.00942  -0.08704 -0.06475 17 C A "C2'" 
341 O "O2'" . C A 17 ? 0.42288 0.44030 0.66562 0.02571  -0.08157 -0.07275 17 C A "O2'" 
342 C "C1'" . C A 17 ? 0.40789 0.40395 0.53706 0.00837  -0.06501 -0.08071 17 C A "C1'" 
343 N N1    . C A 17 ? 0.34975 0.34778 0.42317 -0.00342 -0.05323 -0.08017 17 C A N1    
344 C C2    . C A 17 ? 0.32138 0.35200 0.39251 -0.00098 -0.03410 -0.08674 17 C A C2    
345 O O2    . C A 17 ? 0.34426 0.39873 0.44851 0.00825  -0.02454 -0.09311 17 C A O2    
346 N N3    . C A 17 ? 0.32434 0.35714 0.36172 -0.00995 -0.02560 -0.08589 17 C A N3    
347 C C4    . C A 17 ? 0.33660 0.34202 0.34408 -0.02158 -0.02779 -0.08179 17 C A C4    
348 N N4    . C A 17 ? 0.35490 0.36486 0.34654 -0.02912 -0.01441 -0.08303 17 C A N4    
349 C C5    . C A 17 ? 0.40212 0.37087 0.39781 -0.02771 -0.04300 -0.07607 17 C A C5    
350 C C6    . C A 17 ? 0.36329 0.32887 0.39193 -0.01820 -0.05914 -0.07400 17 C A C6    
351 P P     . C A 18 ? 0.49119 0.41057 0.63784 -0.02175 -0.18041 -0.00776 18 C A P     
352 O OP1   . C A 18 ? 0.57786 0.47791 0.78313 -0.02333 -0.22763 0.01405  18 C A OP1   
353 O OP2   . C A 18 ? 0.55472 0.43534 0.60144 -0.04462 -0.17504 -0.00499 18 C A OP2   
354 O "O5'" . C A 18 ? 0.41727 0.39277 0.59056 -0.00918 -0.14710 -0.02049 18 C A "O5'" 
355 C "C5'" . C A 18 ? 0.44220 0.45838 0.70511 0.00881  -0.13811 -0.02687 18 C A "C5'" 
356 C "C4'" . C A 18 ? 0.39171 0.45039 0.65220 0.01346  -0.10332 -0.03902 18 C A "C4'" 
357 O "O4'" . C A 18 ? 0.35564 0.42322 0.56825 0.01460  -0.07056 -0.05769 18 C A "O4'" 
358 C "C3'" . C A 18 ? 0.33273 0.38714 0.54833 0.00013  -0.11313 -0.02586 18 C A "C3'" 
359 O "O3'" . C A 18 ? 0.38566 0.44161 0.64963 -0.00244 -0.14125 -0.00830 18 C A "O3'" 
360 C "C2'" . C A 18 ? 0.30503 0.39456 0.50261 0.00462  -0.07466 -0.04217 18 C A "C2'" 
361 O "O2'" . C A 18 ? 0.31072 0.43669 0.57139 0.01446  -0.05610 -0.04997 18 C A "O2'" 
362 C "C1'" . C A 18 ? 0.30317 0.38777 0.47796 0.00865  -0.05578 -0.05848 18 C A "C1'" 
363 N N1    . C A 18 ? 0.33344 0.39487 0.44149 -0.00253 -0.05630 -0.05676 18 C A N1    
364 C C2    . C A 18 ? 0.36403 0.44183 0.44344 -0.00585 -0.03861 -0.06143 18 C A C2    
365 O O2    . C A 18 ? 0.32833 0.43451 0.42706 -0.00169 -0.02699 -0.06482 18 C A O2    
366 N N3    . C A 18 ? 0.32189 0.38263 0.35958 -0.01460 -0.03392 -0.06189 18 C A N3    
367 C C4    . C A 18 ? 0.31887 0.34487 0.33216 -0.02264 -0.04212 -0.05896 18 C A C4    
368 N N4    . C A 18 ? 0.35978 0.36962 0.33980 -0.03258 -0.02960 -0.06196 18 C A N4    
369 C C5    . C A 18 ? 0.37066 0.37390 0.39714 -0.02247 -0.06328 -0.05252 18 C A C5    
370 C C6    . C A 18 ? 0.38546 0.40852 0.46521 -0.01086 -0.07220 -0.05094 18 C A C6    
371 P P     . A A 19 ? 0.39453 0.41123 0.59925 -0.02446 -0.17512 0.01384  19 A A P     
372 O OP1   . A A 19 ? 0.39382 0.41040 0.67068 -0.02616 -0.21383 0.03413  19 A A OP1   
373 O OP2   . A A 19 ? 0.48844 0.45031 0.60654 -0.04144 -0.18537 0.01736  19 A A OP2   
374 O "O5'" . A A 19 ? 0.36691 0.41021 0.53798 -0.02550 -0.14544 0.00565  19 A A "O5'" 
375 C "C5'" . A A 19 ? 0.31096 0.40051 0.54103 -0.01598 -0.13009 0.00220  19 A A "C5'" 
376 C "C4'" . A A 19 ? 0.29016 0.39956 0.47718 -0.01676 -0.09929 -0.00855 19 A A "C4'" 
377 O "O4'" . A A 19 ? 0.31064 0.42035 0.46271 -0.01203 -0.07455 -0.02506 19 A A "O4'" 
378 C "C3'" . A A 19 ? 0.33793 0.41851 0.45965 -0.03225 -0.11056 0.00127  19 A A "C3'" 
379 O "O3'" . A A 19 ? 0.28979 0.37617 0.43314 -0.03873 -0.12773 0.01513  19 A A "O3'" 
380 C "C2'" . A A 19 ? 0.31326 0.40955 0.40089 -0.02874 -0.07866 -0.01338 19 A A "C2'" 
381 O "O2'" . A A 19 ? 0.29386 0.42876 0.41108 -0.02375 -0.06262 -0.01682 19 A A "O2'" 
382 C "C1'" . A A 19 ? 0.27913 0.38092 0.37485 -0.01950 -0.06459 -0.02676 19 A A "C1'" 
383 N N9    . A A 19 ? 0.32817 0.39384 0.37689 -0.02650 -0.06702 -0.02856 19 A A N9    
384 C C8    . A A 19 ? 0.37060 0.40614 0.41326 -0.02984 -0.08250 -0.02523 19 A A C8    
385 N N7    . A A 19 ? 0.35831 0.36374 0.35195 -0.03911 -0.07461 -0.02946 19 A A N7    
386 C C5    . A A 19 ? 0.33833 0.35826 0.31651 -0.03933 -0.05264 -0.03653 19 A A C5    
387 C C6    . A A 19 ? 0.34664 0.35142 0.29414 -0.04621 -0.03252 -0.04442 19 A A C6    
388 N N6    . A A 19 ? 0.36453 0.33496 0.28161 -0.05648 -0.02619 -0.04807 19 A A N6    
389 N N1    . A A 19 ? 0.32808 0.35365 0.28437 -0.04304 -0.01825 -0.04820 19 A A N1    
390 C C2    . A A 19 ? 0.30269 0.35849 0.28292 -0.03607 -0.02413 -0.04391 19 A A C2    
391 N N3    . A A 19 ? 0.31354 0.38612 0.31795 -0.03115 -0.03748 -0.03785 19 A A N3    
392 C C4    . A A 19 ? 0.32433 0.37924 0.33244 -0.03185 -0.05099 -0.03484 19 A A C4    
393 P P     . G A 20 ? 0.37410 0.41135 0.45294 -0.05989 -0.15339 0.02995  20 G A P     
394 O OP1   . G A 20 ? 0.37462 0.42554 0.49764 -0.06486 -0.17560 0.04559  20 G A OP1   
395 O OP2   . G A 20 ? 0.43892 0.41992 0.47016 -0.07339 -0.17631 0.03661  20 G A OP2   
396 O "O5'" . G A 20 ? 0.36359 0.39946 0.38685 -0.06119 -0.12250 0.01722  20 G A "O5'" 
397 C "C5'" . G A 20 ? 0.30515 0.38168 0.34997 -0.05327 -0.10164 0.01151  20 G A "C5'" 
398 C "C4'" . G A 20 ? 0.33320 0.39491 0.32999 -0.05683 -0.08316 0.00346  20 G A "C4'" 
399 O "O4'" . G A 20 ? 0.33431 0.38478 0.31180 -0.05310 -0.06711 -0.00876 20 G A "O4'" 
400 C "C3'" . G A 20 ? 0.40717 0.41993 0.35150 -0.07411 -0.09431 0.01022  20 G A "C3'" 
401 O "O3'" . G A 20 ? 0.42843 0.44511 0.36086 -0.07296 -0.07539 0.00371  20 G A "O3'" 
402 C "C2'" . G A 20 ? 0.37041 0.33645 0.26693 -0.08314 -0.09021 0.00414  20 G A "C2'" 
403 O "O2'" . G A 20 ? 0.48522 0.39725 0.31823 -0.10049 -0.08077 0.00019  20 G A "O2'" 
404 C "C1'" . G A 20 ? 0.36680 0.36670 0.28980 -0.06706 -0.06447 -0.01029 20 G A "C1'" 
405 N N9    . G A 20 ? 0.41940 0.39466 0.32323 -0.07036 -0.06269 -0.01499 20 G A N9    
406 C C8    . G A 20 ? 0.44792 0.41778 0.36441 -0.07024 -0.08395 -0.00797 20 G A C8    
407 N N7    . G A 20 ? 0.45714 0.39835 0.34511 -0.07599 -0.07774 -0.01351 20 G A N7    
408 C C5    . G A 20 ? 0.42929 0.35913 0.28967 -0.08007 -0.04723 -0.02607 20 G A C5    
409 C C6    . G A 20 ? 0.44363 0.34550 0.27467 -0.08814 -0.02353 -0.03747 20 G A C6    
410 O O6    . G A 20 ? 0.46216 0.33948 0.27326 -0.09531 -0.02778 -0.03732 20 G A O6    
411 N N1    . G A 20 ? 0.43881 0.34141 0.27088 -0.08863 0.00737  -0.04915 20 G A N1    
412 C C2    . G A 20 ? 0.42385 0.34835 0.27780 -0.08186 0.01051  -0.04863 20 G A C2    
413 N N2    . G A 20 ? 0.45515 0.37570 0.32075 -0.08195 0.03978  -0.06028 20 G A N2    
414 N N3    . G A 20 ? 0.39777 0.34590 0.26804 -0.07595 -0.01304 -0.03718 20 G A N3    
415 C C4    . G A 20 ? 0.40662 0.35773 0.28125 -0.07536 -0.03876 -0.02715 20 G A C4    
416 P P     . U A 21 ? 0.41738 0.44885 0.36227 -0.07594 -0.08339 0.01300  21 U A P     
417 O OP1   . U A 21 ? 0.40865 0.47541 0.40154 -0.07298 -0.09900 0.02372  21 U A OP1   
418 O OP2   . U A 21 ? 0.52036 0.49724 0.41200 -0.09275 -0.08888 0.01517  21 U A OP2   
419 O "O5'" . U A 21 ? 0.38066 0.44108 0.34327 -0.06540 -0.06231 0.00456  21 U A "O5'" 
420 C "C5'" . U A 21 ? 0.32928 0.43396 0.32657 -0.05587 -0.05629 0.00299  21 U A "C5'" 
421 C "C4'" . U A 21 ? 0.32654 0.43913 0.32684 -0.05124 -0.04495 -0.00298 21 U A "C4'" 
422 O "O4'" . U A 21 ? 0.35863 0.45548 0.35379 -0.04704 -0.03400 -0.01361 21 U A "O4'" 
423 C "C3'" . U A 21 ? 0.37639 0.47350 0.37071 -0.05565 -0.04709 0.00116  21 U A "C3'" 
424 O "O3'" . U A 21 ? 0.35721 0.47171 0.36908 -0.05304 -0.04798 0.00269  21 U A "O3'" 
425 C "C2'" . U A 21 ? 0.34930 0.41052 0.32957 -0.05584 -0.03399 -0.00917 21 U A "C2'" 
426 O "O2'" . U A 21 ? 0.46074 0.50826 0.45400 -0.05514 -0.02689 -0.01184 21 U A "O2'" 
427 C "C1'" . U A 21 ? 0.36341 0.43864 0.35725 -0.04841 -0.02543 -0.01749 21 U A "C1'" 
428 N N1    . U A 21 ? 0.39711 0.44011 0.37328 -0.05116 -0.00964 -0.02834 21 U A N1    
429 C C2    . U A 21 ? 0.42639 0.46522 0.42799 -0.04722 0.00787  -0.03791 21 U A C2    
430 O O2    . U A 21 ? 0.44406 0.50382 0.48422 -0.04115 0.00322  -0.03490 21 U A O2    
431 N N3    . U A 21 ? 0.43545 0.44149 0.41846 -0.05313 0.02957  -0.04980 21 U A N3    
432 C C4    . U A 21 ? 0.54049 0.51127 0.47014 -0.06512 0.02996  -0.05086 21 U A C4    
433 O O4    . U A 21 ? 0.58755 0.52358 0.49447 -0.07420 0.05263  -0.06201 21 U A O4    
434 C C5    . U A 21 ? 0.45808 0.43459 0.36753 -0.06799 0.00238  -0.03736 21 U A C5    
435 C C6    . U A 21 ? 0.42907 0.44380 0.36783 -0.05995 -0.01346 -0.02787 21 U A C6    
436 P P     . U A 22 ? 0.35529 0.48763 0.36738 -0.06075 -0.05912 0.01484  22 U A P     
437 O OP1   . U A 22 ? 0.40465 0.53152 0.40893 -0.06795 -0.06545 0.02331  22 U A OP1   
438 O OP2   . U A 22 ? 0.39353 0.52138 0.41819 -0.06095 -0.06747 0.01812  22 U A OP2   
439 O "O5'" . U A 22 ? 0.32358 0.48059 0.33383 -0.06208 -0.05228 0.01155  22 U A "O5'" 
440 C "C5'" . U A 22 ? 0.30709 0.46794 0.31777 -0.05797 -0.04741 0.00321  22 U A "C5'" 
441 C "C4'" . U A 22 ? 0.34027 0.51623 0.33950 -0.06489 -0.03805 -0.00012 22 U A "C4'" 
442 O "O4'" . U A 22 ? 0.36364 0.53478 0.33918 -0.08014 -0.04608 0.00880  22 U A "O4'" 
443 C "C3'" . U A 22 ? 0.29712 0.48860 0.31088 -0.06524 -0.02574 -0.00162 22 U A "C3'" 
444 O "O3'" . U A 22 ? 0.42469 0.62531 0.44241 -0.06378 -0.00823 -0.01393 22 U A "O3'" 
445 C "C2'" . U A 22 ? 0.29476 0.49044 0.29640 -0.08027 -0.02550 0.00785  22 U A "C2'" 
446 O "O2'" . U A 22 ? 0.30707 0.52030 0.32453 -0.08626 -0.00524 0.00373  22 U A "O2'" 
447 C "C1'" . U A 22 ? 0.32986 0.51123 0.29561 -0.09123 -0.03198 0.00943  22 U A "C1'" 
448 N N1    . U A 22 ? 0.36137 0.53181 0.30402 -0.10755 -0.04509 0.02357  22 U A N1    
449 C C2    . U A 22 ? 0.36142 0.51910 0.25928 -0.12987 -0.04023 0.02526  22 U A C2    
450 O O2    . U A 22 ? 0.39932 0.55293 0.27395 -0.13665 -0.02253 0.01334  22 U A O2    
451 N N3    . U A 22 ? 0.36854 0.51054 0.24153 -0.14733 -0.05711 0.04134  22 U A N3    
452 C C4    . U A 22 ? 0.37473 0.51530 0.26968 -0.14206 -0.07661 0.05420  22 U A C4    
453 O O4    . U A 22 ? 0.42864 0.55174 0.29762 -0.16037 -0.09253 0.06905  22 U A O4    
454 C C5    . U A 22 ? 0.37316 0.52602 0.31312 -0.11836 -0.07610 0.04861  22 U A C5    
455 C C6    . U A 22 ? 0.33515 0.50036 0.29280 -0.10392 -0.06125 0.03447  22 U A C6    
456 P P     . A A 23 ? 0.49036 0.48838 0.38406 -0.14872 0.02169  -0.03460 23 A A P     
457 O OP1   . A A 23 ? 0.51998 0.52623 0.44919 -0.15405 0.02637  -0.03736 23 A A OP1   
458 O OP2   . A A 23 ? 0.56556 0.56611 0.46553 -0.15649 0.04703  -0.04923 23 A A OP2   
459 O "O5'" . A A 23 ? 0.43214 0.44608 0.34718 -0.12420 -0.00576 -0.02716 23 A A "O5'" 
460 C "C5'" . A A 23 ? 0.42116 0.45579 0.39035 -0.11449 -0.01393 -0.03033 23 A A "C5'" 
461 C "C4'" . A A 23 ? 0.37677 0.41245 0.34197 -0.09982 -0.03250 -0.02507 23 A A "C4'" 
462 O "O4'" . A A 23 ? 0.38578 0.40590 0.31462 -0.09635 -0.04610 -0.01685 23 A A "O4'" 
463 C "C3'" . A A 23 ? 0.37204 0.40836 0.32431 -0.09614 -0.02366 -0.02909 23 A A "C3'" 
464 O "O3'" . A A 23 ? 0.40310 0.45391 0.40139 -0.09510 -0.01294 -0.03892 23 A A "O3'" 
465 C "C2'" . A A 23 ? 0.37430 0.40285 0.30715 -0.08566 -0.04075 -0.02230 23 A A "C2'" 
466 O "O2'" . A A 23 ? 0.37513 0.40564 0.33083 -0.08090 -0.05336 -0.02091 23 A A "O2'" 
467 C "C1'" . A A 23 ? 0.36906 0.38511 0.28263 -0.08822 -0.04947 -0.01648 23 A A "C1'" 
468 N N9    . A A 23 ? 0.41881 0.42358 0.30811 -0.08823 -0.04924 -0.01393 23 A A N9    
469 C C8    . A A 23 ? 0.46954 0.46511 0.34055 -0.09665 -0.04699 -0.01068 23 A A C8    
470 N N7    . A A 23 ? 0.49663 0.47882 0.35755 -0.09396 -0.05888 -0.00568 23 A A N7    
471 C C5    . A A 23 ? 0.45662 0.44380 0.33638 -0.08295 -0.06005 -0.01041 23 A A C5    
472 C C6    . A A 23 ? 0.53167 0.51193 0.42841 -0.07610 -0.06501 -0.01318 23 A A C6    
473 N N6    . A A 23 ? 0.52886 0.49807 0.43648 -0.07552 -0.08042 -0.00761 23 A A N6    
474 N N1    . A A 23 ? 0.46808 0.44861 0.37360 -0.07261 -0.05426 -0.02259 23 A A N1    
475 C C2    . A A 23 ? 0.46209 0.44418 0.35123 -0.07606 -0.04907 -0.02383 23 A A C2    
476 N N3    . A A 23 ? 0.44388 0.43478 0.32824 -0.07918 -0.05290 -0.01882 23 A A N3    
477 C C4    . A A 23 ? 0.42296 0.41924 0.30799 -0.08184 -0.05392 -0.01451 23 A A C4    
478 P P     . A A 24 ? 0.43050 0.48207 0.42393 -0.09628 0.00548  -0.04878 24 A A P     
479 O OP1   . A A 24 ? 0.51312 0.54587 0.44500 -0.10746 0.01286  -0.04725 24 A A OP1   
480 O OP2   . A A 24 ? 0.40145 0.45684 0.41121 -0.08252 -0.01083 -0.04483 24 A A OP2   
481 O "O5'" . A A 24 ? 0.43834 0.50124 0.48812 -0.10650 0.03432  -0.06680 24 A A "O5'" 
482 C "C5'" . A A 24 ? 0.45007 0.50862 0.49931 -0.12290 0.05375  -0.07331 24 A A "C5'" 
483 C "C4'" . A A 24 ? 0.45016 0.52630 0.58664 -0.12871 0.07947  -0.09341 24 A A "C4'" 
484 O "O4'" . A A 24 ? 0.43105 0.52679 0.64256 -0.11192 0.04697  -0.08574 24 A A "O4'" 
485 C "C3'" . A A 24 ? 0.44592 0.52554 0.61783 -0.13225 0.10962  -0.11399 24 A A "C3'" 
486 O "O3'" . A A 24 ? 0.55222 0.60642 0.66266 -0.15888 0.15124  -0.12949 24 A A "O3'" 
487 C "C2'" . A A 24 ? 0.40503 0.51022 0.70204 -0.12735 0.11628  -0.12877 24 A A "C2'" 
488 O "O2'" . A A 24 ? 0.52532 0.62957 0.84792 -0.14959 0.15691  -0.14878 24 A A "O2'" 
489 C "C1'" . A A 24 ? 0.38217 0.49577 0.69416 -0.10945 0.06138  -0.10354 24 A A "C1'" 
490 N N9    . A A 24 ? 0.34836 0.46464 0.68750 -0.09015 0.02388  -0.09081 24 A A N9    
491 C C8    . A A 24 ? 0.36334 0.46438 0.63068 -0.08074 -0.00213 -0.07268 24 A A C8    
492 N N7    . A A 24 ? 0.35173 0.45078 0.65829 -0.06891 -0.03138 -0.06457 24 A A N7    
493 C C5    . A A 24 ? 0.33963 0.45585 0.76092 -0.06761 -0.03000 -0.07681 24 A A C5    
494 C C6    . A A 24 ? 0.33351 0.45271 0.85147 -0.05707 -0.06076 -0.07377 24 A A C6    
495 N N6    . A A 24 ? 0.33952 0.43755 0.83373 -0.04846 -0.09952 -0.05474 24 A A N6    
496 N N1    . A A 24 ? 0.31441 0.45530 0.96099 -0.05763 -0.05103 -0.09143 24 A A N1    
497 C C2    . A A 24 ? 0.31650 0.47328 0.98122 -0.07094 -0.00625 -0.11260 24 A A C2    
498 N N3    . A A 24 ? 0.35240 0.50205 0.91685 -0.08465 0.02569  -0.11553 24 A A N3    
499 C C4    . A A 24 ? 0.39808 0.52785 0.84597 -0.08064 0.00798  -0.09558 24 A A C4    
500 P P     . C A 25 ? 0.62259 0.66280 0.70531 -0.16633 0.17418  -0.14353 25 C A P     
501 O OP1   . C A 25 ? 0.74578 0.74459 0.73653 -0.20272 0.20960  -0.15480 25 C A OP1   
502 O OP2   . C A 25 ? 0.67052 0.71733 0.73385 -0.14236 0.13307  -0.12341 25 C A OP2   
503 O "O5'" . C A 25 ? 0.51368 0.57652 0.71699 -0.16366 0.20654  -0.17168 25 C A "O5'" 
504 C "C5'" . C A 25 ? 0.46645 0.53156 0.72978 -0.18428 0.25338  -0.19882 25 C A "C5'" 
505 C "C4'" . C A 25 ? 0.49841 0.58425 0.89494 -0.16379 0.25905  -0.21752 25 C A "C4'" 
506 O "O4'" . C A 25 ? 0.49114 0.61243 0.97473 -0.13767 0.20540  -0.19551 25 C A "O4'" 
507 C "C3'" . C A 25 ? 0.52122 0.60103 0.93465 -0.15678 0.26942  -0.22990 25 C A "C3'" 
508 O "O3'" . C A 25 ? 0.59148 0.62788 0.94704 -0.18191 0.31948  -0.25901 25 C A "O3'" 
509 C "C2'" . C A 25 ? 0.48260 0.58643 1.03907 -0.12803 0.24564  -0.23210 25 C A "C2'" 
510 O "O2'" . C A 25 ? 0.52575 0.61402 1.14963 -0.13297 0.28171  -0.26233 25 C A "O2'" 
511 C "C1'" . C A 25 ? 0.42033 0.55080 0.99657 -0.11560 0.19176  -0.20094 25 C A "C1'" 
512 N N1    . C A 25 ? 0.46330 0.60089 1.01801 -0.09767 0.13732  -0.17154 25 C A N1    
513 C C2    . C A 25 ? 0.44747 0.59641 1.10561 -0.07713 0.10133  -0.16527 25 C A C2    
514 O O2    . C A 25 ? 0.45681 0.60173 1.20786 -0.06797 0.11166  -0.18105 25 C A O2    
515 N N3    . C A 25 ? 0.45688 0.59325 1.06707 -0.06121 0.05054  -0.13648 25 C A N3    
516 C C4    . C A 25 ? 0.40329 0.52321 0.88320 -0.06351 0.04096  -0.11861 25 C A C4    
517 N N4    . C A 25 ? 0.40095 0.50557 0.83828 -0.05182 -0.00075 -0.09489 25 C A N4    
518 C C5    . C A 25 ? 0.46667 0.58035 0.85768 -0.08023 0.07328  -0.12488 25 C A C5    
519 C C6    . C A 25 ? 0.51074 0.63024 0.93471 -0.09770 0.11802  -0.14922 25 C A C6    
520 P P     . A A 26 ? 0.62684 0.64307 0.93240 -0.18824 0.32873  -0.26574 26 A A P     
521 O OP1   . A A 26 ? 0.83481 0.79495 1.07625 -0.22486 0.37580  -0.29588 26 A A OP1   
522 O OP2   . A A 26 ? 0.65012 0.68114 0.88114 -0.18323 0.29344  -0.23463 26 A A OP2   
523 O "O5'" . A A 26 ? 0.62155 0.66147 1.06458 -0.15957 0.31948  -0.27504 26 A A "O5'" 
524 C "C5'" . A A 26 ? 0.57777 0.63232 1.03332 -0.14277 0.29544  -0.26283 26 A A "C5'" 
525 C "C4'" . A A 26 ? 0.45629 0.54270 1.03930 -0.10962 0.25281  -0.24863 26 A A "C4'" 
526 O "O4'" . A A 26 ? 0.42438 0.53899 0.99643 -0.09923 0.20351  -0.21510 26 A A "O4'" 
527 C "C3'" . A A 26 ? 0.48678 0.57640 1.10942 -0.09335 0.23470  -0.24455 26 A A "C3'" 
528 O "O3'" . A A 26 ? 0.51512 0.58093 1.21025 -0.09576 0.26510  -0.27423 26 A A "O3'" 
529 C "C2'" . A A 26 ? 0.38664 0.50226 1.07670 -0.06748 0.16818  -0.21152 26 A A "C2'" 
530 O "O2'" . A A 26 ? 0.42470 0.53519 1.23271 -0.05233 0.15266  -0.21660 26 A A "O2'" 
531 C "C1'" . A A 26 ? 0.39070 0.51286 1.00414 -0.07437 0.14929  -0.19110 26 A A "C1'" 
532 N N9    . A A 26 ? 0.37192 0.47843 0.85505 -0.07017 0.11650  -0.16199 26 A A N9    
533 C C8    . A A 26 ? 0.38147 0.47520 0.74723 -0.08529 0.13083  -0.15855 26 A A C8    
534 N N7    . A A 26 ? 0.39461 0.47914 0.68245 -0.07681 0.09647  -0.13397 26 A A N7    
535 C C5    . A A 26 ? 0.36251 0.44897 0.70383 -0.05835 0.06002  -0.11991 26 A A C5    
536 C C6    . A A 26 ? 0.34986 0.42284 0.64469 -0.04788 0.02074  -0.09565 26 A A C6    
537 N N6    . A A 26 ? 0.38014 0.44352 0.58144 -0.05127 0.01543  -0.08455 26 A A N6    
538 N N1    . A A 26 ? 0.32589 0.39105 0.67777 -0.03650 -0.01270 -0.08396 26 A A N1    
539 C C2    . A A 26 ? 0.33137 0.40739 0.79764 -0.03156 -0.01142 -0.09562 26 A A C2    
540 N N3    . A A 26 ? 0.33720 0.43338 0.87622 -0.03798 0.02793  -0.12252 26 A A N3    
541 C C4    . A A 26 ? 0.34692 0.44530 0.80799 -0.05328 0.06584  -0.13406 26 A A C4    
542 P P     . A A 27 ? 0.56605 0.61213 1.24562 -0.10277 0.28481  -0.28830 27 A A P     
543 O OP1   . A A 27 ? 0.55063 0.57246 1.32821 -0.11164 0.31600  -0.32021 27 A A OP1   
544 O OP2   . A A 27 ? 0.64941 0.67963 1.18597 -0.12756 0.30775  -0.28928 27 A A OP2   
545 O "O5'" . A A 27 ? 0.52700 0.59738 1.25412 -0.07190 0.22813  -0.25784 27 A A "O5'" 
546 C "C5'" . A A 27 ? 0.48353 0.56105 1.32832 -0.04802 0.18123  -0.24238 27 A A "C5'" 
547 C "C4'" . A A 27 ? 0.45855 0.54764 1.30411 -0.02845 0.12301  -0.20842 27 A A "C4'" 
548 O "O4'" . A A 27 ? 0.39853 0.49468 1.14760 -0.02878 0.08729  -0.17763 27 A A "O4'" 
549 C "C3'" . A A 27 ? 0.37876 0.46002 1.16982 -0.03120 0.13986  -0.21354 27 A A "C3'" 
550 O "O3'" . A A 27 ? 0.46465 0.52725 1.33990 -0.02753 0.14650  -0.22788 27 A A "O3'" 
551 C "C2'" . A A 27 ? 0.38816 0.45378 1.08136 -0.02105 0.07789  -0.16998 27 A A "C2'" 
552 O "O2'" . A A 27 ? 0.55953 0.61191 1.32766 -0.00401 0.02171  -0.14677 27 A A "O2'" 
553 C "C1'" . A A 27 ? 0.37512 0.45091 1.02057 -0.02510 0.06172  -0.15477 27 A A "C1'" 
554 N N9    . A A 27 ? 0.39917 0.47290 0.91393 -0.03993 0.08551  -0.15534 27 A A N9    
555 C C8    . A A 27 ? 0.40014 0.47890 0.88146 -0.05941 0.13519  -0.17954 27 A A C8    
556 N N7    . A A 27 ? 0.40208 0.47173 0.76520 -0.06909 0.13304  -0.16826 27 A A N7    
557 C C5    . A A 27 ? 0.36894 0.43228 0.69508 -0.05433 0.08665  -0.13939 27 A A C5    
558 C C6    . A A 27 ? 0.32900 0.38353 0.55856 -0.05504 0.06635  -0.12012 27 A A C6    
559 N N6    . A A 27 ? 0.36232 0.41373 0.51665 -0.06836 0.08024  -0.12268 27 A A N6    
560 N N1    . A A 27 ? 0.33866 0.38225 0.55439 -0.04402 0.03031  -0.09845 27 A A N1    
561 C C2    . A A 27 ? 0.33443 0.37087 0.61740 -0.03381 0.00742  -0.09143 27 A A C2    
562 N N3    . A A 27 ? 0.34061 0.38520 0.72549 -0.02896 0.01358  -0.10410 27 A A N3    
563 C C4    . A A 27 ? 0.36177 0.42319 0.76914 -0.03891 0.05802  -0.13050 27 A A C4    
564 P P     . A A 28 ? 0.50465 0.55240 1.33295 -0.04273 0.19110  -0.25046 28 A A P     
565 O OP1   . A A 28 ? 0.55063 0.58586 1.48081 -0.05534 0.21554  -0.27417 28 A A OP1   
566 O OP2   . A A 28 ? 0.63251 0.67746 1.32843 -0.06397 0.23037  -0.26180 28 A A OP2   
567 O "O5'" . A A 28 ? 0.61981 0.66146 1.43742 -0.01914 0.14428  -0.22383 28 A A "O5'" 
568 C "C5'" . A A 28 ? 0.65997 0.69349 1.54494 0.00105  0.07595  -0.19079 28 A A "C5'" 
569 C "C4'" . A A 28 ? 0.61562 0.62019 1.40800 0.00551  0.03261  -0.15799 28 A A "C4'" 
570 O "O4'" . A A 28 ? 0.50139 0.50307 1.16243 -0.00082 0.01028  -0.13202 28 A A "O4'" 
571 C "C3'" . A A 28 ? 0.59478 0.58885 1.33567 -0.00233 0.07127  -0.17652 28 A A "C3'" 
572 O "O3'" . A A 28 ? 0.61485 0.57859 1.35866 0.00687  0.02988  -0.15323 28 A A "O3'" 
573 C "C2'" . A A 28 ? 0.52846 0.52635 1.11998 -0.01613 0.08335  -0.16981 28 A A "C2'" 
574 O "O2'" . A A 28 ? 0.56627 0.54963 1.07970 -0.02288 0.09343  -0.17066 28 A A "O2'" 
575 C "C1'" . A A 28 ? 0.49975 0.49117 1.05228 -0.00935 0.02751  -0.13204 28 A A "C1'" 
576 N N9    . A A 28 ? 0.46600 0.46643 0.90827 -0.01912 0.03302  -0.12454 28 A A N9    
577 C C8    . A A 28 ? 0.36036 0.37752 0.75602 -0.03228 0.07397  -0.14497 28 A A C8    
578 N N7    . A A 28 ? 0.34584 0.36444 0.65202 -0.03728 0.06229  -0.12987 28 A A N7    
579 C C5    . A A 28 ? 0.34329 0.34516 0.63096 -0.02904 0.01876  -0.10150 28 A A C5    
580 C C6    . A A 28 ? 0.39109 0.38289 0.60092 -0.03177 -0.00445 -0.08037 28 A A C6    
581 N N6    . A A 28 ? 0.35479 0.35840 0.50392 -0.03867 0.00781  -0.08250 28 A A N6    
582 N N1    . A A 28 ? 0.39485 0.35719 0.59056 -0.03022 -0.04083 -0.05728 28 A A N1    
583 C C2    . A A 28 ? 0.41407 0.35793 0.67190 -0.02412 -0.06176 -0.05130 28 A A C2    
584 N N3    . A A 28 ? 0.41440 0.36987 0.76463 -0.01643 -0.04770 -0.06853 28 A A N3    
585 C C4    . A A 28 ? 0.40498 0.39116 0.76566 -0.01990 -0.00212 -0.09600 28 A A C4    
586 P P     . A A 29 ? 0.73000 0.67853 1.46627 0.00295  0.06083  -0.17204 29 A A P     
587 O OP1   . A A 29 ? 0.74970 0.66750 1.55600 0.01594  0.01358  -0.15070 29 A A OP1   
588 O OP2   . A A 29 ? 0.72232 0.69373 1.49105 -0.01006 0.13009  -0.21599 29 A A OP2   
589 O "O5'" . A A 29 ? 0.70845 0.64896 1.28799 -0.00859 0.05873  -0.15647 29 A A "O5'" 
590 C "C5'" . A A 29 ? 0.63091 0.53971 1.16148 -0.00762 0.02710  -0.13251 29 A A "C5'" 
591 C "C4'" . A A 29 ? 0.47244 0.36329 0.92587 -0.00934 -0.01975 -0.09557 29 A A "C4'" 
592 O "O4'" . A A 29 ? 0.55190 0.46839 0.98331 -0.01084 -0.01824 -0.09423 29 A A "O4'" 
593 C "C3'" . A A 29 ? 0.45684 0.33318 0.79609 -0.02125 -0.01590 -0.08646 29 A A "C3'" 
594 O "O3'" . A A 29 ? 0.51454 0.35352 0.84894 -0.02331 -0.03066 -0.07612 29 A A "O3'" 
595 C "C2'" . A A 29 ? 0.56901 0.43876 0.84033 -0.02637 -0.04308 -0.06263 29 A A "C2'" 
596 O "O2'" . A A 29 ? 0.61841 0.44192 0.88557 -0.02820 -0.09324 -0.03196 29 A A "O2'" 
597 C "C1'" . A A 29 ? 0.54487 0.44997 0.86866 -0.01959 -0.03435 -0.07379 29 A A "C1'" 
598 N N9    . A A 29 ? 0.39715 0.33432 0.66873 -0.02647 0.00102  -0.09080 29 A A N9    
599 C C8    . A A 29 ? 0.43621 0.39926 0.73393 -0.02960 0.04139  -0.11945 29 A A C8    
600 N N7    . A A 29 ? 0.39483 0.37327 0.62760 -0.03887 0.05733  -0.12488 29 A A N7    
601 C C5    . A A 29 ? 0.40663 0.37543 0.58174 -0.03866 0.02964  -0.10124 29 A A C5    
602 C C6    . A A 29 ? 0.39047 0.36786 0.49998 -0.04486 0.02925  -0.09600 29 A A C6    
603 N N6    . A A 29 ? 0.35953 0.35451 0.44495 -0.05231 0.04892  -0.10937 29 A A N6    
604 N N1    . A A 29 ? 0.39494 0.35523 0.46393 -0.04619 0.00783  -0.07701 29 A A N1    
605 C C2    . A A 29 ? 0.42041 0.34970 0.49649 -0.04516 -0.01548 -0.06133 29 A A C2    
606 N N3    . A A 29 ? 0.40789 0.32297 0.53994 -0.03902 -0.02723 -0.05913 29 A A N3    
607 C C4    . A A 29 ? 0.36760 0.30829 0.55721 -0.03375 -0.00173 -0.08131 29 A A C4    
608 P P     . C A 30 ? 0.54204 0.38121 0.81795 -0.03376 0.00270  -0.09155 30 C A P     
609 O OP1   . C A 30 ? 0.53626 0.33313 0.82561 -0.03501 -0.01370 -0.08112 30 C A OP1   
610 O OP2   . C A 30 ? 0.51779 0.39532 0.81309 -0.03505 0.04731  -0.12500 30 C A OP2   
611 O "O5'" . C A 30 ? 0.54659 0.38407 0.72084 -0.04577 -0.00132 -0.07817 30 C A "O5'" 
612 C "C5'" . C A 30 ? 0.55345 0.35104 0.67731 -0.05362 -0.03564 -0.04925 30 C A "C5'" 
613 C "C4'" . C A 30 ? 0.59081 0.39867 0.63872 -0.06452 -0.02364 -0.04861 30 C A "C4'" 
614 O "O4'" . C A 30 ? 0.55128 0.39976 0.61766 -0.05629 -0.01777 -0.05614 30 C A "O4'" 
615 C "C3'" . C A 30 ? 0.52521 0.35082 0.54397 -0.07225 0.01016  -0.06772 30 C A "C3'" 
616 O "O3'" . C A 30 ? 0.68458 0.46876 0.65977 -0.08717 0.01071  -0.06012 30 C A "O3'" 
617 C "C2'" . C A 30 ? 0.48176 0.33677 0.47096 -0.07433 0.01984  -0.07232 30 C A "C2'" 
618 O "O2'" . C A 30 ? 0.57740 0.40067 0.50862 -0.08832 0.01347  -0.05893 30 C A "O2'" 
619 C "C1'" . C A 30 ? 0.49054 0.36484 0.51632 -0.06218 0.00613  -0.06842 30 C A "C1'" 
620 N N1    . C A 30 ? 0.40334 0.31791 0.46245 -0.05577 0.02684  -0.08902 30 C A N1    
621 C C2    . C A 30 ? 0.38608 0.32596 0.41686 -0.05929 0.03609  -0.09528 30 C A C2    
622 O O2    . C A 30 ? 0.43334 0.36720 0.42676 -0.06462 0.03126  -0.08710 30 C A O2    
623 N N3    . C A 30 ? 0.36573 0.32929 0.40868 -0.05985 0.05126  -0.11104 30 C A N3    
624 C C4    . C A 30 ? 0.41398 0.37842 0.49720 -0.05857 0.06574  -0.12509 30 C A C4    
625 N N4    . C A 30 ? 0.41998 0.39710 0.49762 -0.06692 0.08603  -0.14277 30 C A N4    
626 C C5    . C A 30 ? 0.46227 0.40812 0.59302 -0.05151 0.06064  -0.12262 30 C A C5    
627 C C6    . C A 30 ? 0.39650 0.31704 0.51296 -0.04959 0.03640  -0.10180 30 C A C6    
628 P P     . A A 31 ? 0.71909 0.51000 0.69881 -0.09296 0.03831  -0.07929 31 A A P     
629 O OP1   . A A 31 ? 0.81552 0.55237 0.74630 -0.11164 0.03664  -0.06749 31 A A OP1   
630 O OP2   . A A 31 ? 0.63145 0.44488 0.67236 -0.08031 0.04579  -0.09469 31 A A OP2   
631 O "O5'" . A A 31 ? 0.58794 0.41941 0.55386 -0.09657 0.06033  -0.09591 31 A A "O5'" 
632 C "C5'" . A A 31 ? 0.57053 0.39089 0.49398 -0.10967 0.06737  -0.09244 31 A A "C5'" 
633 C "C4'" . A A 31 ? 0.49462 0.35508 0.43581 -0.11084 0.08567  -0.11193 31 A A "C4'" 
634 O "O4'" . A A 31 ? 0.47358 0.37069 0.43263 -0.09823 0.07573  -0.11328 31 A A "O4'" 
635 C "C3'" . A A 31 ? 0.50087 0.37595 0.47048 -0.11219 0.09652  -0.12873 31 A A "C3'" 
636 O "O3'" . A A 31 ? 0.51156 0.39829 0.49165 -0.12316 0.11220  -0.14270 31 A A "O3'" 
637 C "C2'" . A A 31 ? 0.45860 0.36765 0.45185 -0.10090 0.08849  -0.13613 31 A A "C2'" 
638 O "O2'" . A A 31 ? 0.45562 0.38398 0.46389 -0.10653 0.09318  -0.15308 31 A A "O2'" 
639 C "C1'" . A A 31 ? 0.43271 0.35878 0.41732 -0.09591 0.07930  -0.12871 31 A A "C1'" 
640 N N9    . A A 31 ? 0.38373 0.32707 0.37670 -0.08705 0.07144  -0.12900 31 A A N9    
641 C C8    . A A 31 ? 0.39011 0.32513 0.39967 -0.08053 0.07146  -0.12814 31 A A C8    
642 N N7    . A A 31 ? 0.40747 0.35927 0.42446 -0.07819 0.07371  -0.13490 31 A A N7    
643 C C5    . A A 31 ? 0.34989 0.31862 0.34509 -0.08348 0.06832  -0.13616 31 A A C5    
644 C C6    . A A 31 ? 0.36457 0.34647 0.34506 -0.08779 0.06501  -0.13994 31 A A C6    
645 N N6    . A A 31 ? 0.39973 0.38034 0.38222 -0.08996 0.07607  -0.14759 31 A A N6    
646 N N1    . A A 31 ? 0.36553 0.35745 0.33323 -0.09246 0.05116  -0.13727 31 A A N1    
647 C C2    . A A 31 ? 0.36120 0.35516 0.34245 -0.09190 0.04793  -0.13546 31 A A C2    
648 N N3    . A A 31 ? 0.40228 0.38409 0.39303 -0.09103 0.05871  -0.13528 31 A A N3    
649 C C4    . A A 31 ? 0.34835 0.31537 0.33888 -0.08699 0.06570  -0.13331 31 A A C4    
650 P P     . A A 32 ? 0.52202 0.39180 0.51058 -0.13657 0.12978  -0.15431 32 A A P     
651 O OP1   . A A 32 ? 0.65015 0.46645 0.59579 -0.14889 0.13735  -0.14171 32 A A OP1   
652 O OP2   . A A 32 ? 0.49725 0.38399 0.50986 -0.13120 0.12362  -0.16442 32 A A OP2   
653 O "O5'" . A A 32 ? 0.51012 0.40177 0.53082 -0.14664 0.14517  -0.17109 32 A A "O5'" 
654 C "C5'" . A A 32 ? 0.57714 0.44524 0.58272 -0.16203 0.16933  -0.17391 32 A A "C5'" 
655 C "C4'" . A A 32 ? 0.56889 0.47161 0.62310 -0.16050 0.17362  -0.18688 32 A A "C4'" 
656 O "O4'" . A A 32 ? 0.49090 0.41340 0.53700 -0.14399 0.14876  -0.17426 32 A A "O4'" 
657 C "C3'" . A A 32 ? 0.49554 0.43824 0.62312 -0.15788 0.16441  -0.20375 32 A A "C3'" 
658 O "O3'" . A A 32 ? 0.60655 0.54703 0.76863 -0.16994 0.19079  -0.21817 32 A A "O3'" 
659 C "C2'" . A A 32 ? 0.40922 0.38306 0.57702 -0.14846 0.14929  -0.20507 32 A A "C2'" 
660 O "O2'" . A A 32 ? 0.57594 0.54553 0.77643 -0.15875 0.18120  -0.21897 32 A A "O2'" 
661 C "C1'" . A A 32 ? 0.41063 0.37330 0.51617 -0.13718 0.13543  -0.18407 32 A A "C1'" 
662 N N9    . A A 32 ? 0.37530 0.35775 0.47454 -0.12443 0.10244  -0.17519 32 A A N9    
663 C C8    . A A 32 ? 0.39039 0.36242 0.45330 -0.12006 0.09450  -0.16742 32 A A C8    
664 N N7    . A A 32 ? 0.41111 0.39899 0.47130 -0.11537 0.07251  -0.16592 32 A A N7    
665 C C5    . A A 32 ? 0.37400 0.38249 0.46841 -0.11560 0.05679  -0.16842 32 A A C5    
666 C C6    . A A 32 ? 0.42070 0.44207 0.51914 -0.11582 0.02581  -0.16518 32 A A C6    
667 N N6    . A A 32 ? 0.45096 0.46399 0.50585 -0.11992 0.01227  -0.16166 32 A A N6    
668 N N1    . A A 32 ? 0.47775 0.51481 0.62664 -0.11498 0.00996  -0.16661 32 A A N1    
669 C C2    . A A 32 ? 0.36131 0.40395 0.55844 -0.11459 0.03336  -0.17613 32 A A C2    
670 N N3    . A A 32 ? 0.40985 0.43721 0.59624 -0.11897 0.07029  -0.18263 32 A A N3    
671 C C4    . A A 32 ? 0.37176 0.38100 0.50164 -0.11893 0.07580  -0.17556 32 A A C4    
672 P P     . G A 33 ? 0.56114 0.52053 0.76344 -0.16922 0.17875  -0.22662 33 G A P     
673 O OP1   . G A 33 ? 0.63106 0.59755 0.88399 -0.17626 0.20738  -0.24225 33 G A OP1   
674 O OP2   . G A 33 ? 0.58412 0.51731 0.73257 -0.17042 0.17290  -0.21775 33 G A OP2   
675 O "O5'" . G A 33 ? 0.46835 0.46501 0.71594 -0.15884 0.13659  -0.22766 33 G A "O5'" 
676 C "C5'" . G A 33 ? 0.39055 0.41526 0.70700 -0.15287 0.12599  -0.23338 33 G A "C5'" 
677 C "C4'" . G A 33 ? 0.39008 0.43370 0.71751 -0.14639 0.07583  -0.22507 33 G A "C4'" 
678 O "O4'" . G A 33 ? 0.45304 0.48555 0.71311 -0.14252 0.06790  -0.21282 33 G A "O4'" 
679 C "C3'" . G A 33 ? 0.41105 0.45414 0.72981 -0.15211 0.04599  -0.22422 33 G A "C3'" 
680 O "O3'" . G A 33 ? 0.49939 0.55818 0.89014 -0.15294 0.03079  -0.23039 33 G A "O3'" 
681 C "C2'" . G A 33 ? 0.42146 0.46202 0.69633 -0.15199 0.00749  -0.21268 33 G A "C2'" 
682 O "O2'" . G A 33 ? 0.54307 0.59915 0.86748 -0.14782 -0.03040 -0.20532 33 G A "O2'" 
683 C "C1'" . G A 33 ? 0.49140 0.52384 0.71866 -0.14295 0.03207  -0.20495 33 G A "C1'" 
684 N N9    . G A 33 ? 0.41504 0.42556 0.57230 -0.14211 0.04793  -0.19989 33 G A N9    
685 C C8    . G A 33 ? 0.44443 0.43609 0.58288 -0.14238 0.08035  -0.20125 33 G A C8    
686 N N7    . G A 33 ? 0.44770 0.42262 0.54078 -0.13956 0.08371  -0.19615 33 G A N7    
687 C C5    . G A 33 ? 0.41153 0.39378 0.48539 -0.14034 0.05991  -0.19451 33 G A C5    
688 C C6    . G A 33 ? 0.40951 0.37850 0.44099 -0.14177 0.06088  -0.19488 33 G A C6    
689 O O6    . G A 33 ? 0.43870 0.39199 0.45742 -0.13823 0.08031  -0.19671 33 G A O6    
690 N N1    . G A 33 ? 0.44467 0.41505 0.45148 -0.15068 0.03718  -0.19448 33 G A N1    
691 C C2    . G A 33 ? 0.50002 0.48289 0.52609 -0.15474 0.00604  -0.18967 33 G A C2    
692 N N2    . G A 33 ? 0.52344 0.49359 0.50687 -0.16787 -0.01972 -0.18612 33 G A N2    
693 N N3    . G A 33 ? 0.42969 0.43110 0.51470 -0.14901 0.00183  -0.18959 33 G A N3    
694 C C4    . G A 33 ? 0.42457 0.42504 0.52859 -0.14304 0.03411  -0.19411 33 G A C4    
# 
loop_
_pdbx_poly_seq_scheme.asym_id 
_pdbx_poly_seq_scheme.entity_id 
_pdbx_poly_seq_scheme.seq_id 
_pdbx_poly_seq_scheme.mon_id 
_pdbx_poly_seq_scheme.ndb_seq_num 
_pdbx_poly_seq_scheme.pdb_seq_num 
_pdbx_poly_seq_scheme.auth_seq_num 
_pdbx_poly_seq_scheme.pdb_mon_id 
_pdbx_poly_seq_scheme.auth_mon_id 
_pdbx_poly_seq_scheme.pdb_strand_id 
_pdbx_poly_seq_scheme.pdb_ins_code 
_pdbx_poly_seq_scheme.hetero 
A 1 1  C 1  1  1  C C A . n 
A 1 2  U 2  2  2  U U A . n 
A 1 3  G 3  3  3  G G A . n 
A 1 4  G 4  4  4  G G A . n 
A 1 5  G 5  5  5  G G A . n 
A 1 6  U 6  6  6  U U A . n 
A 1 7  C 7  7  7  C C A . n 
A 1 8  G 8  8  8  G G A . n 
A 1 9  C 9  9  9  C C A . n 
A 1 10 A 10 10 10 A A A . n 
A 1 11 G 11 11 11 G G A . n 
A 1 12 U 12 12 12 U U A . n 
A 1 13 N 13 13 13 N N A . n 
A 1 14 N 14 14 14 N N A . n 
A 1 15 C 15 15 15 C C A . n 
A 1 16 C 16 16 16 C C A . n 
A 1 17 C 17 17 17 C C A . n 
A 1 18 C 18 18 18 C C A . n 
A 1 19 A 19 19 19 A A A . n 
A 1 20 G 20 20 20 G G A . n 
A 1 21 U 21 21 21 U U A . n 
A 1 22 U 22 22 22 U U A . n 
A 1 23 A 23 23 23 A A A . n 
A 1 24 A 24 24 24 A A A . n 
A 1 25 C 25 25 25 C C A . n 
A 1 26 A 26 26 26 A A A . n 
A 1 27 A 27 27 27 A A A . n 
A 1 28 A 28 28 28 A A A . n 
A 1 29 A 29 29 29 A A A . n 
A 1 30 C 30 30 30 C C A . n 
A 1 31 A 31 31 31 A A A . n 
A 1 32 A 32 32 32 A A A . n 
A 1 33 G 33 33 33 G G A . n 
# 
loop_
_pdbx_nonpoly_scheme.asym_id 
_pdbx_nonpoly_scheme.entity_id 
_pdbx_nonpoly_scheme.mon_id 
_pdbx_nonpoly_scheme.ndb_seq_num 
_pdbx_nonpoly_scheme.pdb_seq_num 
_pdbx_nonpoly_scheme.auth_seq_num 
_pdbx_nonpoly_scheme.pdb_mon_id 
_pdbx_nonpoly_scheme.auth_mon_id 
_pdbx_nonpoly_scheme.pdb_strand_id 
_pdbx_nonpoly_scheme.pdb_ins_code 
B 2 J0C 1  101 1  J0C LIG A . 
C 3 SO4 1  102 1  SO4 SO4 A . 
D 3 SO4 1  103 2  SO4 SO4 A . 
E 4 MG  1  104 1  MG  MG  A . 
F 4 MG  1  105 2  MG  MG  A . 
G 4 MG  1  106 3  MG  MG  A . 
H 5 HOH 1  201 7  HOH HOH A . 
H 5 HOH 2  202 70 HOH HOH A . 
H 5 HOH 3  203 15 HOH HOH A . 
H 5 HOH 4  204 81 HOH HOH A . 
H 5 HOH 5  205 57 HOH HOH A . 
H 5 HOH 6  206 58 HOH HOH A . 
H 5 HOH 7  207 9  HOH HOH A . 
H 5 HOH 8  208 8  HOH HOH A . 
H 5 HOH 9  209 16 HOH HOH A . 
H 5 HOH 10 210 28 HOH HOH A . 
H 5 HOH 11 211 47 HOH HOH A . 
H 5 HOH 12 212 52 HOH HOH A . 
H 5 HOH 13 213 32 HOH HOH A . 
H 5 HOH 14 214 49 HOH HOH A . 
H 5 HOH 15 215 60 HOH HOH A . 
H 5 HOH 16 216 2  HOH HOH A . 
H 5 HOH 17 217 84 HOH HOH A . 
H 5 HOH 18 218 11 HOH HOH A . 
H 5 HOH 19 219 54 HOH HOH A . 
H 5 HOH 20 220 20 HOH HOH A . 
H 5 HOH 21 221 40 HOH HOH A . 
H 5 HOH 22 222 36 HOH HOH A . 
H 5 HOH 23 223 50 HOH HOH A . 
H 5 HOH 24 224 35 HOH HOH A . 
H 5 HOH 25 225 13 HOH HOH A . 
H 5 HOH 26 226 51 HOH HOH A . 
H 5 HOH 27 227 69 HOH HOH A . 
H 5 HOH 28 228 26 HOH HOH A . 
H 5 HOH 29 229 46 HOH HOH A . 
H 5 HOH 30 230 12 HOH HOH A . 
H 5 HOH 31 231 29 HOH HOH A . 
H 5 HOH 32 232 1  HOH HOH A . 
H 5 HOH 33 233 17 HOH HOH A . 
H 5 HOH 34 234 18 HOH HOH A . 
H 5 HOH 35 235 67 HOH HOH A . 
H 5 HOH 36 236 48 HOH HOH A . 
H 5 HOH 37 237 39 HOH HOH A . 
H 5 HOH 38 238 4  HOH HOH A . 
H 5 HOH 39 239 5  HOH HOH A . 
H 5 HOH 40 240 31 HOH HOH A . 
H 5 HOH 41 241 59 HOH HOH A . 
H 5 HOH 42 242 76 HOH HOH A . 
H 5 HOH 43 243 41 HOH HOH A . 
H 5 HOH 44 244 22 HOH HOH A . 
H 5 HOH 45 245 55 HOH HOH A . 
H 5 HOH 46 246 63 HOH HOH A . 
H 5 HOH 47 247 73 HOH HOH A . 
H 5 HOH 48 248 10 HOH HOH A . 
H 5 HOH 49 249 6  HOH HOH A . 
H 5 HOH 50 250 66 HOH HOH A . 
H 5 HOH 51 251 82 HOH HOH A . 
H 5 HOH 52 252 78 HOH HOH A . 
H 5 HOH 53 253 44 HOH HOH A . 
H 5 HOH 54 254 25 HOH HOH A . 
H 5 HOH 55 255 43 HOH HOH A . 
H 5 HOH 56 256 23 HOH HOH A . 
H 5 HOH 57 257 75 HOH HOH A . 
H 5 HOH 58 258 74 HOH HOH A . 
H 5 HOH 59 259 62 HOH HOH A . 
H 5 HOH 60 260 77 HOH HOH A . 
H 5 HOH 61 261 30 HOH HOH A . 
H 5 HOH 62 262 14 HOH HOH A . 
H 5 HOH 63 263 38 HOH HOH A . 
H 5 HOH 64 264 24 HOH HOH A . 
H 5 HOH 65 265 53 HOH HOH A . 
H 5 HOH 66 266 3  HOH HOH A . 
H 5 HOH 67 267 65 HOH HOH A . 
H 5 HOH 68 268 72 HOH HOH A . 
H 5 HOH 69 269 19 HOH HOH A . 
H 5 HOH 70 270 45 HOH HOH A . 
H 5 HOH 71 271 21 HOH HOH A . 
H 5 HOH 72 272 80 HOH HOH A . 
H 5 HOH 73 273 27 HOH HOH A . 
H 5 HOH 74 274 42 HOH HOH A . 
H 5 HOH 75 275 56 HOH HOH A . 
H 5 HOH 76 276 61 HOH HOH A . 
H 5 HOH 77 277 71 HOH HOH A . 
H 5 HOH 78 278 33 HOH HOH A . 
H 5 HOH 79 279 79 HOH HOH A . 
H 5 HOH 80 280 37 HOH HOH A . 
H 5 HOH 81 281 68 HOH HOH A . 
H 5 HOH 82 282 64 HOH HOH A . 
H 5 HOH 83 283 85 HOH HOH A . 
H 5 HOH 84 284 83 HOH HOH A . 
H 5 HOH 85 285 34 HOH HOH A . 
H 5 HOH 86 286 86 HOH HOH A . 
# 
_pdbx_struct_assembly.id                   1 
_pdbx_struct_assembly.details              author_and_software_defined_assembly 
_pdbx_struct_assembly.method_details       PISA 
_pdbx_struct_assembly.oligomeric_details   monomeric 
_pdbx_struct_assembly.oligomeric_count     1 
# 
_pdbx_struct_assembly_gen.assembly_id       1 
_pdbx_struct_assembly_gen.oper_expression   1 
_pdbx_struct_assembly_gen.asym_id_list      A,B,C,D,E,F,G,H 
# 
loop_
_pdbx_struct_assembly_prop.biol_id 
_pdbx_struct_assembly_prop.type 
_pdbx_struct_assembly_prop.value 
_pdbx_struct_assembly_prop.details 
1 'ABSA (A^2)' 590  ? 
1 MORE         -11  ? 
1 'SSA (A^2)'  5370 ? 
# 
_pdbx_struct_oper_list.id                   1 
_pdbx_struct_oper_list.type                 'identity operation' 
_pdbx_struct_oper_list.name                 1_555 
_pdbx_struct_oper_list.symmetry_operation   x,y,z 
_pdbx_struct_oper_list.matrix[1][1]         1.0000000000 
_pdbx_struct_oper_list.matrix[1][2]         0.0000000000 
_pdbx_struct_oper_list.matrix[1][3]         0.0000000000 
_pdbx_struct_oper_list.vector[1]            0.0000000000 
_pdbx_struct_oper_list.matrix[2][1]         0.0000000000 
_pdbx_struct_oper_list.matrix[2][2]         1.0000000000 
_pdbx_struct_oper_list.matrix[2][3]         0.0000000000 
_pdbx_struct_oper_list.vector[2]            0.0000000000 
_pdbx_struct_oper_list.matrix[3][1]         0.0000000000 
_pdbx_struct_oper_list.matrix[3][2]         0.0000000000 
_pdbx_struct_oper_list.matrix[3][3]         1.0000000000 
_pdbx_struct_oper_list.vector[3]            0.0000000000 
# 
loop_
_pdbx_struct_conn_angle.id 
_pdbx_struct_conn_angle.ptnr1_label_atom_id 
_pdbx_struct_conn_angle.ptnr1_label_alt_id 
_pdbx_struct_conn_angle.ptnr1_label_asym_id 
_pdbx_struct_conn_angle.ptnr1_label_comp_id 
_pdbx_struct_conn_angle.ptnr1_label_seq_id 
_pdbx_struct_conn_angle.ptnr1_auth_atom_id 
_pdbx_struct_conn_angle.ptnr1_auth_asym_id 
_pdbx_struct_conn_angle.ptnr1_auth_comp_id 
_pdbx_struct_conn_angle.ptnr1_auth_seq_id 
_pdbx_struct_conn_angle.ptnr1_PDB_ins_code 
_pdbx_struct_conn_angle.ptnr1_symmetry 
_pdbx_struct_conn_angle.ptnr2_label_atom_id 
_pdbx_struct_conn_angle.ptnr2_label_alt_id 
_pdbx_struct_conn_angle.ptnr2_label_asym_id 
_pdbx_struct_conn_angle.ptnr2_label_comp_id 
_pdbx_struct_conn_angle.ptnr2_label_seq_id 
_pdbx_struct_conn_angle.ptnr2_auth_atom_id 
_pdbx_struct_conn_angle.ptnr2_auth_asym_id 
_pdbx_struct_conn_angle.ptnr2_auth_comp_id 
_pdbx_struct_conn_angle.ptnr2_auth_seq_id 
_pdbx_struct_conn_angle.ptnr2_PDB_ins_code 
_pdbx_struct_conn_angle.ptnr2_symmetry 
_pdbx_struct_conn_angle.ptnr3_label_atom_id 
_pdbx_struct_conn_angle.ptnr3_label_alt_id 
_pdbx_struct_conn_angle.ptnr3_label_asym_id 
_pdbx_struct_conn_angle.ptnr3_label_comp_id 
_pdbx_struct_conn_angle.ptnr3_label_seq_id 
_pdbx_struct_conn_angle.ptnr3_auth_atom_id 
_pdbx_struct_conn_angle.ptnr3_auth_asym_id 
_pdbx_struct_conn_angle.ptnr3_auth_comp_id 
_pdbx_struct_conn_angle.ptnr3_auth_seq_id 
_pdbx_struct_conn_angle.ptnr3_PDB_ins_code 
_pdbx_struct_conn_angle.ptnr3_symmetry 
_pdbx_struct_conn_angle.value 
_pdbx_struct_conn_angle.value_esd 
1 "O3'" ? A G   3  ? A G   3   ? 1_555 MG ? F MG . ? A MG 105 ? 1_555 OP1 ? A G   4 ? A G   4   ? 1_555 77.8  ? 
2 "O3'" ? A G   3  ? A G   3   ? 1_555 MG ? F MG . ? A MG 105 ? 1_555 O   ? H HOH . ? A HOH 222 ? 1_555 86.5  ? 
3 OP1   ? A G   4  ? A G   4   ? 1_555 MG ? F MG . ? A MG 105 ? 1_555 O   ? H HOH . ? A HOH 222 ? 1_555 153.0 ? 
4 OP2   ? A G   8  ? A G   8   ? 1_555 MG ? G MG . ? A MG 106 ? 1_555 O   ? H HOH . ? A HOH 234 ? 1_555 123.7 ? 
5 OP2   ? A A   31 ? A A   31  ? 1_555 MG ? E MG . ? A MG 104 ? 1_555 O   ? H HOH . ? A HOH 219 ? 1_555 119.5 ? 
6 OP2   ? A A   31 ? A A   31  ? 1_555 MG ? E MG . ? A MG 104 ? 1_555 O   ? H HOH . ? A HOH 232 ? 1_555 127.0 ? 
7 O     ? H HOH .  ? A HOH 219 ? 1_555 MG ? E MG . ? A MG 104 ? 1_555 O   ? H HOH . ? A HOH 232 ? 1_555 100.1 ? 
# 
loop_
_pdbx_audit_revision_history.ordinal 
_pdbx_audit_revision_history.data_content_type 
_pdbx_audit_revision_history.major_revision 
_pdbx_audit_revision_history.minor_revision 
_pdbx_audit_revision_history.revision_date 
1 'Structure model' 1 0 2021-11-17 
2 'Structure model' 1 1 2023-11-29 
# 
_pdbx_audit_revision_details.ordinal             1 
_pdbx_audit_revision_details.revision_ordinal    1 
_pdbx_audit_revision_details.data_content_type   'Structure model' 
_pdbx_audit_revision_details.provider            repository 
_pdbx_audit_revision_details.type                'Initial release' 
_pdbx_audit_revision_details.description         ? 
_pdbx_audit_revision_details.details             ? 
# 
loop_
_pdbx_audit_revision_group.ordinal 
_pdbx_audit_revision_group.revision_ordinal 
_pdbx_audit_revision_group.data_content_type 
_pdbx_audit_revision_group.group 
1 2 'Structure model' 'Data collection'        
2 2 'Structure model' 'Refinement description' 
# 
loop_
_pdbx_audit_revision_category.ordinal 
_pdbx_audit_revision_category.revision_ordinal 
_pdbx_audit_revision_category.data_content_type 
_pdbx_audit_revision_category.category 
1 2 'Structure model' chem_comp_atom                
2 2 'Structure model' chem_comp_bond                
3 2 'Structure model' pdbx_initial_refinement_model 
# 
loop_
_space_group_symop.id 
_space_group_symop.operation_xyz 
1  x,y,z          
2  x-y,x,z+1/6    
3  y,-x+y,z+5/6   
4  -y,x-y,z+1/3   
5  -x+y,-x,z+2/3  
6  x-y,-y,-z      
7  -x,-x+y,-z+2/3 
8  -x,-y,z+1/2    
9  y,x,-z+1/3     
10 -y,-x,-z+5/6   
11 -x+y,y,-z+1/2  
12 x,x-y,-z+1/6   
# 
loop_
_software.citation_id 
_software.classification 
_software.compiler_name 
_software.compiler_version 
_software.contact_author 
_software.contact_author_email 
_software.date 
_software.description 
_software.dependencies 
_software.hardware 
_software.language 
_software.location 
_software.mods 
_software.name 
_software.os 
_software.os_version 
_software.type 
_software.version 
_software.pdbx_ordinal 
? refinement       ? ? ? ? ? ? ? ? ? ? ? PHENIX ? ? ? 1.17.1-3660 1 
? 'data reduction' ? ? ? ? ? ? ? ? ? ? ? XDS    ? ? ? .           2 
? 'data scaling'   ? ? ? ? ? ? ? ? ? ? ? XSCALE ? ? ? .           3 
? phasing          ? ? ? ? ? ? ? ? ? ? ? PHASER ? ? ? .           4 
# 
_pdbx_entry_details.entry_id                 7E9E 
_pdbx_entry_details.nonpolymer_details       ? 
_pdbx_entry_details.sequence_details         'Residues 13-14 (NN) represented the abasic site of RNA.' 
_pdbx_entry_details.compound_details         ? 
_pdbx_entry_details.source_details           ? 
_pdbx_entry_details.has_ligand_of_interest   Y 
# 
loop_
_chem_comp_atom.comp_id 
_chem_comp_atom.atom_id 
_chem_comp_atom.type_symbol 
_chem_comp_atom.pdbx_aromatic_flag 
_chem_comp_atom.pdbx_stereo_config 
_chem_comp_atom.pdbx_ordinal 
A   OP3    O  N N 1   
A   P      P  N N 2   
A   OP1    O  N N 3   
A   OP2    O  N N 4   
A   "O5'"  O  N N 5   
A   "C5'"  C  N N 6   
A   "C4'"  C  N R 7   
A   "O4'"  O  N N 8   
A   "C3'"  C  N S 9   
A   "O3'"  O  N N 10  
A   "C2'"  C  N R 11  
A   "O2'"  O  N N 12  
A   "C1'"  C  N R 13  
A   N9     N  Y N 14  
A   C8     C  Y N 15  
A   N7     N  Y N 16  
A   C5     C  Y N 17  
A   C6     C  Y N 18  
A   N6     N  N N 19  
A   N1     N  Y N 20  
A   C2     C  Y N 21  
A   N3     N  Y N 22  
A   C4     C  Y N 23  
A   HOP3   H  N N 24  
A   HOP2   H  N N 25  
A   "H5'"  H  N N 26  
A   "H5''" H  N N 27  
A   "H4'"  H  N N 28  
A   "H3'"  H  N N 29  
A   "HO3'" H  N N 30  
A   "H2'"  H  N N 31  
A   "HO2'" H  N N 32  
A   "H1'"  H  N N 33  
A   H8     H  N N 34  
A   H61    H  N N 35  
A   H62    H  N N 36  
A   H2     H  N N 37  
C   OP3    O  N N 38  
C   P      P  N N 39  
C   OP1    O  N N 40  
C   OP2    O  N N 41  
C   "O5'"  O  N N 42  
C   "C5'"  C  N N 43  
C   "C4'"  C  N R 44  
C   "O4'"  O  N N 45  
C   "C3'"  C  N S 46  
C   "O3'"  O  N N 47  
C   "C2'"  C  N R 48  
C   "O2'"  O  N N 49  
C   "C1'"  C  N R 50  
C   N1     N  N N 51  
C   C2     C  N N 52  
C   O2     O  N N 53  
C   N3     N  N N 54  
C   C4     C  N N 55  
C   N4     N  N N 56  
C   C5     C  N N 57  
C   C6     C  N N 58  
C   HOP3   H  N N 59  
C   HOP2   H  N N 60  
C   "H5'"  H  N N 61  
C   "H5''" H  N N 62  
C   "H4'"  H  N N 63  
C   "H3'"  H  N N 64  
C   "HO3'" H  N N 65  
C   "H2'"  H  N N 66  
C   "HO2'" H  N N 67  
C   "H1'"  H  N N 68  
C   H41    H  N N 69  
C   H42    H  N N 70  
C   H5     H  N N 71  
C   H6     H  N N 72  
G   OP3    O  N N 73  
G   P      P  N N 74  
G   OP1    O  N N 75  
G   OP2    O  N N 76  
G   "O5'"  O  N N 77  
G   "C5'"  C  N N 78  
G   "C4'"  C  N R 79  
G   "O4'"  O  N N 80  
G   "C3'"  C  N S 81  
G   "O3'"  O  N N 82  
G   "C2'"  C  N R 83  
G   "O2'"  O  N N 84  
G   "C1'"  C  N R 85  
G   N9     N  Y N 86  
G   C8     C  Y N 87  
G   N7     N  Y N 88  
G   C5     C  Y N 89  
G   C6     C  N N 90  
G   O6     O  N N 91  
G   N1     N  N N 92  
G   C2     C  N N 93  
G   N2     N  N N 94  
G   N3     N  N N 95  
G   C4     C  Y N 96  
G   HOP3   H  N N 97  
G   HOP2   H  N N 98  
G   "H5'"  H  N N 99  
G   "H5''" H  N N 100 
G   "H4'"  H  N N 101 
G   "H3'"  H  N N 102 
G   "HO3'" H  N N 103 
G   "H2'"  H  N N 104 
G   "HO2'" H  N N 105 
G   "H1'"  H  N N 106 
G   H8     H  N N 107 
G   H1     H  N N 108 
G   H21    H  N N 109 
G   H22    H  N N 110 
HOH O      O  N N 111 
HOH H1     H  N N 112 
HOH H2     H  N N 113 
J0C C10    C  N N 114 
J0C C13    C  N N 115 
J0C C17    C  N N 116 
J0C C20    C  N N 117 
J0C C21    C  Y N 118 
J0C C2     C  N N 119 
J0C C4     C  N N 120 
J0C C7     C  Y N 121 
J0C C8     C  Y N 122 
J0C C9     C  Y N 123 
J0C C12    C  N N 124 
J0C C14    C  N N 125 
J0C C18    C  N N 126 
J0C C19    C  N N 127 
J0C N3     N  N N 128 
J0C N5     N  N N 129 
J0C N6     N  N N 130 
J0C N11    N  N N 131 
J0C N15    N  N N 132 
J0C N16    N  N N 133 
J0C N22    N  Y N 134 
J0C O1     O  N N 135 
J0C H1     H  N N 136 
J0C H2     H  N N 137 
J0C H3     H  N N 138 
J0C H4     H  N N 139 
J0C H5     H  N N 140 
J0C H6     H  N N 141 
J0C H7     H  N N 142 
J0C H8     H  N N 143 
J0C H9     H  N N 144 
J0C H10    H  N N 145 
J0C H11    H  N N 146 
J0C H12    H  N N 147 
J0C H13    H  N N 148 
J0C H14    H  N N 149 
J0C H15    H  N N 150 
J0C H16    H  N N 151 
J0C H20    H  N N 152 
MG  MG     MG N N 153 
SO4 S      S  N N 154 
SO4 O1     O  N N 155 
SO4 O2     O  N N 156 
SO4 O3     O  N N 157 
SO4 O4     O  N N 158 
U   OP3    O  N N 159 
U   P      P  N N 160 
U   OP1    O  N N 161 
U   OP2    O  N N 162 
U   "O5'"  O  N N 163 
U   "C5'"  C  N N 164 
U   "C4'"  C  N R 165 
U   "O4'"  O  N N 166 
U   "C3'"  C  N S 167 
U   "O3'"  O  N N 168 
U   "C2'"  C  N R 169 
U   "O2'"  O  N N 170 
U   "C1'"  C  N R 171 
U   N1     N  N N 172 
U   C2     C  N N 173 
U   O2     O  N N 174 
U   N3     N  N N 175 
U   C4     C  N N 176 
U   O4     O  N N 177 
U   C5     C  N N 178 
U   C6     C  N N 179 
U   HOP3   H  N N 180 
U   HOP2   H  N N 181 
U   "H5'"  H  N N 182 
U   "H5''" H  N N 183 
U   "H4'"  H  N N 184 
U   "H3'"  H  N N 185 
U   "HO3'" H  N N 186 
U   "H2'"  H  N N 187 
U   "HO2'" H  N N 188 
U   "H1'"  H  N N 189 
U   H3     H  N N 190 
U   H5     H  N N 191 
U   H6     H  N N 192 
# 
loop_
_chem_comp_bond.comp_id 
_chem_comp_bond.atom_id_1 
_chem_comp_bond.atom_id_2 
_chem_comp_bond.value_order 
_chem_comp_bond.pdbx_aromatic_flag 
_chem_comp_bond.pdbx_stereo_config 
_chem_comp_bond.pdbx_ordinal 
A   OP3   P      sing N N 1   
A   OP3   HOP3   sing N N 2   
A   P     OP1    doub N N 3   
A   P     OP2    sing N N 4   
A   P     "O5'"  sing N N 5   
A   OP2   HOP2   sing N N 6   
A   "O5'" "C5'"  sing N N 7   
A   "C5'" "C4'"  sing N N 8   
A   "C5'" "H5'"  sing N N 9   
A   "C5'" "H5''" sing N N 10  
A   "C4'" "O4'"  sing N N 11  
A   "C4'" "C3'"  sing N N 12  
A   "C4'" "H4'"  sing N N 13  
A   "O4'" "C1'"  sing N N 14  
A   "C3'" "O3'"  sing N N 15  
A   "C3'" "C2'"  sing N N 16  
A   "C3'" "H3'"  sing N N 17  
A   "O3'" "HO3'" sing N N 18  
A   "C2'" "O2'"  sing N N 19  
A   "C2'" "C1'"  sing N N 20  
A   "C2'" "H2'"  sing N N 21  
A   "O2'" "HO2'" sing N N 22  
A   "C1'" N9     sing N N 23  
A   "C1'" "H1'"  sing N N 24  
A   N9    C8     sing Y N 25  
A   N9    C4     sing Y N 26  
A   C8    N7     doub Y N 27  
A   C8    H8     sing N N 28  
A   N7    C5     sing Y N 29  
A   C5    C6     sing Y N 30  
A   C5    C4     doub Y N 31  
A   C6    N6     sing N N 32  
A   C6    N1     doub Y N 33  
A   N6    H61    sing N N 34  
A   N6    H62    sing N N 35  
A   N1    C2     sing Y N 36  
A   C2    N3     doub Y N 37  
A   C2    H2     sing N N 38  
A   N3    C4     sing Y N 39  
C   OP3   P      sing N N 40  
C   OP3   HOP3   sing N N 41  
C   P     OP1    doub N N 42  
C   P     OP2    sing N N 43  
C   P     "O5'"  sing N N 44  
C   OP2   HOP2   sing N N 45  
C   "O5'" "C5'"  sing N N 46  
C   "C5'" "C4'"  sing N N 47  
C   "C5'" "H5'"  sing N N 48  
C   "C5'" "H5''" sing N N 49  
C   "C4'" "O4'"  sing N N 50  
C   "C4'" "C3'"  sing N N 51  
C   "C4'" "H4'"  sing N N 52  
C   "O4'" "C1'"  sing N N 53  
C   "C3'" "O3'"  sing N N 54  
C   "C3'" "C2'"  sing N N 55  
C   "C3'" "H3'"  sing N N 56  
C   "O3'" "HO3'" sing N N 57  
C   "C2'" "O2'"  sing N N 58  
C   "C2'" "C1'"  sing N N 59  
C   "C2'" "H2'"  sing N N 60  
C   "O2'" "HO2'" sing N N 61  
C   "C1'" N1     sing N N 62  
C   "C1'" "H1'"  sing N N 63  
C   N1    C2     sing N N 64  
C   N1    C6     sing N N 65  
C   C2    O2     doub N N 66  
C   C2    N3     sing N N 67  
C   N3    C4     doub N N 68  
C   C4    N4     sing N N 69  
C   C4    C5     sing N N 70  
C   N4    H41    sing N N 71  
C   N4    H42    sing N N 72  
C   C5    C6     doub N N 73  
C   C5    H5     sing N N 74  
C   C6    H6     sing N N 75  
G   OP3   P      sing N N 76  
G   OP3   HOP3   sing N N 77  
G   P     OP1    doub N N 78  
G   P     OP2    sing N N 79  
G   P     "O5'"  sing N N 80  
G   OP2   HOP2   sing N N 81  
G   "O5'" "C5'"  sing N N 82  
G   "C5'" "C4'"  sing N N 83  
G   "C5'" "H5'"  sing N N 84  
G   "C5'" "H5''" sing N N 85  
G   "C4'" "O4'"  sing N N 86  
G   "C4'" "C3'"  sing N N 87  
G   "C4'" "H4'"  sing N N 88  
G   "O4'" "C1'"  sing N N 89  
G   "C3'" "O3'"  sing N N 90  
G   "C3'" "C2'"  sing N N 91  
G   "C3'" "H3'"  sing N N 92  
G   "O3'" "HO3'" sing N N 93  
G   "C2'" "O2'"  sing N N 94  
G   "C2'" "C1'"  sing N N 95  
G   "C2'" "H2'"  sing N N 96  
G   "O2'" "HO2'" sing N N 97  
G   "C1'" N9     sing N N 98  
G   "C1'" "H1'"  sing N N 99  
G   N9    C8     sing Y N 100 
G   N9    C4     sing Y N 101 
G   C8    N7     doub Y N 102 
G   C8    H8     sing N N 103 
G   N7    C5     sing Y N 104 
G   C5    C6     sing N N 105 
G   C5    C4     doub Y N 106 
G   C6    O6     doub N N 107 
G   C6    N1     sing N N 108 
G   N1    C2     sing N N 109 
G   N1    H1     sing N N 110 
G   C2    N2     sing N N 111 
G   C2    N3     doub N N 112 
G   N2    H21    sing N N 113 
G   N2    H22    sing N N 114 
G   N3    C4     sing N N 115 
HOH O     H1     sing N N 116 
HOH O     H2     sing N N 117 
J0C N5    C4     sing N N 118 
J0C C18   C17    sing N N 119 
J0C C18   C19    sing N N 120 
J0C N3    C4     doub N N 121 
J0C N3    C2     sing N N 122 
J0C C17   C14    sing N N 123 
J0C C4    N6     sing N N 124 
J0C O1    C2     doub N N 125 
J0C C2    C8     sing N N 126 
J0C C19   C20    trip N N 127 
J0C N15   N16    doub N N 128 
J0C N15   C14    sing N N 129 
J0C N16   C14    sing N N 130 
J0C C14   C13    sing N N 131 
J0C N6    C7     sing N N 132 
J0C C8    C7     doub Y N 133 
J0C C8    C9     sing Y N 134 
J0C C7    N22    sing Y N 135 
J0C N11   C12    sing N N 136 
J0C N11   C10    sing N N 137 
J0C C13   C12    sing N N 138 
J0C C9    C10    sing N N 139 
J0C C9    C21    doub Y N 140 
J0C N22   C21    sing Y N 141 
J0C C10   H1     sing N N 142 
J0C C10   H2     sing N N 143 
J0C C13   H3     sing N N 144 
J0C C13   H4     sing N N 145 
J0C C17   H5     sing N N 146 
J0C C17   H6     sing N N 147 
J0C C20   H7     sing N N 148 
J0C C21   H8     sing N N 149 
J0C C12   H9     sing N N 150 
J0C C12   H10    sing N N 151 
J0C C18   H11    sing N N 152 
J0C C18   H12    sing N N 153 
J0C N5    H13    sing N N 154 
J0C N5    H14    sing N N 155 
J0C N6    H15    sing N N 156 
J0C N11   H16    sing N N 157 
J0C N22   H20    sing N N 158 
SO4 S     O1     doub N N 159 
SO4 S     O2     doub N N 160 
SO4 S     O3     sing N N 161 
SO4 S     O4     sing N N 162 
U   OP3   P      sing N N 163 
U   OP3   HOP3   sing N N 164 
U   P     OP1    doub N N 165 
U   P     OP2    sing N N 166 
U   P     "O5'"  sing N N 167 
U   OP2   HOP2   sing N N 168 
U   "O5'" "C5'"  sing N N 169 
U   "C5'" "C4'"  sing N N 170 
U   "C5'" "H5'"  sing N N 171 
U   "C5'" "H5''" sing N N 172 
U   "C4'" "O4'"  sing N N 173 
U   "C4'" "C3'"  sing N N 174 
U   "C4'" "H4'"  sing N N 175 
U   "O4'" "C1'"  sing N N 176 
U   "C3'" "O3'"  sing N N 177 
U   "C3'" "C2'"  sing N N 178 
U   "C3'" "H3'"  sing N N 179 
U   "O3'" "HO3'" sing N N 180 
U   "C2'" "O2'"  sing N N 181 
U   "C2'" "C1'"  sing N N 182 
U   "C2'" "H2'"  sing N N 183 
U   "O2'" "HO2'" sing N N 184 
U   "C1'" N1     sing N N 185 
U   "C1'" "H1'"  sing N N 186 
U   N1    C2     sing N N 187 
U   N1    C6     sing N N 188 
U   C2    O2     doub N N 189 
U   C2    N3     sing N N 190 
U   N3    C4     sing N N 191 
U   N3    H3     sing N N 192 
U   C4    O4     doub N N 193 
U   C4    C5     sing N N 194 
U   C5    C6     doub N N 195 
U   C5    H5     sing N N 196 
U   C6    H6     sing N N 197 
# 
loop_
_ndb_struct_conf_na.entry_id 
_ndb_struct_conf_na.feature 
7E9E 'double helix'        
7E9E 'a-form double helix' 
7E9E 'quadruple helix'     
# 
loop_
_ndb_struct_na_base_pair.model_number 
_ndb_struct_na_base_pair.i_label_asym_id 
_ndb_struct_na_base_pair.i_label_comp_id 
_ndb_struct_na_base_pair.i_label_seq_id 
_ndb_struct_na_base_pair.i_symmetry 
_ndb_struct_na_base_pair.j_label_asym_id 
_ndb_struct_na_base_pair.j_label_comp_id 
_ndb_struct_na_base_pair.j_label_seq_id 
_ndb_struct_na_base_pair.j_symmetry 
_ndb_struct_na_base_pair.shear 
_ndb_struct_na_base_pair.stretch 
_ndb_struct_na_base_pair.stagger 
_ndb_struct_na_base_pair.buckle 
_ndb_struct_na_base_pair.propeller 
_ndb_struct_na_base_pair.opening 
_ndb_struct_na_base_pair.pair_number 
_ndb_struct_na_base_pair.pair_name 
_ndb_struct_na_base_pair.i_auth_asym_id 
_ndb_struct_na_base_pair.i_auth_seq_id 
_ndb_struct_na_base_pair.i_PDB_ins_code 
_ndb_struct_na_base_pair.j_auth_asym_id 
_ndb_struct_na_base_pair.j_auth_seq_id 
_ndb_struct_na_base_pair.j_PDB_ins_code 
_ndb_struct_na_base_pair.hbond_type_28 
_ndb_struct_na_base_pair.hbond_type_12 
1 A C 1  1_555 A G 20 1_555 0.199  -0.165 0.119  -4.430  -5.843  -0.150  1  A_C1:G20_A  A 1  ? A 20 ? 19 1  
1 A U 2  1_555 A A 19 1_555 0.109  -0.141 0.185  -3.379  -14.007 1.227   2  A_U2:A19_A  A 2  ? A 19 ? 20 1  
1 A G 3  1_555 A C 18 1_555 -0.082 -0.186 -0.012 -6.368  -9.622  -2.303  3  A_G3:C18_A  A 3  ? A 18 ? 19 1  
1 A G 4  1_555 A C 17 1_555 -0.143 -0.168 0.132  -4.431  -9.130  -2.277  4  A_G4:C17_A  A 4  ? A 17 ? 19 1  
1 A G 5  1_555 A C 16 1_555 -0.238 -0.178 0.010  -3.280  -10.170 -0.675  5  A_G5:C16_A  A 5  ? A 16 ? 19 1  
1 A U 6  1_555 A A 28 1_555 -0.705 3.467  1.317  -26.824 -13.661 -69.964 6  A_U6:A28_A  A 6  ? A 28 ? 23 3  
1 A C 7  1_555 A A 29 1_555 4.392  0.188  2.046  -21.390 15.222  -42.066 7  A_C7:A29_A  A 7  ? A 29 ? ?  ?  
1 A G 11 1_555 A C 30 1_555 -0.238 -0.214 0.262  -0.970  -21.306 -0.926  8  A_G11:C30_A A 11 ? A 30 ? 19 1  
1 A G 8  1_555 A A 31 1_555 3.689  -3.742 0.378  11.066  -3.883  -61.844 9  A_G8:A31_A  A 8  ? A 31 ? 10 6  
1 A A 10 1_555 A A 32 1_555 6.291  -4.222 -0.322 2.460   -23.896 -18.910 10 A_A10:A32_A A 10 ? A 32 ? ?  10 
1 A C 9  1_555 A G 33 1_555 0.384  -0.159 -0.065 7.394   -16.746 -1.659  11 A_C9:G33_A  A 9  ? A 33 ? 19 1  
# 
loop_
_ndb_struct_na_base_pair_step.model_number 
_ndb_struct_na_base_pair_step.i_label_asym_id_1 
_ndb_struct_na_base_pair_step.i_label_comp_id_1 
_ndb_struct_na_base_pair_step.i_label_seq_id_1 
_ndb_struct_na_base_pair_step.i_symmetry_1 
_ndb_struct_na_base_pair_step.j_label_asym_id_1 
_ndb_struct_na_base_pair_step.j_label_comp_id_1 
_ndb_struct_na_base_pair_step.j_label_seq_id_1 
_ndb_struct_na_base_pair_step.j_symmetry_1 
_ndb_struct_na_base_pair_step.i_label_asym_id_2 
_ndb_struct_na_base_pair_step.i_label_comp_id_2 
_ndb_struct_na_base_pair_step.i_label_seq_id_2 
_ndb_struct_na_base_pair_step.i_symmetry_2 
_ndb_struct_na_base_pair_step.j_label_asym_id_2 
_ndb_struct_na_base_pair_step.j_label_comp_id_2 
_ndb_struct_na_base_pair_step.j_label_seq_id_2 
_ndb_struct_na_base_pair_step.j_symmetry_2 
_ndb_struct_na_base_pair_step.shift 
_ndb_struct_na_base_pair_step.slide 
_ndb_struct_na_base_pair_step.rise 
_ndb_struct_na_base_pair_step.tilt 
_ndb_struct_na_base_pair_step.roll 
_ndb_struct_na_base_pair_step.twist 
_ndb_struct_na_base_pair_step.x_displacement 
_ndb_struct_na_base_pair_step.y_displacement 
_ndb_struct_na_base_pair_step.helical_rise 
_ndb_struct_na_base_pair_step.inclination 
_ndb_struct_na_base_pair_step.tip 
_ndb_struct_na_base_pair_step.helical_twist 
_ndb_struct_na_base_pair_step.step_number 
_ndb_struct_na_base_pair_step.step_name 
_ndb_struct_na_base_pair_step.i_auth_asym_id_1 
_ndb_struct_na_base_pair_step.i_auth_seq_id_1 
_ndb_struct_na_base_pair_step.i_PDB_ins_code_1 
_ndb_struct_na_base_pair_step.j_auth_asym_id_1 
_ndb_struct_na_base_pair_step.j_auth_seq_id_1 
_ndb_struct_na_base_pair_step.j_PDB_ins_code_1 
_ndb_struct_na_base_pair_step.i_auth_asym_id_2 
_ndb_struct_na_base_pair_step.i_auth_seq_id_2 
_ndb_struct_na_base_pair_step.i_PDB_ins_code_2 
_ndb_struct_na_base_pair_step.j_auth_asym_id_2 
_ndb_struct_na_base_pair_step.j_auth_seq_id_2 
_ndb_struct_na_base_pair_step.j_PDB_ins_code_2 
1 A C 1  1_555 A G 20 1_555 A U 2  1_555 A A 19 1_555 0.275  -1.499 3.140  0.873    8.734   34.628   -3.592 -0.335 2.700  14.390  
-1.438  35.690   1  AA_C1U2:A19G20_AA  A 1  ? A 20 ? A 2  ? A 19 ? 
1 A U 2  1_555 A A 19 1_555 A G 3  1_555 A C 18 1_555 -0.200 -1.458 3.185  1.732    10.376  31.697   -4.100 0.609  2.579  18.376  
-3.068  33.354   2  AA_U2G3:C18A19_AA  A 2  ? A 19 ? A 3  ? A 18 ? 
1 A G 3  1_555 A C 18 1_555 A G 4  1_555 A C 17 1_555 0.444  -1.716 3.175  0.880    4.899   28.612   -4.424 -0.705 2.859  9.818   
-1.763  29.033   3  AA_G3G4:C17C18_AA  A 3  ? A 18 ? A 4  ? A 17 ? 
1 A G 4  1_555 A C 17 1_555 A G 5  1_555 A C 16 1_555 0.184  -1.649 3.211  3.803    4.299   35.491   -3.258 0.220  3.000  6.996   
-6.188  35.938   4  AA_G4G5:C16C17_AA  A 4  ? A 17 ? A 5  ? A 16 ? 
1 A G 5  1_555 A C 16 1_555 A U 6  1_555 A A 28 1_555 -6.579 -1.032 1.447  14.187   5.759   20.030   -1.992 14.173 -2.750 14.181  
-34.933 25.164   5  AA_G5U6:A28C16_AA  A 5  ? A 16 ? A 6  ? A 28 ? 
1 A U 6  1_555 A A 28 1_555 A C 7  1_555 A A 29 1_555 2.908  -1.515 3.669  2.719    0.953   50.211   -1.860 -3.200 3.784  1.121   
-3.201  50.288   6  AA_U6C7:A29A28_AA  A 6  ? A 28 ? A 7  ? A 29 ? 
1 A C 7  1_555 A A 29 1_555 A G 11 1_555 A C 30 1_555 0.930  -1.884 0.542  -146.558 -97.786 136.505  -0.881 -0.557 0.604  -48.968 
73.392  178.587  7  AA_C7G11:C30A29_AA A 7  ? A 29 ? A 11 ? A 30 ? 
1 A G 11 1_555 A C 30 1_555 A G 8  1_555 A A 31 1_555 -3.454 2.615  1.655  -161.554 -17.158 -151.113 -1.292 -1.883 0.825  8.608   
-81.049 -175.642 8  AA_G11G8:A31C30_AA A 11 ? A 30 ? A 8  ? A 31 ? 
1 A G 8  1_555 A A 31 1_555 A A 10 1_555 A A 32 1_555 -3.674 2.482  -5.109 157.957  49.809  57.602   2.140  -0.977 -4.888 26.021  
-82.518 167.410  9  AA_G8A10:A32A31_AA A 8  ? A 31 ? A 10 ? A 32 ? 
1 A A 10 1_555 A A 32 1_555 A C 9  1_555 A G 33 1_555 1.143  0.892  -3.742 -3.093   -6.530  -62.935  -1.174 1.243  -3.589 6.232   
-2.952  -63.306  10 AA_A10C9:G33A32_AA A 10 ? A 32 ? A 9  ? A 33 ? 
# 
loop_
_pdbx_audit_support.funding_organization 
_pdbx_audit_support.country 
_pdbx_audit_support.grant_number 
_pdbx_audit_support.ordinal 
'Japan Society for the Promotion of Science (JSPS)' Japan 20K21281 1 
'Japan Society for the Promotion of Science (JSPS)' Japan 16KK0166 2 
# 
loop_
_pdbx_entity_nonpoly.entity_id 
_pdbx_entity_nonpoly.name 
_pdbx_entity_nonpoly.comp_id 
2 '2-azanyl-5-[[2-(3-but-3-ynyl-1,2-diazirin-3-yl)ethylamino]methyl]-1,7-dihydropyrrolo[2,3-d]pyrimidin-4-one' J0C 
3 'SULFATE ION'                                                                                                SO4 
4 'MAGNESIUM ION'                                                                                              MG  
5 water                                                                                                        HOH 
# 
_pdbx_initial_refinement_model.id               1 
_pdbx_initial_refinement_model.entity_id_list   ? 
_pdbx_initial_refinement_model.type             'experimental model' 
_pdbx_initial_refinement_model.source_name      PDB 
_pdbx_initial_refinement_model.accession_code   6E1W 
_pdbx_initial_refinement_model.details          ? 
# 
_pdbx_struct_assembly_auth_evidence.id                     1 
_pdbx_struct_assembly_auth_evidence.assembly_id            1 
_pdbx_struct_assembly_auth_evidence.experimental_support   'gel filtration' 
_pdbx_struct_assembly_auth_evidence.details                ? 
# 
_space_group.crystal_system   hexagonal 
_space_group.name_H-M_alt     'P 61 2 2' 
_space_group.IT_number        178 
_space_group.name_Hall        'P 61 2 (x,y,z+5/12)' 
_space_group.id               1 
# 
